data_3LXV
#
_entry.id   3LXV
#
_cell.length_a   128.110
_cell.length_b   140.590
_cell.length_c   167.960
_cell.angle_alpha   90.00
_cell.angle_beta   90.00
_cell.angle_gamma   90.00
#
_symmetry.space_group_name_H-M   'I 2 2 2'
#
loop_
_entity.id
_entity.type
_entity.pdbx_description
1 polymer 'Protocatechuate 3,4-dioxygenase alpha chain'
2 polymer 'Protocatechuate 3,4-dioxygenase beta chain'
3 non-polymer 'SULFATE ION'
4 non-polymer GLYCEROL
5 non-polymer BETA-MERCAPTOETHANOL
6 non-polymer 2-AMINO-2-HYDROXYMETHYL-PROPANE-1,3-DIOL
7 non-polymer 'CARBONATE ION'
8 non-polymer 'FE (III) ION'
9 non-polymer 4-NITROCATECHOL
10 non-polymer 'CHLORIDE ION'
11 water water
#
loop_
_entity_poly.entity_id
_entity_poly.type
_entity_poly.pdbx_seq_one_letter_code
_entity_poly.pdbx_strand_id
1 'polypeptide(L)'
;PIELLPETPSQTAGPYVHIGLALEAAGNPTRDQEIWNRLAKPDAPGEHILLLGQVYDGNGHLVRDSFLEVWQADANGEYQ
DAYNLENAFNSFGRTATTFDAGEWTLHTVKPGVVNNAAGVPMAPHINISLFARGINIHLHTRLYFDDEAQANAKCPVLNL
IEQPQRRETLIAKRCEVDGKTAYRFDIRIQGEGETVFFDF
;
A,B,C
2 'polypeptide(L)'
;PAQDNSRFVIRDRNWHPKALTPDYKTSIARSPRQALVSIPQSISETTGPNFSHLGFGAHDHDLLLNFNNGGLPIGERIIV
AGRVVDQYGKPVPNTLVEMWQANAGGRYRHKNDRYLAPLDPNFGGVGRCLTDSDGYYSFRTIKPGPHPWRNGPNDWRPAH
IHFGISGPSIATKLITQLYFEGDPLIPMCPIVKSIANPEAVQQLIAKLDMNNANPMDCLAYRFDIVLRGQRKTHFENC
;
M,N,O
#
loop_
_chem_comp.id
_chem_comp.type
_chem_comp.name
_chem_comp.formula
4NC non-polymer 4-NITROCATECHOL 'C6 H5 N O4'
BME non-polymer BETA-MERCAPTOETHANOL 'C2 H6 O S'
CL non-polymer 'CHLORIDE ION' 'Cl -1'
CO3 non-polymer 'CARBONATE ION' 'C O3 -2'
FE non-polymer 'FE (III) ION' 'Fe 3'
GOL non-polymer GLYCEROL 'C3 H8 O3'
SO4 non-polymer 'SULFATE ION' 'O4 S -2'
TRS non-polymer 2-AMINO-2-HYDROXYMETHYL-PROPANE-1,3-DIOL 'C4 H12 N O3 1'
#
# COMPACT_ATOMS: atom_id res chain seq x y z
N PRO A 1 0.28 -14.81 27.10
CA PRO A 1 1.65 -14.39 27.39
C PRO A 1 1.58 -13.15 28.28
N ILE A 2 2.74 -12.72 28.78
CA ILE A 2 2.82 -11.57 29.66
C ILE A 2 2.63 -10.32 28.79
N GLU A 3 1.65 -9.51 29.20
CA GLU A 3 1.32 -8.23 28.54
C GLU A 3 1.56 -7.14 29.54
N LEU A 4 2.45 -6.20 29.21
CA LEU A 4 2.74 -5.07 30.07
C LEU A 4 1.75 -3.93 29.78
N LEU A 5 1.82 -2.84 30.52
CA LEU A 5 1.12 -1.63 30.10
C LEU A 5 1.57 -1.27 28.67
N PRO A 6 0.62 -0.91 27.81
CA PRO A 6 1.01 -0.47 26.48
C PRO A 6 1.70 0.89 26.49
N GLU A 7 2.66 1.09 25.60
CA GLU A 7 3.37 2.39 25.53
C GLU A 7 2.36 3.40 24.96
N THR A 8 2.43 4.67 25.41
CA THR A 8 1.69 5.79 24.81
C THR A 8 2.05 5.85 23.33
N PRO A 9 1.04 5.87 22.45
CA PRO A 9 1.31 5.87 21.01
C PRO A 9 1.87 7.20 20.51
N SER A 10 2.75 7.13 19.52
CA SER A 10 3.35 8.34 18.94
C SER A 10 2.31 9.07 18.11
N GLN A 11 2.51 10.38 17.94
CA GLN A 11 1.79 11.19 16.95
C GLN A 11 2.79 12.10 16.27
N THR A 12 2.45 12.60 15.10
CA THR A 12 3.32 13.58 14.43
C THR A 12 3.61 14.78 15.34
N ALA A 13 4.81 15.32 15.18
CA ALA A 13 5.21 16.55 15.86
C ALA A 13 4.48 17.73 15.27
N GLY A 14 4.00 17.61 14.03
CA GLY A 14 3.25 18.70 13.38
C GLY A 14 4.14 19.81 12.86
N PRO A 15 3.58 20.70 12.04
CA PRO A 15 4.34 21.72 11.32
C PRO A 15 4.83 22.85 12.21
N TYR A 16 4.22 22.98 13.38
CA TYR A 16 4.59 24.07 14.29
C TYR A 16 5.41 23.58 15.48
N VAL A 17 6.03 22.41 15.34
CA VAL A 17 6.92 21.83 16.37
C VAL A 17 7.91 22.86 16.92
N HIS A 18 8.37 23.77 16.06
CA HIS A 18 9.39 24.74 16.46
C HIS A 18 8.97 25.64 17.62
N ILE A 19 7.67 25.90 17.77
CA ILE A 19 7.21 26.74 18.88
C ILE A 19 7.45 26.10 20.25
N GLY A 20 7.44 24.77 20.30
CA GLY A 20 7.74 24.05 21.53
C GLY A 20 9.22 23.70 21.69
N LEU A 21 9.91 23.42 20.58
CA LEU A 21 11.24 22.76 20.64
C LEU A 21 12.38 23.43 19.90
N ALA A 22 12.07 24.49 19.18
CA ALA A 22 13.05 25.20 18.33
C ALA A 22 12.60 26.66 18.29
N LEU A 23 12.67 27.30 19.47
CA LEU A 23 12.06 28.60 19.67
C LEU A 23 12.70 29.66 18.77
N GLU A 24 14.03 29.68 18.76
CA GLU A 24 14.84 30.52 17.84
C GLU A 24 14.64 30.22 16.34
N ALA A 25 14.07 29.06 16.00
CA ALA A 25 13.73 28.74 14.61
C ALA A 25 12.32 29.16 14.24
N ALA A 26 11.42 29.12 15.22
CA ALA A 26 10.04 29.58 15.02
C ALA A 26 9.91 31.10 15.01
N GLY A 27 11.03 31.82 15.18
CA GLY A 27 11.00 33.29 15.28
C GLY A 27 10.23 33.81 16.49
N ASN A 28 10.21 33.04 17.57
CA ASN A 28 9.61 33.47 18.85
C ASN A 28 10.74 33.78 19.83
N PRO A 29 10.45 34.56 20.90
CA PRO A 29 11.45 34.79 21.92
C PRO A 29 11.89 33.49 22.57
N THR A 30 13.17 33.43 22.94
CA THR A 30 13.73 32.26 23.61
C THR A 30 13.78 32.48 25.11
N ARG A 31 13.84 31.38 25.84
CA ARG A 31 14.02 31.44 27.29
C ARG A 31 15.51 31.53 27.59
N ASP A 32 15.86 31.71 28.86
CA ASP A 32 17.25 31.89 29.25
CA ASP A 32 17.24 31.88 29.29
C ASP A 32 18.12 30.69 28.85
N GLN A 33 17.61 29.48 29.05
CA GLN A 33 18.34 28.27 28.67
C GLN A 33 17.57 27.49 27.61
N GLU A 34 18.21 27.22 26.48
CA GLU A 34 17.59 26.39 25.42
C GLU A 34 18.47 25.21 25.03
N ILE A 35 17.84 24.09 24.68
CA ILE A 35 18.58 22.90 24.17
C ILE A 35 18.70 23.09 22.66
N TRP A 36 19.93 23.27 22.16
CA TRP A 36 20.08 23.59 20.74
C TRP A 36 21.29 22.93 20.05
N ASN A 37 21.85 23.55 19.01
CA ASN A 37 22.70 22.85 18.05
C ASN A 37 24.20 22.94 18.30
N ARG A 38 24.59 23.49 19.45
CA ARG A 38 25.99 23.58 19.81
C ARG A 38 26.36 22.62 20.91
N LEU A 39 26.84 21.44 20.54
CA LEU A 39 27.18 20.41 21.52
C LEU A 39 28.55 20.68 22.12
N ALA A 40 29.40 21.45 21.44
CA ALA A 40 30.76 21.71 21.94
C ALA A 40 31.06 23.18 22.06
N LYS A 41 31.60 23.62 23.20
CA LYS A 41 32.16 24.97 23.26
C LYS A 41 33.59 24.88 22.65
N PRO A 42 34.12 26.02 22.18
CA PRO A 42 35.48 26.03 21.58
C PRO A 42 36.53 25.25 22.39
N ASP A 43 36.34 25.14 23.70
CA ASP A 43 37.30 24.52 24.62
C ASP A 43 37.22 22.99 24.76
N ALA A 44 36.18 22.38 24.19
CA ALA A 44 36.00 20.94 24.32
C ALA A 44 37.19 20.21 23.66
N PRO A 45 37.68 19.13 24.29
CA PRO A 45 38.67 18.23 23.65
C PRO A 45 38.06 17.55 22.42
N GLY A 46 38.90 17.21 21.45
CA GLY A 46 38.46 16.54 20.21
C GLY A 46 38.56 17.43 18.97
N GLU A 47 38.24 16.84 17.82
CA GLU A 47 38.24 17.56 16.55
CA GLU A 47 38.25 17.57 16.56
C GLU A 47 36.91 18.27 16.36
N HIS A 48 36.94 19.59 16.35
CA HIS A 48 35.72 20.38 16.18
C HIS A 48 35.26 20.36 14.74
N ILE A 49 33.98 20.02 14.54
CA ILE A 49 33.40 19.84 13.23
C ILE A 49 32.04 20.51 13.09
N LEU A 50 31.76 20.93 11.86
CA LEU A 50 30.46 21.43 11.47
C LEU A 50 29.77 20.28 10.76
N LEU A 51 28.50 20.06 11.11
CA LEU A 51 27.65 19.12 10.38
C LEU A 51 26.50 19.89 9.80
N LEU A 52 26.08 19.50 8.61
CA LEU A 52 24.97 20.17 7.95
C LEU A 52 24.27 19.19 7.04
N GLY A 53 23.03 19.47 6.68
CA GLY A 53 22.33 18.55 5.83
C GLY A 53 20.97 19.07 5.41
N GLN A 54 20.42 18.44 4.39
CA GLN A 54 19.06 18.72 3.96
C GLN A 54 18.24 17.44 4.02
N VAL A 55 16.93 17.60 4.12
CA VAL A 55 16.01 16.45 4.24
C VAL A 55 15.03 16.47 3.06
N TYR A 56 14.93 15.35 2.33
CA TYR A 56 14.07 15.29 1.16
C TYR A 56 12.92 14.33 1.36
N ASP A 57 11.77 14.64 0.76
CA ASP A 57 10.65 13.71 0.75
C ASP A 57 10.70 12.74 -0.48
N GLY A 58 9.68 11.89 -0.61
CA GLY A 58 9.57 10.89 -1.70
C GLY A 58 9.49 11.46 -3.11
N ASN A 59 9.19 12.75 -3.21
CA ASN A 59 9.18 13.42 -4.52
C ASN A 59 10.45 14.23 -4.79
N GLY A 60 11.45 14.11 -3.93
CA GLY A 60 12.69 14.86 -4.10
C GLY A 60 12.62 16.32 -3.65
N HIS A 61 11.57 16.68 -2.92
CA HIS A 61 11.43 18.07 -2.46
C HIS A 61 11.86 18.25 -1.01
N LEU A 62 12.39 19.43 -0.72
CA LEU A 62 12.90 19.73 0.61
C LEU A 62 11.81 19.67 1.69
N VAL A 63 12.19 19.13 2.83
CA VAL A 63 11.32 19.07 4.01
C VAL A 63 11.80 20.25 4.80
N ARG A 64 11.01 21.30 4.76
CA ARG A 64 11.48 22.56 5.31
C ARG A 64 11.05 22.72 6.76
N ASP A 65 10.37 21.72 7.32
CA ASP A 65 9.88 21.83 8.70
C ASP A 65 10.37 20.68 9.64
N SER A 66 11.51 20.08 9.29
CA SER A 66 12.11 18.94 10.01
CA SER A 66 12.01 18.93 10.06
C SER A 66 12.62 19.39 11.37
N PHE A 67 12.63 18.47 12.33
CA PHE A 67 13.20 18.74 13.63
C PHE A 67 14.05 17.51 13.92
N LEU A 68 15.29 17.72 14.37
CA LEU A 68 16.26 16.62 14.55
C LEU A 68 16.84 16.64 15.93
N GLU A 69 16.90 15.48 16.58
CA GLU A 69 17.62 15.36 17.83
C GLU A 69 18.79 14.42 17.63
N VAL A 70 19.91 14.76 18.27
CA VAL A 70 21.12 13.97 18.06
C VAL A 70 21.72 13.57 19.39
N TRP A 71 22.38 12.43 19.37
CA TRP A 71 22.96 11.90 20.58
C TRP A 71 24.28 11.26 20.15
N GLN A 72 25.40 11.69 20.76
CA GLN A 72 26.71 11.17 20.37
C GLN A 72 27.71 11.07 21.53
N ALA A 73 28.71 10.22 21.37
CA ALA A 73 29.77 10.13 22.36
C ALA A 73 30.68 11.37 22.27
N ASP A 74 31.39 11.67 23.37
CA ASP A 74 32.47 12.65 23.31
C ASP A 74 33.66 12.08 22.55
N ALA A 75 34.76 12.82 22.51
CA ALA A 75 35.95 12.39 21.74
C ALA A 75 36.61 11.13 22.31
N ASN A 76 36.32 10.79 23.58
CA ASN A 76 36.80 9.55 24.21
C ASN A 76 35.93 8.33 23.93
N GLY A 77 34.81 8.53 23.24
CA GLY A 77 33.82 7.47 23.09
C GLY A 77 33.00 7.22 24.35
N GLU A 78 32.79 8.27 25.15
CA GLU A 78 31.93 8.18 26.33
C GLU A 78 30.68 9.05 26.17
N TYR A 79 29.52 8.49 26.54
CA TYR A 79 28.29 9.26 26.44
C TYR A 79 28.13 10.09 27.68
N GLN A 80 27.92 11.40 27.51
CA GLN A 80 27.76 12.30 28.64
C GLN A 80 26.29 12.68 28.84
N ASP A 81 25.61 12.06 29.80
CA ASP A 81 24.16 12.31 30.00
C ASP A 81 23.75 13.49 30.90
N ALA A 82 24.70 14.06 31.65
CA ALA A 82 24.44 15.16 32.59
C ALA A 82 24.41 16.48 31.83
N TYR A 83 23.25 16.77 31.21
CA TYR A 83 23.10 17.90 30.29
C TYR A 83 23.20 19.22 31.07
N ASN A 84 24.07 20.12 30.62
CA ASN A 84 24.28 21.40 31.31
C ASN A 84 24.88 22.39 30.33
N LEU A 85 24.27 23.56 30.18
CA LEU A 85 24.78 24.55 29.24
C LEU A 85 26.16 25.11 29.63
N GLU A 86 26.58 24.76 30.85
CA GLU A 86 27.89 25.16 31.40
C GLU A 86 29.00 24.19 30.98
N ASN A 87 28.62 23.00 30.50
CA ASN A 87 29.60 21.99 30.11
C ASN A 87 30.33 22.45 28.84
N ALA A 88 31.63 22.17 28.74
CA ALA A 88 32.33 22.36 27.46
C ALA A 88 31.70 21.47 26.38
N PHE A 89 31.20 20.29 26.77
CA PHE A 89 30.60 19.34 25.81
C PHE A 89 29.28 18.71 26.34
N ASN A 90 28.28 18.60 25.46
CA ASN A 90 27.06 17.82 25.79
C ASN A 90 26.88 16.77 24.73
N SER A 91 26.49 15.57 25.13
CA SER A 91 26.28 14.50 24.17
C SER A 91 24.99 14.68 23.35
N PHE A 92 24.10 15.54 23.81
CA PHE A 92 22.77 15.71 23.19
C PHE A 92 22.61 17.08 22.54
N GLY A 93 21.85 17.16 21.45
CA GLY A 93 21.56 18.48 20.90
C GLY A 93 20.34 18.40 19.99
N ARG A 94 19.90 19.56 19.52
CA ARG A 94 18.73 19.68 18.65
C ARG A 94 19.06 20.64 17.53
N THR A 95 18.45 20.41 16.36
CA THR A 95 18.55 21.35 15.25
C THR A 95 17.29 21.27 14.39
N ALA A 96 17.16 22.15 13.39
CA ALA A 96 15.93 22.17 12.60
C ALA A 96 16.23 22.70 11.22
N THR A 97 15.43 22.35 10.23
CA THR A 97 15.68 22.90 8.90
C THR A 97 15.11 24.34 8.71
N THR A 98 15.92 25.24 8.12
CA THR A 98 15.45 26.55 7.64
C THR A 98 14.21 26.46 6.68
N PHE A 99 13.15 27.26 6.91
CA PHE A 99 12.10 27.46 5.90
C PHE A 99 12.56 28.58 4.96
N ASP A 100 13.69 28.35 4.30
CA ASP A 100 14.20 29.15 3.17
C ASP A 100 15.04 28.19 2.31
N ALA A 101 16.22 27.81 2.83
CA ALA A 101 17.12 26.87 2.15
C ALA A 101 16.89 25.42 2.63
N GLY A 102 16.30 25.27 3.83
CA GLY A 102 16.03 23.95 4.42
C GLY A 102 17.22 23.18 4.94
N GLU A 103 18.24 23.88 5.43
CA GLU A 103 19.50 23.24 5.80
C GLU A 103 19.84 23.33 7.29
N TRP A 104 19.81 22.20 7.98
CA TRP A 104 20.16 22.22 9.41
C TRP A 104 21.67 22.27 9.58
N THR A 105 22.12 22.78 10.72
CA THR A 105 23.53 22.70 11.06
C THR A 105 23.73 22.27 12.53
N LEU A 106 24.88 21.69 12.85
CA LEU A 106 25.23 21.31 14.22
C LEU A 106 26.71 21.60 14.41
N HIS A 107 27.07 22.04 15.62
CA HIS A 107 28.45 22.37 15.98
C HIS A 107 28.87 21.42 17.08
N THR A 108 29.88 20.59 16.82
CA THR A 108 30.17 19.48 17.71
C THR A 108 31.63 19.06 17.61
N VAL A 109 31.98 17.91 18.19
CA VAL A 109 33.29 17.29 17.98
C VAL A 109 33.03 15.91 17.39
N LYS A 110 34.00 15.38 16.64
CA LYS A 110 33.82 14.03 16.12
C LYS A 110 33.75 13.02 17.30
N PRO A 111 32.73 12.14 17.31
CA PRO A 111 32.69 11.20 18.45
C PRO A 111 33.80 10.15 18.39
N GLY A 112 34.25 9.70 19.55
CA GLY A 112 35.16 8.54 19.65
C GLY A 112 34.43 7.22 19.43
N VAL A 113 35.19 6.11 19.44
CA VAL A 113 34.64 4.78 19.18
C VAL A 113 33.94 4.23 20.43
N VAL A 114 32.81 3.58 20.21
CA VAL A 114 32.01 2.94 21.24
C VAL A 114 31.83 1.46 20.83
N ASN A 115 32.02 0.51 21.78
CA ASN A 115 31.71 -0.91 21.50
C ASN A 115 30.21 -1.20 21.55
N ASN A 116 29.75 -2.17 20.75
CA ASN A 116 28.38 -2.69 20.93
C ASN A 116 28.33 -3.57 22.20
N ALA A 117 27.16 -4.13 22.50
CA ALA A 117 26.99 -4.88 23.75
C ALA A 117 27.82 -6.16 23.76
N ALA A 118 28.21 -6.64 22.58
CA ALA A 118 29.09 -7.82 22.46
C ALA A 118 30.60 -7.47 22.48
N GLY A 119 30.92 -6.20 22.66
CA GLY A 119 32.34 -5.78 22.76
C GLY A 119 33.04 -5.51 21.42
N VAL A 120 32.26 -5.43 20.33
CA VAL A 120 32.80 -5.20 19.00
C VAL A 120 32.73 -3.71 18.73
N PRO A 121 33.85 -3.09 18.28
CA PRO A 121 33.85 -1.64 18.08
C PRO A 121 32.93 -1.13 16.95
N MET A 122 32.12 -0.12 17.27
CA MET A 122 31.31 0.52 16.25
C MET A 122 32.09 1.67 15.63
N ALA A 123 31.88 1.94 14.35
CA ALA A 123 32.56 3.10 13.73
C ALA A 123 31.99 4.35 14.38
N PRO A 124 32.76 5.44 14.44
CA PRO A 124 32.26 6.72 14.97
C PRO A 124 30.89 7.05 14.36
N HIS A 125 29.91 7.43 15.19
CA HIS A 125 28.60 7.75 14.67
C HIS A 125 27.84 8.71 15.57
N ILE A 126 26.91 9.42 14.94
CA ILE A 126 26.01 10.28 15.65
C ILE A 126 24.60 9.65 15.50
N ASN A 127 23.92 9.44 16.62
CA ASN A 127 22.55 8.91 16.52
C ASN A 127 21.59 10.06 16.27
N ILE A 128 20.72 9.91 15.28
CA ILE A 128 19.78 10.95 14.88
C ILE A 128 18.34 10.45 15.02
N SER A 129 17.46 11.30 15.57
CA SER A 129 16.01 11.08 15.53
C SER A 129 15.35 12.20 14.77
N LEU A 130 14.60 11.86 13.73
CA LEU A 130 13.98 12.84 12.84
C LEU A 130 12.47 12.93 13.02
N PHE A 131 11.99 14.16 13.18
CA PHE A 131 10.58 14.48 13.43
C PHE A 131 10.10 15.52 12.42
N ALA A 132 8.83 15.42 12.05
CA ALA A 132 8.23 16.43 11.14
C ALA A 132 6.74 16.18 10.96
N ARG A 133 6.03 17.21 10.48
CA ARG A 133 4.73 17.03 9.85
C ARG A 133 4.81 15.85 8.89
N GLY A 134 3.78 14.99 8.91
CA GLY A 134 3.79 13.80 8.07
C GLY A 134 4.58 12.59 8.53
N ILE A 135 5.36 12.75 9.58
CA ILE A 135 6.14 11.64 10.18
C ILE A 135 5.40 11.26 11.46
N ASN A 136 4.65 10.14 11.45
CA ASN A 136 3.78 9.74 12.57
C ASN A 136 4.55 9.21 13.77
N ILE A 137 5.66 8.53 13.50
CA ILE A 137 6.62 8.16 14.55
C ILE A 137 8.01 8.44 14.05
N HIS A 138 8.82 9.07 14.89
CA HIS A 138 10.14 9.52 14.45
C HIS A 138 10.99 8.44 13.85
N LEU A 139 11.87 8.86 12.94
CA LEU A 139 12.71 7.95 12.21
C LEU A 139 14.10 7.98 12.80
N HIS A 140 14.63 6.81 13.12
CA HIS A 140 15.93 6.68 13.77
C HIS A 140 16.97 6.46 12.67
N THR A 141 18.07 7.20 12.69
CA THR A 141 19.15 6.87 11.77
C THR A 141 20.51 7.08 12.43
N ARG A 142 21.59 6.79 11.69
CA ARG A 142 22.95 7.14 12.14
C ARG A 142 23.72 7.87 11.07
N LEU A 143 24.48 8.87 11.51
CA LEU A 143 25.43 9.59 10.68
C LEU A 143 26.81 9.02 10.97
N TYR A 144 27.42 8.37 9.97
CA TYR A 144 28.80 7.96 10.01
C TYR A 144 29.60 8.90 9.10
N PHE A 145 30.92 8.73 9.05
CA PHE A 145 31.80 9.72 8.41
C PHE A 145 32.64 9.07 7.30
N ASP A 146 32.80 9.76 6.18
CA ASP A 146 33.48 9.15 5.02
C ASP A 146 34.99 9.11 5.12
N ASP A 147 35.53 9.78 6.15
CA ASP A 147 36.95 9.70 6.48
C ASP A 147 37.26 8.59 7.52
N GLU A 148 36.27 7.72 7.74
CA GLU A 148 36.39 6.57 8.62
C GLU A 148 36.10 5.31 7.83
N ALA A 149 36.45 5.29 6.56
CA ALA A 149 36.01 4.22 5.69
C ALA A 149 36.42 2.84 6.19
N GLN A 150 37.63 2.73 6.72
CA GLN A 150 38.07 1.41 7.21
C GLN A 150 37.34 0.95 8.49
N ALA A 151 37.09 1.86 9.42
CA ALA A 151 36.22 1.54 10.58
C ALA A 151 34.78 1.22 10.18
N ASN A 152 34.21 1.98 9.25
CA ASN A 152 32.84 1.75 8.77
C ASN A 152 32.71 0.36 8.15
N ALA A 153 33.74 -0.12 7.46
CA ALA A 153 33.64 -1.40 6.75
C ALA A 153 33.43 -2.55 7.75
N LYS A 154 33.92 -2.35 8.97
CA LYS A 154 33.86 -3.35 10.04
C LYS A 154 32.78 -3.08 11.11
N CYS A 155 31.98 -2.02 10.94
CA CYS A 155 30.99 -1.69 11.98
C CYS A 155 29.95 -2.79 12.06
N PRO A 156 29.68 -3.32 13.28
CA PRO A 156 28.66 -4.40 13.34
C PRO A 156 27.21 -3.92 13.13
N VAL A 157 26.97 -2.62 13.25
CA VAL A 157 25.66 -2.06 12.97
C VAL A 157 25.52 -1.84 11.46
N LEU A 158 26.52 -1.20 10.84
CA LEU A 158 26.43 -1.05 9.38
C LEU A 158 26.29 -2.43 8.71
N ASN A 159 26.96 -3.43 9.26
CA ASN A 159 26.93 -4.78 8.70
C ASN A 159 25.59 -5.52 8.86
N LEU A 160 24.67 -4.96 9.64
CA LEU A 160 23.33 -5.53 9.74
C LEU A 160 22.45 -5.09 8.59
N ILE A 161 22.89 -4.05 7.87
CA ILE A 161 22.24 -3.59 6.65
C ILE A 161 22.60 -4.57 5.52
N GLU A 162 21.64 -5.40 5.08
CA GLU A 162 21.97 -6.53 4.19
C GLU A 162 22.66 -6.13 2.89
N GLN A 163 22.23 -4.99 2.29
CA GLN A 163 22.81 -4.49 1.04
C GLN A 163 23.86 -3.42 1.17
N PRO A 164 25.09 -3.72 0.71
CA PRO A 164 26.18 -2.75 0.69
C PRO A 164 25.77 -1.36 0.18
N GLN A 165 24.98 -1.29 -0.90
CA GLN A 165 24.52 -0.01 -1.44
C GLN A 165 23.73 0.85 -0.43
N ARG A 166 22.87 0.22 0.36
CA ARG A 166 22.12 0.96 1.40
C ARG A 166 23.03 1.50 2.53
N ARG A 167 24.12 0.81 2.82
CA ARG A 167 25.10 1.35 3.80
C ARG A 167 25.61 2.74 3.41
N GLU A 168 25.80 2.97 2.11
CA GLU A 168 26.31 4.28 1.63
C GLU A 168 25.42 5.47 2.07
N THR A 169 24.11 5.21 2.25
CA THR A 169 23.19 6.30 2.65
C THR A 169 23.49 6.88 4.04
N LEU A 170 24.32 6.20 4.81
CA LEU A 170 24.61 6.65 6.18
C LEU A 170 26.00 7.31 6.30
N ILE A 171 26.68 7.49 5.16
CA ILE A 171 28.05 8.03 5.20
C ILE A 171 28.07 9.51 4.81
N ALA A 172 28.29 10.39 5.79
CA ALA A 172 28.36 11.83 5.57
C ALA A 172 29.65 12.17 4.79
N LYS A 173 29.60 13.23 3.97
CA LYS A 173 30.72 13.59 3.08
C LYS A 173 31.51 14.76 3.67
N ARG A 174 32.81 14.55 3.88
CA ARG A 174 33.69 15.56 4.43
C ARG A 174 33.97 16.64 3.40
N CYS A 175 33.92 17.90 3.86
CA CYS A 175 34.22 19.09 3.07
C CYS A 175 34.93 20.08 4.00
N GLU A 176 35.27 21.25 3.46
CA GLU A 176 35.84 22.34 4.26
C GLU A 176 34.86 23.48 4.15
N VAL A 177 34.46 24.07 5.28
CA VAL A 177 33.56 25.22 5.29
C VAL A 177 34.20 26.36 6.07
N ASP A 178 34.42 27.50 5.39
CA ASP A 178 35.16 28.64 5.96
C ASP A 178 36.34 28.15 6.78
N GLY A 179 37.19 27.33 6.15
CA GLY A 179 38.40 26.82 6.80
C GLY A 179 38.24 25.84 7.95
N LYS A 180 37.03 25.33 8.17
CA LYS A 180 36.82 24.30 9.20
C LYS A 180 36.28 23.01 8.59
N THR A 181 36.63 21.89 9.21
CA THR A 181 36.15 20.58 8.77
C THR A 181 34.66 20.49 8.98
N ALA A 182 33.99 20.07 7.92
CA ALA A 182 32.56 19.90 7.95
C ALA A 182 32.20 18.56 7.28
N TYR A 183 30.99 18.07 7.57
CA TYR A 183 30.41 16.94 6.83
C TYR A 183 28.95 17.22 6.47
N ARG A 184 28.58 16.87 5.24
CA ARG A 184 27.21 16.98 4.80
C ARG A 184 26.53 15.63 5.01
N PHE A 185 25.35 15.64 5.62
CA PHE A 185 24.56 14.39 5.76
C PHE A 185 23.13 14.68 5.34
N ASP A 186 22.80 14.33 4.10
CA ASP A 186 21.46 14.53 3.59
C ASP A 186 20.68 13.26 3.86
N ILE A 187 19.38 13.42 4.07
CA ILE A 187 18.48 12.33 4.42
C ILE A 187 17.39 12.31 3.39
N ARG A 188 17.14 11.14 2.81
CA ARG A 188 16.05 10.99 1.85
C ARG A 188 15.05 10.06 2.52
N ILE A 189 13.88 10.58 2.82
CA ILE A 189 12.92 9.78 3.62
C ILE A 189 12.40 8.61 2.80
N GLN A 190 12.33 8.80 1.49
CA GLN A 190 11.62 7.86 0.64
C GLN A 190 12.11 7.86 -0.80
N GLY A 191 12.20 6.66 -1.40
CA GLY A 191 12.45 6.54 -2.85
C GLY A 191 13.88 6.22 -3.14
N GLU A 192 14.38 6.77 -4.25
CA GLU A 192 15.75 6.56 -4.69
C GLU A 192 16.74 7.07 -3.63
N GLY A 193 17.68 6.21 -3.24
CA GLY A 193 18.65 6.61 -2.22
C GLY A 193 18.04 6.79 -0.83
N GLU A 194 16.92 6.10 -0.59
CA GLU A 194 16.22 6.19 0.70
C GLU A 194 17.21 5.88 1.80
N THR A 195 17.31 6.78 2.78
CA THR A 195 18.21 6.63 3.94
C THR A 195 17.79 5.46 4.79
N VAL A 196 18.74 4.64 5.23
CA VAL A 196 18.41 3.55 6.18
C VAL A 196 17.86 4.08 7.50
N PHE A 197 16.74 3.52 7.95
CA PHE A 197 16.18 3.91 9.26
C PHE A 197 16.14 2.66 10.13
N PHE A 198 16.38 2.83 11.43
CA PHE A 198 16.52 1.72 12.33
C PHE A 198 15.33 1.53 13.25
N ASP A 199 15.15 0.30 13.69
CA ASP A 199 14.27 0.04 14.82
C ASP A 199 15.15 -0.56 15.89
N PHE A 200 14.92 -0.14 17.12
CA PHE A 200 15.59 -0.74 18.26
C PHE A 200 14.76 -0.50 19.50
N PRO B 1 30.20 9.25 33.21
CA PRO B 1 29.39 9.15 32.00
C PRO B 1 28.25 8.13 32.11
N ALA B 2 27.40 8.01 31.09
CA ALA B 2 26.32 7.02 31.05
C ALA B 2 26.86 5.60 30.77
N GLN B 3 26.11 4.58 31.19
CA GLN B 3 26.48 3.16 31.02
C GLN B 3 25.35 2.32 30.41
N ASP B 4 25.74 1.25 29.73
CA ASP B 4 24.80 0.26 29.20
C ASP B 4 24.47 -0.85 30.20
N ASN B 5 23.46 -0.61 31.02
CA ASN B 5 23.10 -1.60 32.01
C ASN B 5 21.62 -1.92 31.92
N SER B 6 20.95 -1.37 30.91
CA SER B 6 19.54 -1.62 30.79
C SER B 6 19.07 -1.90 29.37
N ARG B 7 17.91 -2.53 29.30
CA ARG B 7 17.29 -2.91 28.05
C ARG B 7 15.87 -2.40 28.04
N PHE B 8 15.38 -2.05 26.87
CA PHE B 8 14.07 -1.45 26.75
C PHE B 8 13.14 -2.34 25.92
N VAL B 9 11.94 -2.57 26.43
CA VAL B 9 10.97 -3.46 25.77
C VAL B 9 10.76 -3.00 24.34
N ILE B 10 10.73 -3.93 23.41
CA ILE B 10 10.63 -3.60 21.97
C ILE B 10 9.28 -2.92 21.62
N ARG B 11 9.30 -1.89 20.77
CA ARG B 11 8.08 -1.13 20.46
C ARG B 11 7.15 -2.00 19.67
N ASP B 12 5.85 -1.81 19.88
CA ASP B 12 4.87 -2.47 19.06
C ASP B 12 4.47 -1.47 18.00
N ARG B 13 4.96 -1.68 16.78
CA ARG B 13 4.78 -0.70 15.74
C ARG B 13 3.44 -0.87 14.99
N ASN B 14 2.60 -1.77 15.51
CA ASN B 14 1.18 -1.76 15.14
C ASN B 14 0.30 -1.12 16.21
N TRP B 15 0.88 -0.81 17.36
CA TRP B 15 0.16 -0.05 18.39
C TRP B 15 0.37 1.43 18.10
N HIS B 16 1.65 1.82 17.97
CA HIS B 16 1.99 3.11 17.32
C HIS B 16 1.34 3.27 15.94
N PRO B 17 1.16 4.53 15.46
CA PRO B 17 0.70 4.66 14.08
C PRO B 17 1.80 4.13 13.13
N LYS B 18 1.42 3.51 12.03
CA LYS B 18 2.39 3.18 10.96
C LYS B 18 2.84 4.43 10.25
N ALA B 19 3.90 4.33 9.45
CA ALA B 19 4.43 5.52 8.79
C ALA B 19 3.47 5.96 7.69
N LEU B 20 3.02 5.00 6.90
CA LEU B 20 2.13 5.29 5.78
C LEU B 20 0.64 5.17 6.15
N THR B 21 -0.01 6.31 6.30
CA THR B 21 -1.41 6.39 6.69
C THR B 21 -2.06 7.45 5.76
N PRO B 22 -2.44 7.04 4.53
CA PRO B 22 -2.73 7.99 3.44
C PRO B 22 -3.80 9.06 3.68
N ASP B 23 -4.75 8.81 4.58
CA ASP B 23 -5.78 9.83 4.90
C ASP B 23 -5.15 11.05 5.52
N TYR B 24 -4.00 10.84 6.19
CA TYR B 24 -3.18 11.94 6.62
C TYR B 24 -2.18 12.24 5.49
N LYS B 25 -2.50 13.24 4.67
CA LYS B 25 -1.93 13.29 3.31
C LYS B 25 -0.41 13.47 3.28
N THR B 26 0.12 14.30 4.16
CA THR B 26 1.56 14.53 4.21
C THR B 26 2.34 13.25 4.55
N SER B 27 1.71 12.24 5.15
CA SER B 27 2.44 11.02 5.43
C SER B 27 2.80 10.22 4.15
N ILE B 28 2.07 10.43 3.07
CA ILE B 28 2.30 9.66 1.85
C ILE B 28 3.73 9.81 1.33
N ALA B 29 4.20 11.06 1.22
CA ALA B 29 5.56 11.33 0.69
C ALA B 29 6.64 11.35 1.76
N ARG B 30 6.24 11.30 3.04
CA ARG B 30 7.23 11.37 4.13
C ARG B 30 7.30 10.07 4.97
N SER B 31 6.97 8.95 4.35
CA SER B 31 7.08 7.62 4.96
C SER B 31 8.08 6.76 4.17
N PRO B 32 9.01 6.06 4.84
CA PRO B 32 9.95 5.20 4.12
C PRO B 32 9.19 4.10 3.35
N ARG B 33 9.72 3.65 2.24
CA ARG B 33 9.12 2.53 1.56
C ARG B 33 9.94 1.28 1.81
N GLN B 34 11.13 1.44 2.41
CA GLN B 34 11.92 0.26 2.82
C GLN B 34 11.63 -0.13 4.26
N ALA B 35 11.80 -1.42 4.57
CA ALA B 35 11.64 -1.88 5.95
C ALA B 35 12.68 -1.18 6.84
N LEU B 36 12.29 -0.85 8.07
CA LEU B 36 13.24 -0.41 9.10
C LEU B 36 14.24 -1.54 9.39
N VAL B 37 15.50 -1.20 9.68
CA VAL B 37 16.51 -2.23 9.97
C VAL B 37 16.62 -2.38 11.47
N SER B 38 16.35 -3.58 11.99
CA SER B 38 16.41 -3.81 13.43
C SER B 38 17.87 -3.93 13.85
N ILE B 39 18.23 -3.22 14.90
CA ILE B 39 19.58 -3.36 15.50
C ILE B 39 19.46 -3.67 16.99
N PRO B 40 20.43 -4.44 17.55
CA PRO B 40 20.38 -4.75 18.97
C PRO B 40 20.69 -3.51 19.76
N GLN B 41 20.18 -3.46 21.00
CA GLN B 41 20.44 -2.31 21.85
C GLN B 41 21.92 -2.35 22.27
N SER B 42 22.56 -1.19 22.17
CA SER B 42 23.93 -0.95 22.61
C SER B 42 23.87 0.29 23.46
N ILE B 43 25.02 0.69 24.01
CA ILE B 43 25.06 1.92 24.80
C ILE B 43 24.58 3.18 24.02
N SER B 44 24.74 3.20 22.70
CA SER B 44 24.28 4.33 21.90
C SER B 44 22.76 4.54 22.03
N GLU B 45 22.02 3.45 22.20
CA GLU B 45 20.53 3.45 22.22
C GLU B 45 19.94 3.45 23.60
N THR B 46 20.67 2.91 24.58
CA THR B 46 20.09 2.69 25.91
C THR B 46 20.45 3.79 26.88
N THR B 47 21.13 4.81 26.40
CA THR B 47 21.45 5.97 27.23
C THR B 47 20.80 7.20 26.59
N GLY B 48 20.83 8.31 27.31
CA GLY B 48 20.16 9.50 26.81
C GLY B 48 20.41 10.59 27.80
N PRO B 49 20.07 11.83 27.41
CA PRO B 49 20.26 12.99 28.30
C PRO B 49 19.34 13.03 29.54
N ASN B 50 19.89 13.56 30.64
CA ASN B 50 19.15 13.86 31.84
C ASN B 50 19.25 15.36 32.02
N PHE B 51 18.09 15.96 32.24
CA PHE B 51 17.95 17.39 32.27
C PHE B 51 17.72 17.94 33.67
N SER B 52 18.06 17.14 34.69
CA SER B 52 18.12 17.61 36.08
C SER B 52 18.71 18.98 36.26
N HIS B 53 19.80 19.28 35.53
CA HIS B 53 20.45 20.58 35.69
C HIS B 53 20.23 21.59 34.57
N LEU B 54 19.24 21.32 33.70
CA LEU B 54 18.71 22.38 32.83
C LEU B 54 18.05 23.46 33.71
N GLY B 55 18.29 24.72 33.40
CA GLY B 55 17.77 25.81 34.22
C GLY B 55 16.40 26.25 33.73
N PHE B 56 15.38 26.05 34.55
CA PHE B 56 14.02 26.42 34.15
C PHE B 56 13.72 27.81 34.69
N GLY B 57 13.07 28.64 33.90
CA GLY B 57 12.51 29.88 34.41
C GLY B 57 11.32 29.61 35.31
N ALA B 58 11.01 30.59 36.14
CA ALA B 58 9.96 30.51 37.13
C ALA B 58 8.60 30.16 36.54
N HIS B 59 8.31 30.65 35.33
CA HIS B 59 7.01 30.40 34.72
C HIS B 59 7.04 29.35 33.58
N ASP B 60 8.11 28.57 33.46
CA ASP B 60 8.24 27.68 32.27
C ASP B 60 7.05 26.72 32.11
N HIS B 61 6.44 26.34 33.22
CA HIS B 61 5.37 25.32 33.23
C HIS B 61 3.99 25.97 33.23
N ASP B 62 3.98 27.29 33.14
CA ASP B 62 2.73 28.07 33.43
C ASP B 62 2.44 29.02 32.28
N LEU B 63 1.64 28.55 31.31
CA LEU B 63 1.31 29.32 30.10
C LEU B 63 0.37 30.52 30.35
N LEU B 64 -0.17 30.62 31.57
CA LEU B 64 -0.96 31.77 31.95
C LEU B 64 -0.08 32.97 32.29
N LEU B 65 1.17 32.70 32.69
CA LEU B 65 2.09 33.78 33.05
C LEU B 65 3.34 33.92 32.19
N ASN B 66 3.63 32.95 31.33
CA ASN B 66 4.93 32.94 30.63
C ASN B 66 4.98 33.67 29.28
N PHE B 67 3.85 34.26 28.85
CA PHE B 67 3.81 35.24 27.75
C PHE B 67 3.02 36.48 28.21
N ASN B 68 3.43 37.05 29.34
CA ASN B 68 2.69 38.16 29.93
C ASN B 68 3.00 39.44 29.18
N ASN B 69 2.02 39.94 28.47
CA ASN B 69 2.12 41.25 27.85
C ASN B 69 1.06 42.21 28.40
N GLY B 70 0.80 42.12 29.69
CA GLY B 70 -0.07 43.11 30.37
C GLY B 70 -1.36 42.53 30.93
N GLY B 71 -1.68 41.29 30.60
CA GLY B 71 -2.90 40.69 31.09
C GLY B 71 -2.85 39.18 31.04
N LEU B 72 -3.97 38.56 31.40
CA LEU B 72 -4.07 37.11 31.40
C LEU B 72 -4.56 36.65 30.02
N PRO B 73 -4.15 35.46 29.57
CA PRO B 73 -4.79 35.00 28.33
C PRO B 73 -6.29 34.68 28.48
N ILE B 74 -7.00 34.82 27.37
CA ILE B 74 -8.43 34.53 27.23
C ILE B 74 -8.61 33.03 26.99
N GLY B 75 -9.58 32.44 27.67
CA GLY B 75 -9.91 31.03 27.46
C GLY B 75 -9.98 30.24 28.76
N GLU B 76 -10.25 28.94 28.61
CA GLU B 76 -10.59 28.07 29.73
C GLU B 76 -9.33 27.72 30.50
N ARG B 77 -9.23 28.24 31.74
CA ARG B 77 -8.08 27.98 32.57
C ARG B 77 -8.07 26.54 33.00
N ILE B 78 -6.97 25.84 32.73
CA ILE B 78 -6.83 24.43 33.13
C ILE B 78 -5.46 24.06 33.60
N ILE B 79 -5.42 23.12 34.54
CA ILE B 79 -4.19 22.44 34.88
C ILE B 79 -4.15 21.18 34.03
N VAL B 80 -2.98 20.88 33.49
CA VAL B 80 -2.76 19.59 32.83
C VAL B 80 -1.69 18.88 33.68
N ALA B 81 -2.07 17.76 34.30
CA ALA B 81 -1.14 17.04 35.15
C ALA B 81 -1.20 15.56 34.88
N GLY B 82 -0.20 14.83 35.33
CA GLY B 82 -0.26 13.37 35.27
C GLY B 82 1.04 12.74 35.72
N ARG B 83 1.20 11.44 35.47
CA ARG B 83 2.40 10.71 35.85
C ARG B 83 3.06 10.10 34.63
N VAL B 84 4.39 10.09 34.62
CA VAL B 84 5.16 9.39 33.58
C VAL B 84 5.69 8.09 34.23
N VAL B 85 5.29 6.97 33.67
CA VAL B 85 5.75 5.66 34.16
C VAL B 85 6.23 4.87 32.97
N ASP B 86 6.94 3.76 33.20
CA ASP B 86 7.31 2.86 32.14
C ASP B 86 6.34 1.68 32.11
N GLN B 87 6.52 0.76 31.18
CA GLN B 87 5.48 -0.27 30.96
C GLN B 87 5.38 -1.27 32.13
N TYR B 88 6.41 -1.29 32.96
CA TYR B 88 6.37 -2.11 34.19
C TYR B 88 5.67 -1.41 35.35
N GLY B 89 5.22 -0.18 35.10
CA GLY B 89 4.55 0.61 36.13
C GLY B 89 5.50 1.48 36.95
N LYS B 90 6.79 1.45 36.61
CA LYS B 90 7.82 2.18 37.36
C LYS B 90 7.79 3.69 37.06
N PRO B 91 7.66 4.55 38.11
CA PRO B 91 7.66 5.98 37.81
C PRO B 91 8.96 6.40 37.12
N VAL B 92 8.88 7.49 36.35
CA VAL B 92 10.06 8.01 35.61
C VAL B 92 10.34 9.43 36.14
N PRO B 93 11.19 9.53 37.18
CA PRO B 93 11.41 10.82 37.83
C PRO B 93 12.44 11.69 37.11
N ASN B 94 12.37 13.00 37.39
CA ASN B 94 13.34 13.96 36.88
C ASN B 94 13.51 13.90 35.35
N THR B 95 12.40 13.60 34.64
CA THR B 95 12.39 13.52 33.19
C THR B 95 11.78 14.77 32.56
N LEU B 96 12.27 15.15 31.37
CA LEU B 96 11.83 16.38 30.72
C LEU B 96 10.51 16.16 29.94
N VAL B 97 9.54 17.02 30.20
CA VAL B 97 8.25 16.99 29.56
C VAL B 97 8.06 18.38 28.95
N GLU B 98 7.92 18.44 27.64
CA GLU B 98 7.70 19.71 26.94
C GLU B 98 6.34 19.62 26.27
N MET B 99 5.72 20.77 26.05
CA MET B 99 4.37 20.82 25.50
C MET B 99 4.20 22.09 24.76
N TRP B 100 3.44 22.07 23.67
CA TRP B 100 3.11 23.27 22.94
C TRP B 100 1.70 23.15 22.37
N GLN B 101 1.08 24.27 22.06
CA GLN B 101 -0.34 24.22 21.66
C GLN B 101 -0.74 25.55 21.05
N ALA B 102 -1.90 25.53 20.40
CA ALA B 102 -2.59 26.71 19.89
C ALA B 102 -3.24 27.49 21.04
N ASN B 103 -3.76 28.69 20.76
CA ASN B 103 -4.49 29.45 21.78
C ASN B 103 -5.97 29.01 21.85
N ALA B 104 -6.80 29.75 22.58
CA ALA B 104 -8.21 29.35 22.78
C ALA B 104 -9.01 29.21 21.48
N GLY B 105 -8.51 29.86 20.43
CA GLY B 105 -9.17 29.96 19.14
C GLY B 105 -8.58 29.06 18.07
N GLY B 106 -7.59 28.26 18.46
CA GLY B 106 -6.96 27.36 17.51
C GLY B 106 -5.87 27.98 16.65
N ARG B 107 -5.44 29.19 17.02
CA ARG B 107 -4.33 29.86 16.33
C ARG B 107 -3.00 29.60 17.06
N TYR B 108 -2.01 29.14 16.29
CA TYR B 108 -0.61 28.99 16.78
C TYR B 108 0.20 30.27 16.60
N ARG B 109 1.01 30.59 17.60
CA ARG B 109 2.03 31.63 17.51
C ARG B 109 3.26 31.09 16.74
N HIS B 110 3.07 30.93 15.43
CA HIS B 110 4.10 30.50 14.50
C HIS B 110 3.82 31.27 13.22
N LYS B 111 4.85 31.80 12.60
CA LYS B 111 4.73 32.56 11.35
C LYS B 111 3.97 31.84 10.23
N ASN B 112 4.05 30.50 10.20
CA ASN B 112 3.42 29.72 9.13
C ASN B 112 1.93 29.43 9.34
N ASP B 113 1.40 29.73 10.53
CA ASP B 113 -0.04 29.58 10.77
C ASP B 113 -0.77 30.87 10.39
N ARG B 114 -1.45 30.87 9.27
CA ARG B 114 -2.21 32.08 8.88
C ARG B 114 -3.72 31.94 9.09
N TYR B 115 -4.14 31.01 9.96
CA TYR B 115 -5.57 30.84 10.24
C TYR B 115 -6.10 32.18 10.69
N LEU B 116 -7.34 32.46 10.29
CA LEU B 116 -7.96 33.78 10.48
C LEU B 116 -8.36 34.11 11.94
N ALA B 117 -8.40 33.11 12.83
CA ALA B 117 -8.69 33.39 14.23
C ALA B 117 -7.50 34.14 14.84
N PRO B 118 -7.75 35.16 15.68
CA PRO B 118 -6.66 36.05 16.10
C PRO B 118 -5.71 35.41 17.11
N LEU B 119 -4.48 35.92 17.16
CA LEU B 119 -3.56 35.61 18.24
C LEU B 119 -4.07 36.27 19.53
N ASP B 120 -3.63 35.76 20.68
CA ASP B 120 -3.93 36.30 21.99
C ASP B 120 -2.63 36.97 22.47
N PRO B 121 -2.64 38.30 22.74
CA PRO B 121 -1.35 38.96 23.06
C PRO B 121 -0.72 38.50 24.37
N ASN B 122 -1.48 37.78 25.20
CA ASN B 122 -0.94 37.23 26.45
C ASN B 122 -0.82 35.70 26.48
N PHE B 123 -0.80 35.10 25.30
CA PHE B 123 -0.57 33.67 25.17
C PHE B 123 0.52 33.34 24.14
N GLY B 124 1.54 32.61 24.59
CA GLY B 124 2.61 32.11 23.73
C GLY B 124 2.35 30.68 23.28
N GLY B 125 2.09 29.76 24.21
CA GLY B 125 1.75 28.38 23.85
C GLY B 125 2.84 27.34 24.06
N VAL B 126 3.88 27.65 24.82
CA VAL B 126 4.89 26.64 25.08
C VAL B 126 5.16 26.50 26.58
N GLY B 127 5.28 25.26 27.05
CA GLY B 127 5.66 24.97 28.44
C GLY B 127 6.68 23.84 28.55
N ARG B 128 7.38 23.76 29.68
CA ARG B 128 8.25 22.61 29.94
C ARG B 128 8.41 22.47 31.44
N CYS B 129 8.68 21.24 31.90
CA CYS B 129 8.97 20.97 33.30
C CYS B 129 9.69 19.62 33.40
N LEU B 130 10.22 19.30 34.57
CA LEU B 130 10.69 17.97 34.86
C LEU B 130 9.65 17.26 35.70
N THR B 131 9.50 15.95 35.53
CA THR B 131 8.70 15.21 36.49
C THR B 131 9.39 15.29 37.86
N ASP B 132 8.60 15.19 38.93
CA ASP B 132 9.18 15.21 40.28
C ASP B 132 9.76 13.84 40.63
N SER B 133 10.16 13.63 41.88
CA SER B 133 10.83 12.39 42.25
C SER B 133 9.88 11.21 42.20
N ASP B 134 8.57 11.48 42.10
CA ASP B 134 7.59 10.40 42.01
C ASP B 134 6.98 10.28 40.60
N GLY B 135 7.59 10.90 39.60
CA GLY B 135 7.12 10.75 38.22
C GLY B 135 6.01 11.70 37.79
N TYR B 136 5.59 12.61 38.66
CA TYR B 136 4.49 13.56 38.33
C TYR B 136 4.94 14.87 37.70
N TYR B 137 4.17 15.34 36.73
CA TYR B 137 4.43 16.65 36.11
C TYR B 137 3.17 17.51 36.24
N SER B 138 3.32 18.82 36.07
CA SER B 138 2.17 19.71 36.15
C SER B 138 2.38 20.96 35.28
N PHE B 139 1.38 21.25 34.45
CA PHE B 139 1.32 22.52 33.71
C PHE B 139 0.04 23.30 34.04
N ARG B 140 0.10 24.61 33.84
CA ARG B 140 -1.11 25.41 33.83
C ARG B 140 -1.21 26.12 32.50
N THR B 141 -2.41 26.09 31.91
CA THR B 141 -2.55 26.60 30.55
C THR B 141 -4.02 27.01 30.25
N ILE B 142 -4.30 27.33 28.97
CA ILE B 142 -5.63 27.55 28.44
C ILE B 142 -5.96 26.35 27.56
N LYS B 143 -7.20 25.87 27.62
CA LYS B 143 -7.59 24.74 26.75
C LYS B 143 -7.55 25.20 25.29
N PRO B 144 -6.76 24.52 24.43
CA PRO B 144 -6.68 24.99 23.04
C PRO B 144 -7.98 24.78 22.23
N GLY B 145 -8.24 25.65 21.25
CA GLY B 145 -9.36 25.41 20.35
C GLY B 145 -8.98 24.54 19.15
N PRO B 146 -9.99 23.95 18.48
CA PRO B 146 -9.79 23.17 17.27
C PRO B 146 -9.10 24.02 16.24
N HIS B 147 -8.29 23.37 15.40
CA HIS B 147 -7.47 24.08 14.41
C HIS B 147 -7.80 23.49 13.03
N PRO B 148 -8.38 24.28 12.11
CA PRO B 148 -8.60 23.77 10.75
C PRO B 148 -7.26 23.67 10.00
N TRP B 149 -7.20 22.76 9.05
CA TRP B 149 -5.96 22.51 8.34
C TRP B 149 -6.20 21.89 6.97
N ARG B 150 -5.23 22.10 6.10
CA ARG B 150 -5.40 21.76 4.69
C ARG B 150 -5.07 20.31 4.42
N ASN B 151 -5.93 19.43 4.87
CA ASN B 151 -5.77 18.04 4.60
C ASN B 151 -6.91 17.70 3.63
N GLY B 152 -7.98 17.12 4.14
CA GLY B 152 -9.24 17.06 3.39
C GLY B 152 -9.87 18.44 3.32
N PRO B 153 -10.97 18.59 2.55
CA PRO B 153 -11.52 19.94 2.38
C PRO B 153 -12.22 20.53 3.62
N ASN B 154 -12.49 19.72 4.64
CA ASN B 154 -13.12 20.26 5.88
C ASN B 154 -12.60 19.51 7.09
N ASP B 155 -11.28 19.57 7.27
CA ASP B 155 -10.60 18.86 8.36
C ASP B 155 -10.21 19.82 9.47
N TRP B 156 -10.42 19.35 10.70
CA TRP B 156 -10.18 20.13 11.89
C TRP B 156 -9.51 19.25 12.93
N ARG B 157 -8.39 19.73 13.48
CA ARG B 157 -7.77 19.01 14.58
C ARG B 157 -8.73 19.18 15.77
N PRO B 158 -8.96 18.09 16.53
CA PRO B 158 -9.58 18.25 17.85
C PRO B 158 -8.69 19.18 18.68
N ALA B 159 -9.24 19.79 19.73
CA ALA B 159 -8.45 20.48 20.73
C ALA B 159 -7.29 19.52 21.10
N HIS B 160 -6.05 19.99 21.05
CA HIS B 160 -4.93 19.08 21.38
C HIS B 160 -3.72 19.85 21.89
N ILE B 161 -2.94 19.20 22.76
CA ILE B 161 -1.67 19.76 23.24
C ILE B 161 -0.56 18.80 22.79
N HIS B 162 0.50 19.30 22.14
CA HIS B 162 1.61 18.41 21.75
C HIS B 162 2.46 18.15 22.97
N PHE B 163 2.95 16.92 23.12
CA PHE B 163 3.91 16.57 24.20
C PHE B 163 5.19 15.97 23.63
N GLY B 164 6.31 16.27 24.29
CA GLY B 164 7.55 15.52 24.11
C GLY B 164 8.03 15.09 25.48
N ILE B 165 8.49 13.84 25.58
CA ILE B 165 8.96 13.23 26.81
C ILE B 165 10.29 12.54 26.54
N SER B 166 11.32 12.90 27.32
CA SER B 166 12.64 12.34 27.08
C SER B 166 12.75 10.92 27.59
N GLY B 167 12.41 10.72 28.85
CA GLY B 167 12.66 9.43 29.48
C GLY B 167 14.14 9.12 29.68
N PRO B 168 14.43 7.88 30.14
CA PRO B 168 15.79 7.48 30.55
C PRO B 168 16.76 7.33 29.38
N SER B 169 16.29 7.19 28.14
CA SER B 169 17.21 7.03 26.99
C SER B 169 16.66 7.55 25.68
N ILE B 170 17.51 7.64 24.65
CA ILE B 170 16.96 7.97 23.33
C ILE B 170 16.00 6.89 22.81
N ALA B 171 16.06 5.68 23.37
CA ALA B 171 15.10 4.65 22.96
C ALA B 171 13.70 4.92 23.54
N THR B 172 13.60 5.69 24.64
CA THR B 172 12.27 5.94 25.27
C THR B 172 11.64 7.26 24.82
N LYS B 173 12.43 8.14 24.20
CA LYS B 173 11.98 9.47 23.88
C LYS B 173 10.78 9.38 22.95
N LEU B 174 9.78 10.25 23.16
CA LEU B 174 8.48 10.13 22.48
C LEU B 174 7.88 11.49 22.25
N ILE B 175 7.33 11.69 21.05
CA ILE B 175 6.47 12.84 20.79
C ILE B 175 5.06 12.33 20.51
N THR B 176 4.09 12.99 21.14
CA THR B 176 2.72 12.56 21.00
C THR B 176 1.79 13.77 21.13
N GLN B 177 0.49 13.49 21.16
CA GLN B 177 -0.51 14.54 21.35
C GLN B 177 -1.51 14.09 22.37
N LEU B 178 -1.92 15.05 23.22
CA LEU B 178 -2.99 14.89 24.19
C LEU B 178 -4.28 15.39 23.53
N TYR B 179 -5.36 14.65 23.76
CA TYR B 179 -6.71 15.06 23.33
C TYR B 179 -7.60 15.12 24.56
N PHE B 180 -8.79 15.68 24.43
CA PHE B 180 -9.65 15.97 25.58
C PHE B 180 -10.91 15.11 25.63
N GLU B 181 -11.18 14.50 26.79
CA GLU B 181 -12.37 13.65 27.01
C GLU B 181 -13.65 14.17 26.34
N GLY B 182 -14.27 13.31 25.54
CA GLY B 182 -15.56 13.56 24.93
C GLY B 182 -15.58 14.44 23.69
N ASP B 183 -14.40 14.88 23.22
CA ASP B 183 -14.34 15.81 22.08
C ASP B 183 -14.81 15.08 20.82
N PRO B 184 -15.91 15.54 20.23
CA PRO B 184 -16.44 14.80 19.10
C PRO B 184 -15.59 14.90 17.83
N LEU B 185 -14.62 15.81 17.79
CA LEU B 185 -13.68 15.85 16.64
C LEU B 185 -12.68 14.69 16.58
N ILE B 186 -12.46 14.04 17.72
CA ILE B 186 -11.43 12.98 17.83
C ILE B 186 -11.61 11.80 16.82
N PRO B 187 -12.81 11.19 16.72
CA PRO B 187 -12.95 10.07 15.76
C PRO B 187 -12.84 10.49 14.30
N MET B 188 -12.94 11.78 14.02
CA MET B 188 -12.93 12.26 12.65
C MET B 188 -11.53 12.65 12.13
N CYS B 189 -10.54 12.68 13.01
CA CYS B 189 -9.25 13.31 12.68
C CYS B 189 -8.34 12.26 12.07
N PRO B 190 -7.84 12.48 10.83
CA PRO B 190 -6.96 11.45 10.23
C PRO B 190 -5.60 11.36 10.90
N ILE B 191 -5.19 12.39 11.67
CA ILE B 191 -3.97 12.29 12.55
C ILE B 191 -4.22 11.37 13.76
N VAL B 192 -5.28 11.60 14.53
CA VAL B 192 -5.73 10.60 15.49
C VAL B 192 -5.78 9.22 14.84
N LYS B 193 -6.43 9.13 13.68
CA LYS B 193 -6.70 7.81 13.10
C LYS B 193 -5.55 7.14 12.34
N SER B 194 -4.36 7.75 12.42
CA SER B 194 -3.13 7.13 11.97
C SER B 194 -2.85 5.95 12.93
N ILE B 195 -3.39 6.06 14.14
CA ILE B 195 -3.37 4.97 15.07
C ILE B 195 -4.53 4.00 14.72
N ALA B 196 -4.21 2.77 14.34
CA ALA B 196 -5.21 1.79 13.90
C ALA B 196 -6.12 1.26 15.01
N ASN B 197 -5.55 1.06 16.20
CA ASN B 197 -6.24 0.38 17.27
C ASN B 197 -7.01 1.41 18.16
N PRO B 198 -8.34 1.36 18.19
CA PRO B 198 -9.06 2.37 19.02
C PRO B 198 -8.67 2.42 20.51
N GLU B 199 -8.14 1.34 21.04
CA GLU B 199 -7.69 1.29 22.44
C GLU B 199 -6.42 2.11 22.63
N ALA B 200 -5.62 2.21 21.56
CA ALA B 200 -4.41 3.03 21.58
C ALA B 200 -4.80 4.48 21.54
N VAL B 201 -5.78 4.82 20.70
CA VAL B 201 -6.32 6.17 20.67
C VAL B 201 -6.78 6.61 22.06
N GLN B 202 -7.47 5.71 22.78
CA GLN B 202 -7.99 5.99 24.14
CA GLN B 202 -8.00 6.08 24.09
C GLN B 202 -6.89 6.45 25.09
N GLN B 203 -5.67 5.96 24.84
CA GLN B 203 -4.54 6.23 25.73
CA GLN B 203 -4.57 6.22 25.77
C GLN B 203 -4.02 7.67 25.61
N LEU B 204 -4.47 8.36 24.56
CA LEU B 204 -4.12 9.77 24.32
C LEU B 204 -5.18 10.75 24.84
N ILE B 205 -6.25 10.24 25.42
CA ILE B 205 -7.37 11.11 25.79
C ILE B 205 -7.27 11.45 27.28
N ALA B 206 -6.97 12.72 27.55
CA ALA B 206 -6.93 13.24 28.92
C ALA B 206 -8.33 13.28 29.52
N LYS B 207 -8.42 12.96 30.79
CA LYS B 207 -9.73 12.91 31.46
C LYS B 207 -9.91 14.10 32.39
N LEU B 208 -11.11 14.69 32.37
CA LEU B 208 -11.47 15.77 33.33
C LEU B 208 -11.19 15.27 34.74
N ASP B 209 -10.50 16.09 35.54
CA ASP B 209 -10.02 15.70 36.87
C ASP B 209 -10.49 16.75 37.89
N MET B 210 -11.76 16.66 38.28
CA MET B 210 -12.34 17.69 39.19
C MET B 210 -11.59 17.71 40.50
N ASN B 211 -11.06 16.55 40.92
CA ASN B 211 -10.32 16.44 42.18
C ASN B 211 -9.08 17.35 42.17
N ASN B 212 -8.58 17.67 40.98
CA ASN B 212 -7.35 18.45 40.86
C ASN B 212 -7.56 19.93 40.53
N ALA B 213 -8.82 20.30 40.40
CA ALA B 213 -9.23 21.64 40.02
C ALA B 213 -9.02 22.64 41.17
N ASN B 214 -8.88 23.92 40.85
CA ASN B 214 -8.89 24.99 41.86
C ASN B 214 -10.27 25.65 41.77
N PRO B 215 -11.14 25.43 42.76
CA PRO B 215 -12.48 26.03 42.66
C PRO B 215 -12.44 27.52 42.41
N MET B 216 -13.38 28.03 41.61
CA MET B 216 -13.51 29.48 41.32
C MET B 216 -12.28 30.01 40.58
N ASP B 217 -11.56 29.13 39.87
CA ASP B 217 -10.25 29.48 39.30
C ASP B 217 -9.94 28.70 38.00
N CYS B 218 -9.70 27.41 38.13
CA CYS B 218 -9.28 26.59 36.96
C CYS B 218 -9.70 25.14 37.12
N LEU B 219 -10.06 24.51 36.01
CA LEU B 219 -10.37 23.08 36.01
C LEU B 219 -9.04 22.35 35.84
N ALA B 220 -9.12 21.03 35.65
CA ALA B 220 -7.93 20.22 35.52
C ALA B 220 -8.23 19.00 34.66
N TYR B 221 -7.21 18.59 33.91
CA TYR B 221 -7.20 17.37 33.11
C TYR B 221 -6.03 16.49 33.56
N ARG B 222 -6.22 15.19 33.49
CA ARG B 222 -5.19 14.20 33.89
C ARG B 222 -4.72 13.44 32.65
N PHE B 223 -3.41 13.47 32.40
CA PHE B 223 -2.84 12.76 31.27
C PHE B 223 -1.57 12.00 31.70
N ASP B 224 -1.70 10.70 31.85
CA ASP B 224 -0.58 9.86 32.24
C ASP B 224 0.10 9.34 30.96
N ILE B 225 1.41 9.17 31.04
CA ILE B 225 2.20 8.78 29.89
C ILE B 225 2.96 7.50 30.23
N VAL B 226 2.97 6.51 29.32
CA VAL B 226 3.71 5.28 29.58
C VAL B 226 4.86 5.17 28.58
N LEU B 227 6.10 5.20 29.09
CA LEU B 227 7.30 4.94 28.26
C LEU B 227 7.68 3.46 28.25
N ARG B 228 8.53 3.08 27.31
CA ARG B 228 8.95 1.71 27.16
C ARG B 228 9.48 1.18 28.47
N GLY B 229 9.16 -0.07 28.75
CA GLY B 229 9.61 -0.72 29.99
C GLY B 229 11.12 -0.90 30.00
N GLN B 230 11.73 -0.63 31.16
CA GLN B 230 13.18 -0.72 31.36
C GLN B 230 13.48 -1.88 32.32
N ARG B 231 14.40 -2.72 31.92
CA ARG B 231 14.85 -3.83 32.74
C ARG B 231 16.37 -3.89 32.69
N LYS B 232 16.97 -4.63 33.63
CA LYS B 232 18.39 -4.91 33.63
C LYS B 232 18.72 -5.95 32.56
N THR B 233 19.93 -5.86 31.99
CA THR B 233 20.49 -6.95 31.19
C THR B 233 20.56 -8.25 32.01
N HIS B 234 20.43 -9.40 31.34
CA HIS B 234 20.64 -10.69 32.00
C HIS B 234 21.19 -11.71 31.02
N PHE B 235 22.11 -12.56 31.47
CA PHE B 235 22.70 -13.63 30.63
C PHE B 235 23.18 -13.19 29.24
N GLU B 236 23.78 -12.02 29.11
CA GLU B 236 24.35 -11.58 27.82
C GLU B 236 25.82 -11.97 27.67
N ASN B 237 26.26 -12.26 26.43
CA ASN B 237 27.66 -12.66 26.16
C ASN B 237 28.15 -13.85 27.00
N CYS B 238 27.22 -14.77 27.31
CA CYS B 238 27.50 -15.99 28.08
C CYS B 238 26.48 -17.08 27.69
N PRO C 1 -22.39 13.41 16.42
CA PRO C 1 -22.47 14.56 15.52
C PRO C 1 -23.65 14.38 14.57
N ILE C 2 -23.95 15.42 13.80
CA ILE C 2 -25.00 15.36 12.79
C ILE C 2 -24.49 14.53 11.61
N GLU C 3 -25.24 13.50 11.25
CA GLU C 3 -24.92 12.65 10.11
C GLU C 3 -26.07 12.70 9.10
N LEU C 4 -25.77 13.15 7.88
CA LEU C 4 -26.78 13.26 6.83
C LEU C 4 -26.98 11.89 6.17
N LEU C 5 -27.88 11.80 5.21
CA LEU C 5 -27.93 10.59 4.38
C LEU C 5 -26.58 10.43 3.70
N PRO C 6 -26.05 9.21 3.63
CA PRO C 6 -24.78 8.99 2.91
C PRO C 6 -24.96 9.11 1.39
N GLU C 7 -23.96 9.68 0.72
CA GLU C 7 -23.98 9.80 -0.73
C GLU C 7 -23.91 8.38 -1.32
N THR C 8 -24.58 8.15 -2.45
CA THR C 8 -24.45 6.93 -3.21
C THR C 8 -22.97 6.78 -3.58
N PRO C 9 -22.38 5.60 -3.28
CA PRO C 9 -20.95 5.42 -3.57
C PRO C 9 -20.65 5.33 -5.07
N SER C 10 -19.50 5.85 -5.46
CA SER C 10 -19.07 5.79 -6.86
C SER C 10 -18.69 4.36 -7.24
N GLN C 11 -18.77 4.05 -8.54
CA GLN C 11 -18.15 2.83 -9.08
C GLN C 11 -17.48 3.22 -10.40
N THR C 12 -16.49 2.44 -10.82
CA THR C 12 -15.89 2.66 -12.13
C THR C 12 -16.93 2.78 -13.26
N ALA C 13 -16.64 3.62 -14.24
CA ALA C 13 -17.47 3.75 -15.44
C ALA C 13 -17.35 2.48 -16.30
N GLY C 14 -16.28 1.68 -16.09
CA GLY C 14 -16.03 0.44 -16.83
C GLY C 14 -15.50 0.70 -18.26
N PRO C 15 -15.00 -0.34 -18.96
CA PRO C 15 -14.43 -0.14 -20.29
C PRO C 15 -15.44 0.14 -21.38
N TYR C 16 -16.72 -0.13 -21.15
CA TYR C 16 -17.72 0.03 -22.20
C TYR C 16 -18.58 1.26 -21.95
N VAL C 17 -18.02 2.23 -21.22
CA VAL C 17 -18.68 3.52 -20.88
C VAL C 17 -19.25 4.20 -22.14
N HIS C 18 -18.63 3.94 -23.29
CA HIS C 18 -18.98 4.61 -24.56
C HIS C 18 -20.39 4.28 -25.01
N ILE C 19 -20.87 3.10 -24.67
CA ILE C 19 -22.23 2.65 -25.03
C ILE C 19 -23.26 3.64 -24.51
N GLY C 20 -23.02 4.11 -23.29
CA GLY C 20 -23.91 5.05 -22.64
C GLY C 20 -23.58 6.50 -22.90
N LEU C 21 -22.29 6.82 -23.07
CA LEU C 21 -21.87 8.23 -23.01
C LEU C 21 -21.08 8.75 -24.21
N ALA C 22 -20.77 7.84 -25.13
CA ALA C 22 -19.93 8.16 -26.29
C ALA C 22 -20.27 7.17 -27.40
N LEU C 23 -21.54 7.22 -27.82
CA LEU C 23 -22.16 6.19 -28.68
C LEU C 23 -21.40 5.85 -29.96
N GLU C 24 -21.07 6.88 -30.74
CA GLU C 24 -20.25 6.70 -31.96
C GLU C 24 -19.01 5.83 -31.68
N ALA C 25 -18.25 6.22 -30.64
CA ALA C 25 -17.02 5.52 -30.28
C ALA C 25 -17.22 4.04 -29.93
N ALA C 26 -18.36 3.71 -29.32
CA ALA C 26 -18.65 2.31 -28.96
C ALA C 26 -18.88 1.45 -30.21
N GLY C 27 -19.14 2.15 -31.30
CA GLY C 27 -19.43 1.55 -32.62
C GLY C 27 -20.92 1.59 -32.91
N ASN C 28 -21.66 2.45 -32.20
CA ASN C 28 -23.10 2.37 -32.27
C ASN C 28 -23.73 3.61 -32.98
N PRO C 29 -24.99 3.50 -33.44
CA PRO C 29 -25.66 4.69 -33.96
C PRO C 29 -25.93 5.71 -32.85
N THR C 30 -25.94 6.98 -33.21
CA THR C 30 -26.18 8.08 -32.27
C THR C 30 -27.66 8.51 -32.27
N ARG C 31 -28.10 9.18 -31.21
CA ARG C 31 -29.47 9.67 -31.19
C ARG C 31 -29.45 11.04 -31.86
N ASP C 32 -30.64 11.62 -32.10
CA ASP C 32 -30.73 12.95 -32.72
C ASP C 32 -29.84 13.98 -31.99
N GLN C 33 -29.87 14.00 -30.65
CA GLN C 33 -29.03 14.92 -29.88
C GLN C 33 -28.04 14.20 -28.96
N GLU C 34 -26.76 14.57 -29.06
CA GLU C 34 -25.73 13.99 -28.20
C GLU C 34 -24.93 15.09 -27.55
N ILE C 35 -24.50 14.86 -26.31
CA ILE C 35 -23.67 15.82 -25.57
C ILE C 35 -22.25 15.43 -25.91
N TRP C 36 -21.50 16.31 -26.57
CA TRP C 36 -20.22 15.89 -27.12
C TRP C 36 -19.13 16.99 -27.11
N ASN C 37 -18.17 16.93 -28.03
CA ASN C 37 -16.90 17.65 -27.82
C ASN C 37 -16.77 18.98 -28.56
N ARG C 38 -17.88 19.49 -29.11
CA ARG C 38 -17.86 20.80 -29.77
C ARG C 38 -18.64 21.80 -28.91
N LEU C 39 -17.91 22.58 -28.13
CA LEU C 39 -18.54 23.50 -27.18
C LEU C 39 -18.98 24.79 -27.88
N ALA C 40 -18.35 25.12 -29.00
CA ALA C 40 -18.56 26.42 -29.64
C ALA C 40 -18.98 26.29 -31.09
N LYS C 41 -20.06 26.97 -31.48
CA LYS C 41 -20.38 27.10 -32.91
C LYS C 41 -19.33 28.05 -33.48
N PRO C 42 -19.05 27.98 -34.80
CA PRO C 42 -18.00 28.88 -35.36
C PRO C 42 -18.21 30.36 -35.01
N ASP C 43 -19.49 30.76 -34.92
CA ASP C 43 -19.97 32.09 -34.52
C ASP C 43 -19.57 32.62 -33.14
N ALA C 44 -19.37 31.72 -32.18
CA ALA C 44 -19.25 32.07 -30.76
C ALA C 44 -18.19 33.13 -30.49
N PRO C 45 -18.47 34.07 -29.56
CA PRO C 45 -17.46 35.07 -29.17
C PRO C 45 -16.20 34.41 -28.60
N GLY C 46 -15.05 35.06 -28.75
CA GLY C 46 -13.81 34.56 -28.13
C GLY C 46 -12.83 33.90 -29.08
N GLU C 47 -11.67 33.51 -28.55
CA GLU C 47 -10.66 32.86 -29.36
C GLU C 47 -10.92 31.37 -29.44
N HIS C 48 -11.23 30.91 -30.63
CA HIS C 48 -11.48 29.50 -30.86
C HIS C 48 -10.20 28.67 -30.81
N ILE C 49 -10.23 27.61 -29.99
CA ILE C 49 -9.05 26.76 -29.81
C ILE C 49 -9.44 25.28 -29.87
N LEU C 50 -8.43 24.46 -30.15
CA LEU C 50 -8.56 23.03 -30.08
C LEU C 50 -7.80 22.57 -28.85
N LEU C 51 -8.41 21.68 -28.06
CA LEU C 51 -7.70 21.05 -26.96
C LEU C 51 -7.54 19.58 -27.30
N LEU C 52 -6.42 18.99 -26.90
CA LEU C 52 -6.19 17.56 -27.15
C LEU C 52 -5.21 17.01 -26.12
N GLY C 53 -5.27 15.71 -25.88
CA GLY C 53 -4.40 15.15 -24.89
C GLY C 53 -4.44 13.65 -24.90
N GLN C 54 -3.44 13.06 -24.26
CA GLN C 54 -3.43 11.63 -24.06
C GLN C 54 -3.33 11.39 -22.56
N VAL C 55 -3.72 10.18 -22.12
CA VAL C 55 -3.81 9.87 -20.71
C VAL C 55 -2.92 8.67 -20.44
N TYR C 56 -2.05 8.76 -19.43
CA TYR C 56 -1.08 7.72 -19.13
C TYR C 56 -1.29 7.09 -17.75
N ASP C 57 -1.11 5.76 -17.69
CA ASP C 57 -1.17 5.03 -16.45
C ASP C 57 0.21 5.02 -15.79
N GLY C 58 0.31 4.33 -14.65
CA GLY C 58 1.52 4.34 -13.85
C GLY C 58 2.70 3.68 -14.52
N ASN C 59 2.45 2.94 -15.59
CA ASN C 59 3.50 2.26 -16.32
C ASN C 59 3.92 3.04 -17.56
N GLY C 60 3.36 4.25 -17.74
CA GLY C 60 3.59 5.04 -18.95
C GLY C 60 2.84 4.60 -20.21
N HIS C 61 1.82 3.75 -20.04
CA HIS C 61 1.01 3.29 -21.15
C HIS C 61 -0.28 4.06 -21.32
N LEU C 62 -0.68 4.19 -22.56
CA LEU C 62 -1.91 4.90 -22.90
C LEU C 62 -3.16 4.28 -22.26
N VAL C 63 -4.00 5.11 -21.65
CA VAL C 63 -5.32 4.71 -21.17
C VAL C 63 -6.30 4.97 -22.33
N ARG C 64 -6.55 3.95 -23.13
CA ARG C 64 -7.24 4.15 -24.41
C ARG C 64 -8.74 4.22 -24.27
N ASP C 65 -9.25 3.98 -23.07
CA ASP C 65 -10.69 3.96 -22.82
C ASP C 65 -11.16 5.05 -21.83
N SER C 66 -10.43 6.16 -21.80
CA SER C 66 -10.79 7.25 -20.91
CA SER C 66 -10.73 7.32 -20.96
C SER C 66 -11.98 8.02 -21.46
N PHE C 67 -12.77 8.56 -20.52
CA PHE C 67 -13.92 9.35 -20.82
C PHE C 67 -13.78 10.64 -20.00
N LEU C 68 -13.95 11.82 -20.63
CA LEU C 68 -13.67 13.08 -19.97
C LEU C 68 -14.87 14.01 -20.07
N GLU C 69 -15.19 14.68 -18.96
CA GLU C 69 -16.22 15.71 -18.97
C GLU C 69 -15.52 17.02 -18.62
N VAL C 70 -15.92 18.09 -19.32
CA VAL C 70 -15.32 19.40 -19.11
C VAL C 70 -16.35 20.47 -18.79
N TRP C 71 -15.93 21.50 -18.08
CA TRP C 71 -16.80 22.59 -17.63
C TRP C 71 -15.93 23.82 -17.57
N GLN C 72 -16.32 24.84 -18.32
CA GLN C 72 -15.53 26.03 -18.46
C GLN C 72 -16.39 27.27 -18.69
N ALA C 73 -15.86 28.42 -18.28
CA ALA C 73 -16.51 29.69 -18.56
C ALA C 73 -16.41 30.00 -20.06
N ASP C 74 -17.36 30.78 -20.59
CA ASP C 74 -17.23 31.29 -21.94
C ASP C 74 -16.14 32.38 -21.98
N ALA C 75 -15.94 32.97 -23.15
CA ALA C 75 -14.91 33.98 -23.37
C ALA C 75 -15.06 35.24 -22.50
N ASN C 76 -16.31 35.50 -22.09
CA ASN C 76 -16.65 36.63 -21.21
C ASN C 76 -16.67 36.23 -19.74
N GLY C 77 -16.14 35.06 -19.42
CA GLY C 77 -16.06 34.58 -18.05
C GLY C 77 -17.40 34.22 -17.46
N GLU C 78 -18.36 33.81 -18.28
CA GLU C 78 -19.68 33.40 -17.78
C GLU C 78 -19.86 31.91 -17.98
N TYR C 79 -20.34 31.23 -16.93
CA TYR C 79 -20.72 29.83 -17.05
C TYR C 79 -22.12 29.68 -17.67
N GLN C 80 -22.16 29.08 -18.88
CA GLN C 80 -23.42 28.82 -19.60
C GLN C 80 -24.00 27.45 -19.25
N ASP C 81 -24.89 27.44 -18.28
CA ASP C 81 -25.37 26.18 -17.72
C ASP C 81 -26.63 25.67 -18.41
N ALA C 82 -27.30 26.49 -19.21
CA ALA C 82 -28.51 26.02 -19.88
C ALA C 82 -28.17 25.25 -21.15
N TYR C 83 -27.85 23.95 -20.98
CA TYR C 83 -27.26 23.18 -22.09
C TYR C 83 -28.24 23.04 -23.24
N ASN C 84 -27.76 23.28 -24.46
CA ASN C 84 -28.61 23.32 -25.63
C ASN C 84 -27.71 23.24 -26.87
N LEU C 85 -27.95 22.28 -27.75
CA LEU C 85 -27.16 22.15 -28.99
C LEU C 85 -27.33 23.35 -29.92
N GLU C 86 -28.36 24.16 -29.69
CA GLU C 86 -28.54 25.39 -30.51
C GLU C 86 -27.77 26.57 -29.98
N ASN C 87 -27.14 26.43 -28.82
CA ASN C 87 -26.39 27.54 -28.18
C ASN C 87 -25.15 27.83 -29.03
N ALA C 88 -24.83 29.10 -29.16
CA ALA C 88 -23.52 29.50 -29.67
C ALA C 88 -22.39 28.90 -28.84
N PHE C 89 -22.55 28.83 -27.52
CA PHE C 89 -21.51 28.23 -26.67
C PHE C 89 -22.14 27.39 -25.53
N ASN C 90 -21.61 26.19 -25.31
CA ASN C 90 -21.95 25.40 -24.12
C ASN C 90 -20.75 25.30 -23.21
N SER C 91 -20.95 25.58 -21.93
CA SER C 91 -19.87 25.51 -20.95
C SER C 91 -19.47 24.06 -20.66
N PHE C 92 -20.38 23.15 -20.99
CA PHE C 92 -20.19 21.73 -20.72
C PHE C 92 -19.95 20.93 -22.00
N GLY C 93 -19.02 19.97 -21.92
CA GLY C 93 -18.86 19.02 -23.02
C GLY C 93 -18.29 17.68 -22.55
N ARG C 94 -18.24 16.72 -23.47
CA ARG C 94 -17.70 15.40 -23.21
C ARG C 94 -16.76 15.00 -24.33
N THR C 95 -15.74 14.23 -24.00
CA THR C 95 -14.88 13.65 -25.00
C THR C 95 -14.34 12.27 -24.53
N ALA C 96 -13.61 11.59 -25.39
CA ALA C 96 -13.09 10.27 -25.06
C ALA C 96 -11.85 10.00 -25.91
N THR C 97 -10.95 9.18 -25.40
CA THR C 97 -9.77 8.85 -26.17
C THR C 97 -10.10 7.82 -27.23
N THR C 98 -9.60 8.07 -28.47
CA THR C 98 -9.65 7.11 -29.56
C THR C 98 -8.93 5.87 -29.10
N PHE C 99 -9.38 4.69 -29.54
CA PHE C 99 -8.76 3.46 -29.09
C PHE C 99 -7.42 3.21 -29.77
N ASP C 100 -7.26 3.69 -31.01
CA ASP C 100 -5.98 3.53 -31.74
C ASP C 100 -4.83 4.40 -31.21
N ALA C 101 -5.02 5.72 -31.18
CA ALA C 101 -3.98 6.65 -30.73
C ALA C 101 -4.11 7.09 -29.25
N GLY C 102 -5.25 6.79 -28.64
CA GLY C 102 -5.50 7.17 -27.27
C GLY C 102 -5.59 8.67 -27.08
N GLU C 103 -6.05 9.40 -28.09
CA GLU C 103 -6.09 10.88 -28.00
C GLU C 103 -7.54 11.39 -27.97
N TRP C 104 -7.84 12.31 -27.06
CA TRP C 104 -9.15 12.99 -27.02
C TRP C 104 -8.96 14.38 -27.63
N THR C 105 -10.03 14.99 -28.13
CA THR C 105 -10.03 16.36 -28.63
C THR C 105 -11.33 17.03 -28.23
N LEU C 106 -11.27 18.35 -28.08
CA LEU C 106 -12.37 19.18 -27.66
C LEU C 106 -12.23 20.46 -28.46
N HIS C 107 -13.34 20.95 -29.00
CA HIS C 107 -13.36 22.21 -29.79
C HIS C 107 -14.07 23.29 -28.97
N THR C 108 -13.36 24.35 -28.62
CA THR C 108 -13.91 25.30 -27.64
C THR C 108 -13.38 26.71 -27.88
N VAL C 109 -13.58 27.61 -26.91
CA VAL C 109 -12.95 28.92 -26.94
C VAL C 109 -12.15 29.02 -25.66
N LYS C 110 -11.16 29.91 -25.61
CA LYS C 110 -10.38 30.06 -24.38
C LYS C 110 -11.28 30.73 -23.34
N PRO C 111 -11.39 30.15 -22.11
CA PRO C 111 -12.30 30.73 -21.12
C PRO C 111 -11.81 32.08 -20.59
N GLY C 112 -12.74 32.97 -20.28
CA GLY C 112 -12.41 34.22 -19.59
C GLY C 112 -12.21 33.96 -18.11
N VAL C 113 -11.73 34.99 -17.41
CA VAL C 113 -11.38 34.87 -15.99
C VAL C 113 -12.67 34.92 -15.13
N VAL C 114 -12.76 34.07 -14.10
CA VAL C 114 -13.76 34.23 -13.01
C VAL C 114 -13.08 34.32 -11.66
N ASN C 115 -13.75 34.93 -10.69
CA ASN C 115 -13.22 35.07 -9.35
C ASN C 115 -13.62 33.89 -8.50
N ASN C 116 -12.77 33.57 -7.52
CA ASN C 116 -13.11 32.57 -6.52
C ASN C 116 -14.10 33.20 -5.52
N ALA C 117 -14.47 32.45 -4.50
CA ALA C 117 -15.51 32.91 -3.58
C ALA C 117 -15.09 34.14 -2.76
N ALA C 118 -13.79 34.30 -2.56
CA ALA C 118 -13.24 35.48 -1.85
C ALA C 118 -13.08 36.71 -2.76
N GLY C 119 -13.41 36.58 -4.03
CA GLY C 119 -13.30 37.68 -4.97
C GLY C 119 -11.95 37.84 -5.68
N VAL C 120 -11.07 36.86 -5.50
CA VAL C 120 -9.74 36.82 -6.16
C VAL C 120 -9.85 36.15 -7.56
N PRO C 121 -9.35 36.81 -8.62
CA PRO C 121 -9.43 36.22 -9.97
C PRO C 121 -8.64 34.93 -10.06
N MET C 122 -9.22 33.91 -10.71
CA MET C 122 -8.50 32.69 -11.01
C MET C 122 -7.98 32.83 -12.43
N ALA C 123 -6.86 32.18 -12.73
CA ALA C 123 -6.32 32.15 -14.10
C ALA C 123 -7.30 31.39 -14.99
N PRO C 124 -7.33 31.70 -16.29
CA PRO C 124 -8.20 30.96 -17.20
C PRO C 124 -8.02 29.45 -17.05
N HIS C 125 -9.12 28.70 -16.84
CA HIS C 125 -9.01 27.25 -16.62
C HIS C 125 -10.22 26.48 -17.18
N ILE C 126 -10.01 25.21 -17.50
CA ILE C 126 -11.09 24.28 -17.85
C ILE C 126 -11.14 23.26 -16.71
N ASN C 127 -12.31 23.05 -16.11
CA ASN C 127 -12.44 22.00 -15.07
C ASN C 127 -12.61 20.67 -15.78
N ILE C 128 -11.88 19.64 -15.35
CA ILE C 128 -11.96 18.37 -16.03
C ILE C 128 -12.30 17.26 -15.04
N SER C 129 -13.16 16.32 -15.43
CA SER C 129 -13.41 15.07 -14.67
C SER C 129 -13.09 13.86 -15.53
N LEU C 130 -12.17 13.02 -15.05
CA LEU C 130 -11.68 11.88 -15.80
C LEU C 130 -12.26 10.55 -15.27
N PHE C 131 -12.83 9.75 -16.18
CA PHE C 131 -13.49 8.47 -15.88
C PHE C 131 -12.85 7.37 -16.77
N ALA C 132 -12.73 6.16 -16.22
CA ALA C 132 -12.20 5.02 -17.00
C ALA C 132 -12.32 3.73 -16.21
N ARG C 133 -12.28 2.61 -16.93
CA ARG C 133 -11.94 1.34 -16.34
C ARG C 133 -10.73 1.52 -15.38
N GLY C 134 -10.82 0.90 -14.20
CA GLY C 134 -9.77 1.02 -13.18
C GLY C 134 -9.76 2.29 -12.35
N ILE C 135 -10.66 3.21 -12.67
CA ILE C 135 -10.80 4.44 -11.90
C ILE C 135 -12.10 4.31 -11.11
N ASN C 136 -11.99 4.09 -9.81
CA ASN C 136 -13.19 3.81 -8.97
C ASN C 136 -14.08 5.02 -8.74
N ILE C 137 -13.44 6.16 -8.51
CA ILE C 137 -14.12 7.46 -8.39
C ILE C 137 -13.38 8.46 -9.30
N HIS C 138 -14.15 9.24 -10.07
CA HIS C 138 -13.53 10.08 -11.07
C HIS C 138 -12.52 11.06 -10.46
N LEU C 139 -11.55 11.46 -11.30
CA LEU C 139 -10.47 12.32 -10.90
C LEU C 139 -10.74 13.73 -11.43
N HIS C 140 -10.68 14.71 -10.54
CA HIS C 140 -10.88 16.12 -10.89
C HIS C 140 -9.53 16.76 -11.19
N THR C 141 -9.46 17.55 -12.24
CA THR C 141 -8.26 18.36 -12.44
C THR C 141 -8.65 19.69 -13.10
N ARG C 142 -7.66 20.53 -13.37
CA ARG C 142 -7.87 21.76 -14.13
C ARG C 142 -6.82 21.85 -15.21
N LEU C 143 -7.24 22.29 -16.38
CA LEU C 143 -6.31 22.64 -17.46
C LEU C 143 -6.20 24.18 -17.47
N TYR C 144 -4.98 24.68 -17.25
CA TYR C 144 -4.63 26.08 -17.43
C TYR C 144 -3.73 26.19 -18.68
N PHE C 145 -3.29 27.40 -19.01
CA PHE C 145 -2.73 27.67 -20.34
C PHE C 145 -1.36 28.31 -20.20
N ASP C 146 -0.40 27.83 -20.98
CA ASP C 146 0.99 28.28 -20.78
C ASP C 146 1.26 29.71 -21.25
N ASP C 147 0.33 30.30 -22.01
CA ASP C 147 0.48 31.70 -22.44
C ASP C 147 -0.30 32.62 -21.52
N GLU C 148 -0.65 32.11 -20.34
CA GLU C 148 -1.26 32.94 -19.29
C GLU C 148 -0.37 32.93 -18.05
N ALA C 149 0.94 32.91 -18.24
CA ALA C 149 1.87 32.79 -17.10
C ALA C 149 1.67 33.82 -15.98
N GLN C 150 1.39 35.09 -16.32
CA GLN C 150 1.17 36.12 -15.27
C GLN C 150 -0.05 35.80 -14.40
N ALA C 151 -1.14 35.39 -15.04
CA ALA C 151 -2.37 35.01 -14.31
C ALA C 151 -2.15 33.74 -13.49
N ASN C 152 -1.44 32.76 -14.05
CA ASN C 152 -1.27 31.46 -13.43
C ASN C 152 -0.44 31.60 -12.15
N ALA C 153 0.53 32.50 -12.20
CA ALA C 153 1.40 32.77 -11.07
C ALA C 153 0.59 33.30 -9.89
N LYS C 154 -0.47 34.06 -10.16
CA LYS C 154 -1.33 34.65 -9.13
C LYS C 154 -2.59 33.84 -8.78
N CYS C 155 -2.81 32.71 -9.44
CA CYS C 155 -4.10 31.96 -9.26
C CYS C 155 -4.18 31.44 -7.85
N PRO C 156 -5.27 31.80 -7.12
CA PRO C 156 -5.40 31.33 -5.75
C PRO C 156 -5.64 29.81 -5.63
N VAL C 157 -6.00 29.15 -6.74
CA VAL C 157 -6.13 27.70 -6.77
C VAL C 157 -4.81 27.00 -7.08
N LEU C 158 -4.11 27.45 -8.13
CA LEU C 158 -2.76 26.93 -8.38
C LEU C 158 -1.88 27.08 -7.14
N ASN C 159 -2.02 28.19 -6.42
CA ASN C 159 -1.19 28.41 -5.25
C ASN C 159 -1.47 27.55 -4.02
N LEU C 160 -2.55 26.78 -4.07
CA LEU C 160 -2.84 25.81 -3.05
C LEU C 160 -2.02 24.51 -3.23
N ILE C 161 -1.40 24.35 -4.38
CA ILE C 161 -0.50 23.22 -4.64
C ILE C 161 0.87 23.55 -4.01
N GLU C 162 1.30 22.79 -3.01
CA GLU C 162 2.44 23.22 -2.16
C GLU C 162 3.75 23.33 -2.97
N GLN C 163 3.96 22.38 -3.88
CA GLN C 163 5.18 22.33 -4.69
C GLN C 163 5.07 22.94 -6.08
N PRO C 164 5.85 24.01 -6.35
CA PRO C 164 5.89 24.61 -7.67
C PRO C 164 5.99 23.60 -8.82
N GLN C 165 6.78 22.54 -8.66
CA GLN C 165 6.93 21.55 -9.72
C GLN C 165 5.58 20.89 -10.08
N ARG C 166 4.75 20.63 -9.07
CA ARG C 166 3.44 19.99 -9.33
C ARG C 166 2.47 20.94 -10.04
N ARG C 167 2.59 22.25 -9.83
CA ARG C 167 1.75 23.21 -10.55
C ARG C 167 1.94 23.08 -12.07
N GLU C 168 3.17 22.76 -12.50
CA GLU C 168 3.48 22.59 -13.93
C GLU C 168 2.67 21.50 -14.62
N THR C 169 2.24 20.48 -13.86
CA THR C 169 1.44 19.39 -14.42
C THR C 169 0.10 19.88 -14.96
N LEU C 170 -0.32 21.08 -14.55
CA LEU C 170 -1.65 21.57 -14.92
C LEU C 170 -1.60 22.59 -16.06
N ILE C 171 -0.43 22.80 -16.66
CA ILE C 171 -0.31 23.91 -17.61
C ILE C 171 -0.23 23.32 -19.00
N ALA C 172 -1.27 23.54 -19.81
CA ALA C 172 -1.36 22.99 -21.16
C ALA C 172 -0.40 23.76 -22.06
N LYS C 173 0.16 23.05 -23.04
CA LYS C 173 1.20 23.62 -23.92
C LYS C 173 0.59 24.06 -25.25
N ARG C 174 0.69 25.35 -25.55
CA ARG C 174 0.18 25.92 -26.81
C ARG C 174 0.97 25.34 -27.94
N CYS C 175 0.25 24.88 -28.96
CA CYS C 175 0.84 24.29 -30.16
C CYS C 175 -0.13 24.57 -31.32
N GLU C 176 0.12 23.92 -32.46
CA GLU C 176 -0.77 24.08 -33.62
C GLU C 176 -1.12 22.72 -34.18
N VAL C 177 -2.39 22.52 -34.49
CA VAL C 177 -2.85 21.26 -35.05
C VAL C 177 -3.53 21.60 -36.37
N ASP C 178 -2.97 21.08 -37.46
CA ASP C 178 -3.41 21.48 -38.79
C ASP C 178 -3.41 23.00 -38.97
N GLY C 179 -2.42 23.67 -38.38
CA GLY C 179 -2.28 25.10 -38.58
C GLY C 179 -3.12 25.98 -37.67
N LYS C 180 -3.89 25.37 -36.77
CA LYS C 180 -4.82 26.09 -35.89
C LYS C 180 -4.34 26.06 -34.43
N THR C 181 -4.68 27.13 -33.71
CA THR C 181 -4.24 27.27 -32.34
C THR C 181 -4.79 26.09 -31.54
N ALA C 182 -3.91 25.49 -30.74
CA ALA C 182 -4.32 24.34 -29.92
C ALA C 182 -3.52 24.36 -28.63
N TYR C 183 -3.98 23.59 -27.64
CA TYR C 183 -3.21 23.36 -26.43
C TYR C 183 -3.29 21.89 -26.15
N ARG C 184 -2.16 21.30 -25.81
CA ARG C 184 -2.07 19.89 -25.47
C ARG C 184 -2.06 19.81 -23.96
N PHE C 185 -2.89 18.92 -23.44
CA PHE C 185 -2.97 18.71 -21.99
C PHE C 185 -2.90 17.22 -21.75
N ASP C 186 -1.70 16.70 -21.57
CA ASP C 186 -1.56 15.28 -21.22
C ASP C 186 -1.78 15.07 -19.74
N ILE C 187 -2.41 13.94 -19.39
CA ILE C 187 -2.67 13.61 -18.00
C ILE C 187 -1.85 12.36 -17.63
N ARG C 188 -1.15 12.41 -16.51
CA ARG C 188 -0.42 11.25 -16.03
C ARG C 188 -1.08 10.84 -14.72
N ILE C 189 -1.75 9.70 -14.74
CA ILE C 189 -2.50 9.30 -13.54
C ILE C 189 -1.61 9.01 -12.36
N GLN C 190 -0.40 8.48 -12.60
CA GLN C 190 0.41 7.93 -11.51
C GLN C 190 1.87 7.95 -11.85
N GLY C 191 2.71 8.26 -10.87
CA GLY C 191 4.16 8.12 -11.04
C GLY C 191 4.86 9.41 -11.42
N GLU C 192 5.85 9.34 -12.28
CA GLU C 192 6.61 10.55 -12.53
C GLU C 192 5.76 11.56 -13.33
N GLY C 193 5.80 12.82 -12.93
CA GLY C 193 4.96 13.82 -13.58
C GLY C 193 3.46 13.66 -13.35
N GLU C 194 3.07 12.92 -12.30
CA GLU C 194 1.66 12.75 -11.91
C GLU C 194 0.94 14.09 -11.89
N THR C 195 -0.17 14.14 -12.61
CA THR C 195 -1.06 15.30 -12.66
C THR C 195 -1.70 15.53 -11.30
N VAL C 196 -1.72 16.79 -10.86
CA VAL C 196 -2.43 17.18 -9.63
C VAL C 196 -3.92 16.84 -9.80
N PHE C 197 -4.51 16.11 -8.85
CA PHE C 197 -5.97 15.88 -8.87
C PHE C 197 -6.55 16.50 -7.60
N PHE C 198 -7.76 17.06 -7.73
CA PHE C 198 -8.38 17.84 -6.67
C PHE C 198 -9.50 17.13 -5.97
N ASP C 199 -9.68 17.54 -4.72
CA ASP C 199 -10.88 17.20 -3.96
C ASP C 199 -11.54 18.51 -3.67
N PHE C 200 -12.84 18.56 -3.84
CA PHE C 200 -13.64 19.70 -3.42
C PHE C 200 -15.07 19.25 -3.19
N PRO D 1 -26.69 33.28 -17.00
CA PRO D 1 -25.61 32.32 -16.72
C PRO D 1 -25.64 31.87 -15.26
N ALA D 2 -24.80 30.88 -14.95
CA ALA D 2 -24.78 30.24 -13.64
C ALA D 2 -24.15 31.14 -12.56
N GLN D 3 -24.59 30.96 -11.32
CA GLN D 3 -24.10 31.75 -10.18
C GLN D 3 -23.58 30.85 -9.06
N ASP D 4 -22.60 31.34 -8.31
CA ASP D 4 -22.17 30.67 -7.10
C ASP D 4 -23.10 31.02 -5.93
N ASN D 5 -23.98 30.11 -5.56
CA ASN D 5 -24.88 30.46 -4.45
C ASN D 5 -25.12 29.32 -3.48
N SER D 6 -24.32 28.27 -3.60
CA SER D 6 -24.52 27.13 -2.73
C SER D 6 -23.21 26.43 -2.48
N ARG D 7 -23.22 25.61 -1.43
CA ARG D 7 -22.08 24.81 -1.08
C ARG D 7 -22.53 23.36 -0.94
N PHE D 8 -21.62 22.43 -1.17
CA PHE D 8 -21.98 21.01 -1.19
C PHE D 8 -21.16 20.29 -0.13
N VAL D 9 -21.83 19.45 0.62
CA VAL D 9 -21.20 18.68 1.70
C VAL D 9 -19.98 17.94 1.16
N ILE D 10 -18.88 18.02 1.90
CA ILE D 10 -17.64 17.32 1.52
C ILE D 10 -17.86 15.80 1.41
N ARG D 11 -17.28 15.21 0.37
CA ARG D 11 -17.42 13.77 0.13
C ARG D 11 -16.72 13.01 1.22
N ASP D 12 -17.27 11.86 1.59
CA ASP D 12 -16.57 10.93 2.45
C ASP D 12 -15.85 9.92 1.57
N ARG D 13 -14.54 10.11 1.42
CA ARG D 13 -13.78 9.26 0.51
C ARG D 13 -13.36 7.92 1.10
N ASN D 14 -13.83 7.64 2.33
CA ASN D 14 -13.81 6.28 2.84
C ASN D 14 -15.15 5.57 2.71
N TRP D 15 -16.20 6.32 2.35
CA TRP D 15 -17.50 5.73 2.03
C TRP D 15 -17.52 5.27 0.56
N HIS D 16 -17.16 6.18 -0.36
CA HIS D 16 -16.77 5.85 -1.73
C HIS D 16 -15.60 4.85 -1.75
N PRO D 17 -15.47 4.09 -2.86
CA PRO D 17 -14.29 3.21 -2.98
C PRO D 17 -13.04 4.09 -3.04
N LYS D 18 -11.94 3.66 -2.43
CA LYS D 18 -10.66 4.35 -2.64
C LYS D 18 -10.16 4.10 -4.05
N ALA D 19 -9.12 4.84 -4.46
CA ALA D 19 -8.56 4.67 -5.80
C ALA D 19 -7.81 3.35 -5.94
N LEU D 20 -6.97 3.02 -4.96
CA LEU D 20 -6.16 1.81 -5.01
C LEU D 20 -6.89 0.64 -4.31
N THR D 21 -7.39 -0.29 -5.10
CA THR D 21 -8.13 -1.46 -4.62
C THR D 21 -7.62 -2.65 -5.45
N PRO D 22 -6.43 -3.19 -5.09
CA PRO D 22 -5.69 -4.04 -6.01
C PRO D 22 -6.39 -5.33 -6.47
N ASP D 23 -7.40 -5.83 -5.74
CA ASP D 23 -8.16 -7.01 -6.21
C ASP D 23 -8.86 -6.70 -7.54
N TYR D 24 -9.21 -5.43 -7.73
CA TYR D 24 -9.67 -4.91 -9.01
C TYR D 24 -8.40 -4.47 -9.77
N LYS D 25 -7.89 -5.35 -10.63
CA LYS D 25 -6.48 -5.24 -11.07
C LYS D 25 -6.09 -3.97 -11.80
N THR D 26 -6.97 -3.47 -12.66
CA THR D 26 -6.68 -2.27 -13.43
C THR D 26 -6.56 -1.02 -12.56
N SER D 27 -7.13 -1.04 -11.36
CA SER D 27 -6.98 0.06 -10.42
C SER D 27 -5.54 0.29 -9.94
N ILE D 28 -4.68 -0.74 -10.03
CA ILE D 28 -3.31 -0.64 -9.51
C ILE D 28 -2.55 0.43 -10.28
N ALA D 29 -2.59 0.36 -11.60
CA ALA D 29 -1.83 1.34 -12.42
C ALA D 29 -2.59 2.64 -12.74
N ARG D 30 -3.88 2.71 -12.38
CA ARG D 30 -4.76 3.85 -12.72
C ARG D 30 -5.25 4.59 -11.49
N SER D 31 -4.52 4.49 -10.40
CA SER D 31 -4.81 5.21 -9.16
C SER D 31 -3.65 6.19 -8.89
N PRO D 32 -3.97 7.43 -8.47
CA PRO D 32 -2.86 8.35 -8.18
C PRO D 32 -2.04 7.83 -7.02
N ARG D 33 -0.77 8.17 -6.95
CA ARG D 33 0.01 7.87 -5.75
C ARG D 33 0.25 9.11 -4.88
N GLN D 34 -0.10 10.30 -5.39
CA GLN D 34 -0.03 11.50 -4.58
C GLN D 34 -1.41 11.78 -4.01
N ALA D 35 -1.44 12.45 -2.85
CA ALA D 35 -2.70 12.82 -2.25
C ALA D 35 -3.44 13.79 -3.19
N LEU D 36 -4.77 13.70 -3.20
CA LEU D 36 -5.58 14.78 -3.79
C LEU D 36 -5.29 16.11 -3.11
N VAL D 37 -5.40 17.19 -3.84
CA VAL D 37 -5.21 18.55 -3.30
C VAL D 37 -6.58 19.16 -3.02
N SER D 38 -6.88 19.47 -1.75
CA SER D 38 -8.18 20.05 -1.41
C SER D 38 -8.24 21.52 -1.83
N ILE D 39 -9.35 21.91 -2.46
CA ILE D 39 -9.55 23.31 -2.85
C ILE D 39 -10.94 23.75 -2.38
N PRO D 40 -11.09 25.04 -2.00
CA PRO D 40 -12.39 25.57 -1.66
C PRO D 40 -13.37 25.60 -2.84
N GLN D 41 -14.66 25.55 -2.54
CA GLN D 41 -15.65 25.64 -3.59
C GLN D 41 -15.73 27.08 -4.12
N SER D 42 -15.68 27.21 -5.44
CA SER D 42 -15.87 28.50 -6.14
C SER D 42 -16.97 28.26 -7.17
N ILE D 43 -17.32 29.29 -7.93
CA ILE D 43 -18.27 29.14 -9.02
C ILE D 43 -17.93 27.97 -10.00
N SER D 44 -16.63 27.69 -10.18
CA SER D 44 -16.19 26.62 -11.07
C SER D 44 -16.73 25.24 -10.66
N GLU D 45 -16.80 25.00 -9.35
CA GLU D 45 -17.19 23.70 -8.80
C GLU D 45 -18.66 23.63 -8.37
N THR D 46 -19.27 24.78 -8.08
CA THR D 46 -20.65 24.80 -7.49
C THR D 46 -21.73 25.02 -8.55
N THR D 47 -21.32 25.15 -9.81
CA THR D 47 -22.27 25.20 -10.91
C THR D 47 -22.04 23.99 -11.81
N GLY D 48 -22.97 23.78 -12.75
CA GLY D 48 -22.82 22.69 -13.71
C GLY D 48 -23.97 22.72 -14.73
N PRO D 49 -23.90 21.86 -15.75
CA PRO D 49 -24.90 21.89 -16.79
C PRO D 49 -26.28 21.49 -16.27
N ASN D 50 -27.29 22.17 -16.79
CA ASN D 50 -28.66 21.74 -16.65
C ASN D 50 -29.16 21.30 -18.01
N PHE D 51 -29.81 20.15 -18.06
CA PHE D 51 -30.20 19.55 -19.33
C PHE D 51 -31.69 19.64 -19.66
N SER D 52 -32.38 20.59 -19.03
CA SER D 52 -33.80 20.81 -19.33
C SER D 52 -34.06 21.01 -20.82
N HIS D 53 -33.12 21.63 -21.56
CA HIS D 53 -33.33 21.96 -22.98
C HIS D 53 -32.68 20.96 -23.94
N LEU D 54 -32.21 19.84 -23.43
CA LEU D 54 -31.69 18.82 -24.31
C LEU D 54 -32.91 18.13 -24.95
N GLY D 55 -32.81 17.79 -26.23
CA GLY D 55 -33.95 17.19 -26.92
C GLY D 55 -33.93 15.67 -26.77
N PHE D 56 -34.86 15.13 -25.99
CA PHE D 56 -34.95 13.67 -25.82
C PHE D 56 -35.90 13.08 -26.84
N GLY D 57 -35.45 12.02 -27.52
CA GLY D 57 -36.33 11.18 -28.33
C GLY D 57 -37.39 10.47 -27.54
N ALA D 58 -38.44 10.07 -28.25
CA ALA D 58 -39.60 9.44 -27.63
C ALA D 58 -39.29 8.18 -26.80
N HIS D 59 -38.32 7.37 -27.25
CA HIS D 59 -37.98 6.14 -26.56
C HIS D 59 -36.63 6.19 -25.85
N ASP D 60 -36.13 7.38 -25.52
CA ASP D 60 -34.76 7.48 -24.96
C ASP D 60 -34.63 6.72 -23.63
N HIS D 61 -35.75 6.62 -22.92
CA HIS D 61 -35.79 5.97 -21.59
C HIS D 61 -36.26 4.51 -21.61
N ASP D 62 -36.45 3.96 -22.80
CA ASP D 62 -37.18 2.69 -22.98
C ASP D 62 -36.35 1.78 -23.90
N LEU D 63 -35.55 0.91 -23.27
CA LEU D 63 -34.62 0.04 -23.98
C LEU D 63 -35.32 -1.12 -24.69
N LEU D 64 -36.62 -1.27 -24.42
CA LEU D 64 -37.43 -2.28 -25.12
C LEU D 64 -37.82 -1.82 -26.52
N LEU D 65 -37.80 -0.50 -26.73
CA LEU D 65 -38.19 0.07 -27.99
C LEU D 65 -37.15 0.94 -28.70
N ASN D 66 -36.07 1.30 -27.99
CA ASN D 66 -35.10 2.26 -28.58
C ASN D 66 -34.00 1.67 -29.46
N PHE D 67 -34.01 0.34 -29.61
CA PHE D 67 -33.16 -0.33 -30.58
C PHE D 67 -34.01 -1.35 -31.35
N ASN D 68 -35.10 -0.87 -31.92
CA ASN D 68 -36.09 -1.76 -32.55
C ASN D 68 -35.65 -2.13 -33.96
N ASN D 69 -35.26 -3.39 -34.13
CA ASN D 69 -34.93 -3.90 -35.44
C ASN D 69 -35.89 -5.02 -35.89
N GLY D 70 -37.17 -4.86 -35.60
CA GLY D 70 -38.19 -5.83 -36.02
C GLY D 70 -38.83 -6.63 -34.90
N GLY D 71 -38.31 -6.54 -33.68
CA GLY D 71 -38.92 -7.31 -32.59
C GLY D 71 -38.58 -6.77 -31.22
N LEU D 72 -39.04 -7.47 -30.18
CA LEU D 72 -38.74 -7.09 -28.82
C LEU D 72 -37.45 -7.79 -28.39
N PRO D 73 -36.66 -7.15 -27.48
CA PRO D 73 -35.51 -7.87 -26.92
C PRO D 73 -35.91 -9.08 -26.04
N ILE D 74 -35.06 -10.09 -26.05
CA ILE D 74 -35.29 -11.31 -25.27
C ILE D 74 -34.78 -11.04 -23.88
N GLY D 75 -35.50 -11.48 -22.83
CA GLY D 75 -35.05 -11.22 -21.46
C GLY D 75 -36.14 -10.75 -20.52
N GLU D 76 -35.76 -10.64 -19.24
CA GLU D 76 -36.71 -10.30 -18.15
C GLU D 76 -37.07 -8.80 -18.25
N ARG D 77 -38.32 -8.52 -18.65
CA ARG D 77 -38.80 -7.15 -18.80
C ARG D 77 -38.91 -6.53 -17.42
N ILE D 78 -38.26 -5.39 -17.24
CA ILE D 78 -38.26 -4.65 -15.97
C ILE D 78 -38.30 -3.13 -16.13
N ILE D 79 -39.03 -2.49 -15.22
CA ILE D 79 -38.95 -1.08 -15.01
C ILE D 79 -37.89 -0.88 -13.94
N VAL D 80 -37.00 0.08 -14.15
CA VAL D 80 -36.07 0.54 -13.11
C VAL D 80 -36.46 1.98 -12.84
N ALA D 81 -36.88 2.25 -11.63
CA ALA D 81 -37.34 3.56 -11.23
C ALA D 81 -36.78 3.95 -9.89
N GLY D 82 -36.84 5.24 -9.55
CA GLY D 82 -36.45 5.67 -8.23
C GLY D 82 -36.43 7.18 -8.15
N ARG D 83 -35.85 7.68 -7.06
CA ARG D 83 -35.83 9.11 -6.79
C ARG D 83 -34.39 9.54 -6.57
N VAL D 84 -34.04 10.72 -7.10
CA VAL D 84 -32.75 11.36 -6.83
C VAL D 84 -32.98 12.49 -5.80
N VAL D 85 -32.34 12.39 -4.64
CA VAL D 85 -32.43 13.37 -3.56
C VAL D 85 -31.00 13.73 -3.18
N ASP D 86 -30.79 14.86 -2.49
CA ASP D 86 -29.49 15.13 -1.92
C ASP D 86 -29.41 14.63 -0.48
N GLN D 87 -28.28 14.84 0.19
CA GLN D 87 -28.07 14.24 1.50
C GLN D 87 -28.97 14.85 2.58
N TYR D 88 -29.52 16.03 2.31
CA TYR D 88 -30.52 16.63 3.20
C TYR D 88 -31.92 16.07 2.99
N GLY D 89 -32.08 15.20 1.99
CA GLY D 89 -33.38 14.61 1.64
C GLY D 89 -34.13 15.45 0.60
N LYS D 90 -33.51 16.49 0.08
CA LYS D 90 -34.20 17.31 -0.93
C LYS D 90 -34.19 16.67 -2.30
N PRO D 91 -35.37 16.61 -2.96
CA PRO D 91 -35.46 16.04 -4.31
C PRO D 91 -34.60 16.86 -5.28
N VAL D 92 -34.09 16.20 -6.30
CA VAL D 92 -33.21 16.84 -7.29
C VAL D 92 -33.94 16.76 -8.60
N PRO D 93 -34.77 17.78 -8.92
CA PRO D 93 -35.61 17.70 -10.09
C PRO D 93 -34.87 18.10 -11.37
N ASN D 94 -35.44 17.69 -12.50
CA ASN D 94 -34.94 18.06 -13.82
CA ASN D 94 -34.93 18.04 -13.84
C ASN D 94 -33.44 17.79 -14.02
N THR D 95 -32.99 16.66 -13.46
CA THR D 95 -31.59 16.28 -13.50
C THR D 95 -31.40 15.12 -14.47
N LEU D 96 -30.22 15.05 -15.10
CA LEU D 96 -29.98 14.07 -16.14
C LEU D 96 -29.56 12.74 -15.53
N VAL D 97 -30.24 11.69 -15.91
CA VAL D 97 -29.92 10.34 -15.49
C VAL D 97 -29.67 9.50 -16.71
N GLU D 98 -28.44 8.97 -16.84
CA GLU D 98 -28.08 8.12 -17.97
C GLU D 98 -27.78 6.72 -17.45
N MET D 99 -28.05 5.71 -18.27
CA MET D 99 -27.80 4.34 -17.86
C MET D 99 -27.38 3.53 -19.07
N TRP D 100 -26.58 2.51 -18.85
CA TRP D 100 -26.19 1.60 -19.93
C TRP D 100 -25.86 0.23 -19.33
N GLN D 101 -25.93 -0.81 -20.15
CA GLN D 101 -25.88 -2.18 -19.61
C GLN D 101 -25.67 -3.18 -20.74
N ALA D 102 -25.33 -4.41 -20.36
CA ALA D 102 -25.27 -5.56 -21.28
C ALA D 102 -26.67 -6.08 -21.57
N ASN D 103 -26.78 -7.01 -22.53
CA ASN D 103 -28.09 -7.66 -22.77
C ASN D 103 -28.35 -8.76 -21.74
N ALA D 104 -29.44 -9.52 -21.98
CA ALA D 104 -29.89 -10.57 -21.04
C ALA D 104 -28.83 -11.63 -20.78
N GLY D 105 -27.88 -11.77 -21.70
CA GLY D 105 -26.83 -12.80 -21.60
C GLY D 105 -25.47 -12.26 -21.15
N GLY D 106 -25.42 -10.99 -20.75
CA GLY D 106 -24.14 -10.42 -20.29
C GLY D 106 -23.23 -9.97 -21.44
N ARG D 107 -23.79 -9.84 -22.65
CA ARG D 107 -23.04 -9.28 -23.78
C ARG D 107 -23.32 -7.77 -23.97
N TYR D 108 -22.24 -6.98 -24.05
CA TYR D 108 -22.32 -5.56 -24.38
C TYR D 108 -22.27 -5.35 -25.90
N ARG D 109 -23.12 -4.44 -26.39
CA ARG D 109 -23.03 -3.95 -27.75
C ARG D 109 -21.92 -2.89 -27.77
N HIS D 110 -20.67 -3.34 -27.74
CA HIS D 110 -19.53 -2.46 -27.82
C HIS D 110 -18.51 -3.26 -28.61
N LYS D 111 -17.76 -2.61 -29.50
CA LYS D 111 -16.84 -3.38 -30.35
C LYS D 111 -15.72 -4.07 -29.55
N ASN D 112 -15.45 -3.59 -28.33
CA ASN D 112 -14.38 -4.22 -27.52
C ASN D 112 -14.80 -5.44 -26.68
N ASP D 113 -16.10 -5.78 -26.68
CA ASP D 113 -16.61 -6.92 -25.92
C ASP D 113 -16.73 -8.15 -26.80
N ARG D 114 -15.87 -9.14 -26.59
CA ARG D 114 -15.83 -10.32 -27.44
C ARG D 114 -16.34 -11.56 -26.69
N TYR D 115 -17.06 -11.33 -25.58
CA TYR D 115 -17.69 -12.43 -24.87
C TYR D 115 -18.53 -13.24 -25.87
N LEU D 116 -18.52 -14.56 -25.68
CA LEU D 116 -19.09 -15.49 -26.65
C LEU D 116 -20.63 -15.53 -26.66
N ALA D 117 -21.27 -14.95 -25.63
CA ALA D 117 -22.73 -14.90 -25.59
C ALA D 117 -23.26 -13.96 -26.69
N PRO D 118 -24.36 -14.33 -27.36
CA PRO D 118 -24.71 -13.53 -28.55
C PRO D 118 -25.31 -12.17 -28.19
N LEU D 119 -25.14 -11.24 -29.12
CA LEU D 119 -25.85 -9.99 -29.07
C LEU D 119 -27.34 -10.30 -29.36
N ASP D 120 -28.22 -9.39 -28.96
CA ASP D 120 -29.65 -9.45 -29.20
C ASP D 120 -29.95 -8.41 -30.28
N PRO D 121 -30.53 -8.80 -31.44
CA PRO D 121 -30.65 -7.81 -32.52
C PRO D 121 -31.60 -6.63 -32.17
N ASN D 122 -32.41 -6.80 -31.12
CA ASN D 122 -33.36 -5.77 -30.69
C ASN D 122 -33.02 -5.08 -29.37
N PHE D 123 -31.78 -5.24 -28.94
CA PHE D 123 -31.32 -4.59 -27.71
C PHE D 123 -30.04 -3.81 -27.97
N GLY D 124 -30.10 -2.51 -27.67
CA GLY D 124 -28.96 -1.60 -27.77
C GLY D 124 -28.23 -1.54 -26.45
N GLY D 125 -28.89 -1.04 -25.41
CA GLY D 125 -28.26 -1.00 -24.10
C GLY D 125 -28.01 0.37 -23.51
N VAL D 126 -28.56 1.42 -24.10
CA VAL D 126 -28.44 2.76 -23.49
C VAL D 126 -29.79 3.44 -23.26
N GLY D 127 -29.89 4.14 -22.14
CA GLY D 127 -31.09 4.88 -21.80
C GLY D 127 -30.75 6.23 -21.19
N ARG D 128 -31.64 7.21 -21.31
CA ARG D 128 -31.47 8.48 -20.59
C ARG D 128 -32.81 9.14 -20.34
N CYS D 129 -32.88 9.98 -19.30
CA CYS D 129 -34.08 10.74 -18.97
C CYS D 129 -33.75 11.85 -17.98
N LEU D 130 -34.69 12.77 -17.76
CA LEU D 130 -34.53 13.76 -16.71
C LEU D 130 -35.44 13.32 -15.59
N THR D 131 -35.03 13.54 -14.35
CA THR D 131 -35.95 13.38 -13.20
C THR D 131 -37.09 14.38 -13.38
N ASP D 132 -38.26 14.01 -12.87
CA ASP D 132 -39.41 14.91 -12.92
C ASP D 132 -39.33 15.96 -11.82
N SER D 133 -40.37 16.79 -11.72
CA SER D 133 -40.35 17.92 -10.80
C SER D 133 -40.23 17.50 -9.34
N ASP D 134 -40.51 16.22 -9.07
CA ASP D 134 -40.38 15.62 -7.73
C ASP D 134 -39.12 14.75 -7.53
N GLY D 135 -38.20 14.77 -8.49
CA GLY D 135 -36.96 14.00 -8.37
C GLY D 135 -37.01 12.56 -8.85
N TYR D 136 -38.14 12.13 -9.41
CA TYR D 136 -38.30 10.74 -9.88
C TYR D 136 -37.89 10.52 -11.32
N TYR D 137 -37.27 9.38 -11.60
CA TYR D 137 -36.94 8.96 -12.96
C TYR D 137 -37.53 7.54 -13.19
N SER D 138 -37.60 7.14 -14.44
CA SER D 138 -37.94 5.75 -14.79
C SER D 138 -37.47 5.33 -16.17
N PHE D 139 -37.03 4.08 -16.25
CA PHE D 139 -36.57 3.48 -17.47
C PHE D 139 -37.31 2.15 -17.59
N ARG D 140 -37.39 1.64 -18.82
CA ARG D 140 -37.86 0.30 -19.04
C ARG D 140 -36.75 -0.41 -19.80
N THR D 141 -36.49 -1.67 -19.43
CA THR D 141 -35.33 -2.38 -19.95
C THR D 141 -35.48 -3.91 -19.75
N ILE D 142 -34.43 -4.64 -20.13
CA ILE D 142 -34.29 -6.06 -19.89
C ILE D 142 -33.26 -6.20 -18.75
N LYS D 143 -33.48 -7.12 -17.80
CA LYS D 143 -32.50 -7.32 -16.75
C LYS D 143 -31.19 -7.87 -17.38
N PRO D 144 -30.05 -7.19 -17.16
CA PRO D 144 -28.78 -7.65 -17.75
C PRO D 144 -28.27 -8.97 -17.12
N GLY D 145 -27.63 -9.84 -17.92
CA GLY D 145 -26.93 -11.01 -17.38
C GLY D 145 -25.53 -10.72 -16.83
N PRO D 146 -25.04 -11.60 -15.94
CA PRO D 146 -23.67 -11.51 -15.43
CA PRO D 146 -23.68 -11.46 -15.44
C PRO D 146 -22.69 -11.53 -16.58
N HIS D 147 -21.56 -10.85 -16.42
CA HIS D 147 -20.61 -10.66 -17.50
C HIS D 147 -19.27 -11.16 -17.00
N PRO D 148 -18.67 -12.17 -17.65
CA PRO D 148 -17.33 -12.58 -17.19
C PRO D 148 -16.28 -11.62 -17.74
N TRP D 149 -15.15 -11.50 -17.05
CA TRP D 149 -14.18 -10.47 -17.38
C TRP D 149 -12.81 -10.89 -16.90
N ARG D 150 -11.79 -10.37 -17.58
CA ARG D 150 -10.46 -10.87 -17.29
C ARG D 150 -9.83 -10.15 -16.14
N ASN D 151 -10.24 -10.48 -14.92
CA ASN D 151 -9.59 -9.94 -13.76
C ASN D 151 -8.87 -11.13 -13.10
N GLY D 152 -9.50 -11.74 -12.10
CA GLY D 152 -9.09 -13.08 -11.67
C GLY D 152 -9.40 -14.13 -12.75
N PRO D 153 -8.93 -15.36 -12.57
CA PRO D 153 -9.21 -16.41 -13.56
C PRO D 153 -10.71 -16.81 -13.66
N ASN D 154 -11.55 -16.49 -12.67
CA ASN D 154 -12.99 -16.84 -12.79
C ASN D 154 -13.90 -15.79 -12.19
N ASP D 155 -13.83 -14.57 -12.73
CA ASP D 155 -14.49 -13.40 -12.17
C ASP D 155 -15.68 -13.04 -13.07
N TRP D 156 -16.77 -12.62 -12.43
CA TRP D 156 -18.03 -12.43 -13.13
C TRP D 156 -18.68 -11.23 -12.52
N ARG D 157 -19.02 -10.23 -13.32
CA ARG D 157 -19.72 -9.11 -12.73
C ARG D 157 -21.10 -9.62 -12.35
N PRO D 158 -21.66 -9.21 -11.19
CA PRO D 158 -23.09 -9.42 -10.98
C PRO D 158 -23.92 -8.74 -12.09
N ALA D 159 -25.20 -9.09 -12.23
CA ALA D 159 -26.10 -8.34 -13.10
C ALA D 159 -26.00 -6.89 -12.63
N HIS D 160 -25.75 -5.98 -13.55
CA HIS D 160 -25.63 -4.57 -13.14
C HIS D 160 -26.01 -3.61 -14.26
N ILE D 161 -26.46 -2.41 -13.88
CA ILE D 161 -26.74 -1.35 -14.83
C ILE D 161 -25.88 -0.16 -14.43
N HIS D 162 -25.08 0.38 -15.36
CA HIS D 162 -24.28 1.58 -15.08
C HIS D 162 -25.18 2.78 -15.05
N PHE D 163 -24.92 3.71 -14.12
CA PHE D 163 -25.69 4.96 -13.97
C PHE D 163 -24.71 6.13 -13.96
N GLY D 164 -25.10 7.20 -14.63
CA GLY D 164 -24.48 8.52 -14.45
C GLY D 164 -25.58 9.53 -14.08
N ILE D 165 -25.32 10.37 -13.08
CA ILE D 165 -26.26 11.39 -12.59
C ILE D 165 -25.55 12.76 -12.55
N SER D 166 -26.14 13.80 -13.17
CA SER D 166 -25.46 15.11 -13.24
C SER D 166 -25.58 15.86 -11.92
N GLY D 167 -26.82 15.99 -11.44
CA GLY D 167 -27.13 16.81 -10.30
C GLY D 167 -26.90 18.29 -10.59
N PRO D 168 -26.97 19.12 -9.54
CA PRO D 168 -26.93 20.58 -9.72
C PRO D 168 -25.57 21.17 -10.04
N SER D 169 -24.49 20.40 -9.87
CA SER D 169 -23.16 20.97 -10.16
C SER D 169 -22.20 19.91 -10.59
N ILE D 170 -21.03 20.33 -11.09
CA ILE D 170 -19.97 19.36 -11.36
C ILE D 170 -19.48 18.69 -10.08
N ALA D 171 -19.70 19.35 -8.93
CA ALA D 171 -19.35 18.76 -7.63
C ALA D 171 -20.25 17.59 -7.27
N THR D 172 -21.47 17.57 -7.81
CA THR D 172 -22.43 16.50 -7.47
C THR D 172 -22.44 15.35 -8.47
N LYS D 173 -21.82 15.55 -9.64
CA LYS D 173 -21.92 14.59 -10.72
C LYS D 173 -21.32 13.26 -10.24
N LEU D 174 -21.99 12.16 -10.59
CA LEU D 174 -21.62 10.82 -10.10
C LEU D 174 -21.83 9.76 -11.16
N ILE D 175 -20.89 8.83 -11.26
CA ILE D 175 -21.10 7.59 -12.01
C ILE D 175 -21.06 6.43 -11.03
N THR D 176 -21.98 5.48 -11.18
CA THR D 176 -22.06 4.39 -10.22
C THR D 176 -22.59 3.16 -10.96
N GLN D 177 -22.92 2.09 -10.21
CA GLN D 177 -23.54 0.91 -10.78
C GLN D 177 -24.64 0.43 -9.84
N LEU D 178 -25.75 0.00 -10.43
CA LEU D 178 -26.91 -0.56 -9.75
C LEU D 178 -26.70 -2.09 -9.79
N TYR D 179 -26.94 -2.75 -8.65
CA TYR D 179 -26.96 -4.23 -8.54
C TYR D 179 -28.38 -4.64 -8.10
N PHE D 180 -28.69 -5.93 -8.18
CA PHE D 180 -30.04 -6.46 -7.96
C PHE D 180 -30.17 -7.28 -6.69
N GLU D 181 -31.20 -6.96 -5.92
CA GLU D 181 -31.52 -7.63 -4.66
C GLU D 181 -31.23 -9.16 -4.70
N GLY D 182 -30.40 -9.63 -3.78
CA GLY D 182 -30.22 -11.06 -3.58
C GLY D 182 -29.24 -11.75 -4.52
N ASP D 183 -28.65 -11.00 -5.45
CA ASP D 183 -27.72 -11.63 -6.42
C ASP D 183 -26.51 -12.20 -5.69
N PRO D 184 -26.29 -13.52 -5.77
CA PRO D 184 -25.17 -14.09 -5.01
C PRO D 184 -23.78 -13.74 -5.57
N LEU D 185 -23.71 -13.11 -6.74
CA LEU D 185 -22.39 -12.68 -7.28
C LEU D 185 -21.87 -11.41 -6.62
N ILE D 186 -22.75 -10.64 -5.99
CA ILE D 186 -22.36 -9.33 -5.40
C ILE D 186 -21.24 -9.41 -4.37
N PRO D 187 -21.32 -10.32 -3.37
CA PRO D 187 -20.21 -10.35 -2.40
C PRO D 187 -18.86 -10.77 -2.99
N MET D 188 -18.88 -11.40 -4.17
CA MET D 188 -17.69 -11.93 -4.82
C MET D 188 -16.98 -10.98 -5.78
N CYS D 189 -17.60 -9.84 -6.10
CA CYS D 189 -17.05 -8.97 -7.15
C CYS D 189 -16.03 -7.97 -6.58
N PRO D 190 -14.78 -8.00 -7.11
CA PRO D 190 -13.73 -7.05 -6.71
C PRO D 190 -14.07 -5.58 -7.00
N ILE D 191 -14.96 -5.33 -7.95
CA ILE D 191 -15.42 -3.96 -8.24
C ILE D 191 -16.46 -3.49 -7.19
N VAL D 192 -17.47 -4.31 -6.92
CA VAL D 192 -18.33 -4.09 -5.74
C VAL D 192 -17.45 -3.87 -4.51
N LYS D 193 -16.54 -4.81 -4.28
CA LYS D 193 -15.68 -4.79 -3.09
C LYS D 193 -14.60 -3.71 -3.02
N SER D 194 -14.47 -2.89 -4.07
CA SER D 194 -13.67 -1.68 -4.01
C SER D 194 -14.27 -0.74 -2.94
N ILE D 195 -15.55 -0.93 -2.65
CA ILE D 195 -16.23 -0.23 -1.57
C ILE D 195 -15.97 -1.03 -0.27
N ALA D 196 -15.30 -0.42 0.70
CA ALA D 196 -14.84 -1.10 1.91
C ALA D 196 -15.96 -1.41 2.88
N ASN D 197 -16.93 -0.51 2.97
CA ASN D 197 -17.99 -0.58 3.99
C ASN D 197 -19.22 -1.32 3.43
N PRO D 198 -19.61 -2.45 4.05
CA PRO D 198 -20.74 -3.19 3.42
C PRO D 198 -22.06 -2.42 3.37
N GLU D 199 -22.25 -1.46 4.26
CA GLU D 199 -23.45 -0.62 4.31
C GLU D 199 -23.48 0.31 3.10
N ALA D 200 -22.29 0.71 2.63
CA ALA D 200 -22.19 1.51 1.40
C ALA D 200 -22.56 0.63 0.21
N VAL D 201 -22.08 -0.61 0.22
CA VAL D 201 -22.47 -1.56 -0.83
C VAL D 201 -23.99 -1.71 -0.90
N GLN D 202 -24.64 -1.76 0.26
CA GLN D 202 -26.08 -1.93 0.33
C GLN D 202 -26.83 -0.83 -0.43
N GLN D 203 -26.26 0.38 -0.46
CA GLN D 203 -26.87 1.52 -1.08
C GLN D 203 -26.92 1.41 -2.61
N LEU D 204 -26.18 0.46 -3.17
CA LEU D 204 -26.16 0.23 -4.61
C LEU D 204 -27.07 -0.91 -5.06
N ILE D 205 -27.80 -1.52 -4.11
CA ILE D 205 -28.59 -2.69 -4.46
C ILE D 205 -30.06 -2.29 -4.65
N ALA D 206 -30.56 -2.42 -5.86
CA ALA D 206 -31.95 -2.11 -6.17
C ALA D 206 -32.84 -3.21 -5.58
N LYS D 207 -33.99 -2.80 -5.04
CA LYS D 207 -34.92 -3.74 -4.46
C LYS D 207 -36.06 -4.07 -5.43
N LEU D 208 -36.44 -5.34 -5.46
CA LEU D 208 -37.67 -5.72 -6.17
C LEU D 208 -38.84 -4.85 -5.70
N ASP D 209 -39.61 -4.31 -6.63
CA ASP D 209 -40.68 -3.36 -6.31
C ASP D 209 -41.99 -3.83 -6.96
N MET D 210 -42.71 -4.75 -6.30
CA MET D 210 -43.88 -5.38 -6.95
C MET D 210 -45.00 -4.36 -7.15
N ASN D 211 -45.01 -3.35 -6.28
CA ASN D 211 -46.00 -2.27 -6.32
C ASN D 211 -45.94 -1.49 -7.63
N ASN D 212 -44.77 -1.50 -8.25
CA ASN D 212 -44.51 -0.73 -9.47
C ASN D 212 -44.52 -1.56 -10.77
N ALA D 213 -44.81 -2.85 -10.64
CA ALA D 213 -44.80 -3.77 -11.76
C ALA D 213 -46.07 -3.61 -12.59
N ASN D 214 -46.00 -3.96 -13.87
CA ASN D 214 -47.20 -4.07 -14.70
C ASN D 214 -47.58 -5.54 -14.75
N PRO D 215 -48.69 -5.94 -14.10
CA PRO D 215 -49.06 -7.38 -14.14
C PRO D 215 -49.10 -7.98 -15.55
N MET D 216 -48.67 -9.24 -15.71
CA MET D 216 -48.69 -9.90 -17.02
C MET D 216 -47.78 -9.20 -18.06
N ASP D 217 -46.80 -8.44 -17.59
CA ASP D 217 -46.08 -7.56 -18.47
C ASP D 217 -44.60 -7.40 -18.08
N CYS D 218 -44.36 -6.71 -16.98
CA CYS D 218 -42.97 -6.43 -16.56
C CYS D 218 -42.91 -6.27 -15.07
N LEU D 219 -41.81 -6.74 -14.51
CA LEU D 219 -41.50 -6.52 -13.11
C LEU D 219 -40.88 -5.12 -12.96
N ALA D 220 -40.47 -4.77 -11.74
CA ALA D 220 -39.92 -3.44 -11.45
C ALA D 220 -38.93 -3.52 -10.31
N TYR D 221 -37.91 -2.66 -10.38
CA TYR D 221 -36.89 -2.54 -9.37
C TYR D 221 -36.83 -1.07 -9.01
N ARG D 222 -36.59 -0.81 -7.72
CA ARG D 222 -36.49 0.57 -7.20
C ARG D 222 -35.03 0.87 -6.84
N PHE D 223 -34.51 1.99 -7.34
CA PHE D 223 -33.11 2.35 -7.07
C PHE D 223 -33.06 3.86 -6.80
N ASP D 224 -32.93 4.25 -5.54
CA ASP D 224 -32.85 5.68 -5.20
C ASP D 224 -31.39 6.08 -5.12
N ILE D 225 -31.14 7.34 -5.45
CA ILE D 225 -29.78 7.87 -5.57
C ILE D 225 -29.70 9.11 -4.69
N VAL D 226 -28.62 9.23 -3.92
CA VAL D 226 -28.40 10.36 -3.04
C VAL D 226 -27.15 11.13 -3.50
N LEU D 227 -27.33 12.39 -3.90
CA LEU D 227 -26.19 13.28 -4.25
C LEU D 227 -25.80 14.14 -3.07
N ARG D 228 -24.61 14.74 -3.15
CA ARG D 228 -24.13 15.58 -2.06
C ARG D 228 -25.15 16.61 -1.65
N GLY D 229 -25.27 16.80 -0.35
CA GLY D 229 -26.22 17.78 0.19
C GLY D 229 -25.82 19.17 -0.24
N GLN D 230 -26.82 19.95 -0.66
CA GLN D 230 -26.61 21.34 -1.10
C GLN D 230 -27.15 22.30 -0.05
N ARG D 231 -26.35 23.30 0.32
CA ARG D 231 -26.82 24.30 1.28
C ARG D 231 -26.49 25.70 0.79
N LYS D 232 -27.13 26.70 1.38
CA LYS D 232 -26.81 28.10 1.08
C LYS D 232 -25.45 28.41 1.70
N THR D 233 -24.76 29.41 1.13
CA THR D 233 -23.55 29.93 1.79
C THR D 233 -23.98 30.65 3.07
N HIS D 234 -23.07 30.80 4.03
CA HIS D 234 -23.33 31.57 5.25
C HIS D 234 -22.03 32.06 5.85
N PHE D 235 -22.05 33.32 6.31
CA PHE D 235 -20.93 33.96 7.01
C PHE D 235 -19.62 33.91 6.21
N GLU D 236 -19.70 34.05 4.89
CA GLU D 236 -18.46 34.05 4.10
C GLU D 236 -17.92 35.46 3.84
N ASN D 237 -16.59 35.59 3.89
CA ASN D 237 -15.88 36.87 3.65
C ASN D 237 -16.13 37.94 4.73
N CYS D 238 -16.48 37.47 5.94
CA CYS D 238 -16.80 38.34 7.08
C CYS D 238 -16.46 37.63 8.41
N PRO E 1 -23.84 -19.74 -1.72
CA PRO E 1 -23.15 -20.45 -2.80
C PRO E 1 -22.44 -21.68 -2.26
N ILE E 2 -21.98 -22.53 -3.18
CA ILE E 2 -21.27 -23.75 -2.84
C ILE E 2 -19.85 -23.37 -2.41
N GLU E 3 -19.50 -23.80 -1.21
CA GLU E 3 -18.16 -23.54 -0.66
C GLU E 3 -17.50 -24.89 -0.38
N LEU E 4 -16.32 -25.10 -0.97
CA LEU E 4 -15.59 -26.37 -0.83
C LEU E 4 -14.68 -26.31 0.40
N LEU E 5 -13.95 -27.38 0.70
CA LEU E 5 -12.91 -27.27 1.72
C LEU E 5 -11.92 -26.18 1.27
N PRO E 6 -11.49 -25.28 2.17
CA PRO E 6 -10.48 -24.31 1.75
C PRO E 6 -9.12 -24.95 1.51
N GLU E 7 -8.36 -24.47 0.52
CA GLU E 7 -6.97 -24.94 0.30
C GLU E 7 -6.09 -24.59 1.50
N THR E 8 -5.15 -25.46 1.82
CA THR E 8 -4.14 -25.16 2.84
C THR E 8 -3.41 -23.91 2.36
N PRO E 9 -3.31 -22.87 3.22
CA PRO E 9 -2.71 -21.63 2.75
C PRO E 9 -1.18 -21.76 2.57
N SER E 10 -0.64 -21.03 1.58
CA SER E 10 0.79 -21.03 1.30
C SER E 10 1.55 -20.32 2.41
N GLN E 11 2.84 -20.63 2.56
CA GLN E 11 3.74 -19.82 3.41
C GLN E 11 5.06 -19.75 2.67
N THR E 12 5.89 -18.76 3.02
CA THR E 12 7.23 -18.64 2.44
C THR E 12 8.01 -19.95 2.58
N ALA E 13 8.83 -20.24 1.59
CA ALA E 13 9.76 -21.37 1.69
C ALA E 13 10.90 -21.08 2.68
N GLY E 14 11.14 -19.80 2.95
CA GLY E 14 12.20 -19.37 3.90
C GLY E 14 13.63 -19.48 3.33
N PRO E 15 14.60 -18.87 4.00
CA PRO E 15 16.01 -18.80 3.57
C PRO E 15 16.71 -20.14 3.55
N TYR E 16 16.23 -21.10 4.33
CA TYR E 16 16.91 -22.42 4.44
C TYR E 16 16.22 -23.55 3.65
N VAL E 17 15.43 -23.15 2.63
CA VAL E 17 14.69 -24.07 1.77
C VAL E 17 15.60 -25.13 1.15
N HIS E 18 16.85 -24.76 0.89
CA HIS E 18 17.80 -25.67 0.26
C HIS E 18 18.01 -26.93 1.07
N ILE E 19 17.87 -26.85 2.39
CA ILE E 19 18.11 -28.03 3.20
C ILE E 19 17.09 -29.13 2.95
N GLY E 20 15.88 -28.74 2.56
CA GLY E 20 14.84 -29.69 2.21
C GLY E 20 14.79 -30.03 0.74
N LEU E 21 15.17 -29.08 -0.12
CA LEU E 21 14.86 -29.20 -1.55
C LEU E 21 16.04 -29.00 -2.52
N ALA E 22 17.20 -28.65 -2.00
CA ALA E 22 18.40 -28.46 -2.84
C ALA E 22 19.60 -28.75 -1.97
N LEU E 23 19.77 -30.03 -1.62
CA LEU E 23 20.66 -30.45 -0.53
C LEU E 23 22.14 -29.97 -0.63
N GLU E 24 22.77 -30.14 -1.79
CA GLU E 24 24.12 -29.59 -2.05
C GLU E 24 24.23 -28.13 -1.57
N ALA E 25 23.34 -27.29 -2.11
CA ALA E 25 23.34 -25.84 -1.85
C ALA E 25 23.35 -25.47 -0.34
N ALA E 26 22.69 -26.29 0.49
CA ALA E 26 22.65 -26.06 1.94
C ALA E 26 24.00 -26.25 2.65
N GLY E 27 24.93 -26.86 1.92
CA GLY E 27 26.19 -27.33 2.50
C GLY E 27 26.02 -28.73 3.07
N ASN E 28 25.12 -29.51 2.46
CA ASN E 28 24.70 -30.79 3.04
C ASN E 28 24.86 -32.01 2.11
N PRO E 29 25.08 -33.20 2.69
CA PRO E 29 25.20 -34.40 1.87
C PRO E 29 23.89 -34.77 1.13
N THR E 30 24.03 -35.29 -0.08
CA THR E 30 22.84 -35.68 -0.84
C THR E 30 22.45 -37.13 -0.58
N ARG E 31 21.20 -37.46 -0.90
CA ARG E 31 20.72 -38.82 -0.83
C ARG E 31 21.00 -39.50 -2.20
N ASP E 32 20.68 -40.78 -2.30
CA ASP E 32 20.91 -41.53 -3.53
C ASP E 32 20.26 -40.90 -4.78
N GLN E 33 19.00 -40.49 -4.66
CA GLN E 33 18.27 -39.90 -5.78
C GLN E 33 17.79 -38.51 -5.40
N GLU E 34 18.12 -37.51 -6.22
CA GLU E 34 17.69 -36.14 -5.98
C GLU E 34 17.02 -35.60 -7.22
N ILE E 35 16.01 -34.74 -7.02
CA ILE E 35 15.37 -34.07 -8.13
C ILE E 35 16.15 -32.80 -8.39
N TRP E 36 16.84 -32.73 -9.53
CA TRP E 36 17.72 -31.57 -9.75
C TRP E 36 17.62 -30.91 -11.13
N ASN E 37 18.71 -30.27 -11.58
CA ASN E 37 18.66 -29.33 -12.70
C ASN E 37 19.05 -29.89 -14.06
N ARG E 38 19.12 -31.22 -14.17
CA ARG E 38 19.41 -31.85 -15.46
C ARG E 38 18.19 -32.61 -15.96
N LEU E 39 17.43 -31.99 -16.85
CA LEU E 39 16.20 -32.60 -17.38
C LEU E 39 16.48 -33.56 -18.54
N ALA E 40 17.67 -33.44 -19.14
CA ALA E 40 18.04 -34.23 -20.31
C ALA E 40 19.42 -34.80 -20.16
N LYS E 41 19.51 -36.12 -20.27
CA LYS E 41 20.79 -36.81 -20.44
C LYS E 41 21.30 -36.50 -21.85
N PRO E 42 22.64 -36.59 -22.07
CA PRO E 42 23.15 -36.19 -23.40
C PRO E 42 22.51 -36.92 -24.60
N ASP E 43 21.87 -38.06 -24.35
CA ASP E 43 21.26 -38.86 -25.42
C ASP E 43 19.82 -38.48 -25.82
N ALA E 44 19.24 -37.52 -25.11
CA ALA E 44 17.83 -37.17 -25.35
C ALA E 44 17.68 -36.53 -26.72
N PRO E 45 16.60 -36.89 -27.44
CA PRO E 45 16.20 -36.19 -28.67
C PRO E 45 15.92 -34.70 -28.40
N GLY E 46 16.22 -33.87 -29.41
CA GLY E 46 15.93 -32.45 -29.32
C GLY E 46 17.19 -31.62 -29.26
N GLU E 47 17.04 -30.30 -29.27
CA GLU E 47 18.18 -29.44 -29.27
C GLU E 47 18.58 -29.19 -27.82
N HIS E 48 19.78 -29.64 -27.47
CA HIS E 48 20.29 -29.49 -26.11
C HIS E 48 20.69 -28.04 -25.79
N ILE E 49 20.16 -27.52 -24.68
CA ILE E 49 20.34 -26.11 -24.31
C ILE E 49 20.70 -25.92 -22.83
N LEU E 50 21.59 -24.98 -22.56
CA LEU E 50 21.82 -24.52 -21.20
C LEU E 50 20.92 -23.31 -20.96
N LEU E 51 20.21 -23.33 -19.84
CA LEU E 51 19.43 -22.16 -19.41
C LEU E 51 20.07 -21.58 -18.16
N LEU E 52 20.06 -20.26 -18.04
CA LEU E 52 20.62 -19.61 -16.86
C LEU E 52 19.95 -18.27 -16.63
N GLY E 53 20.08 -17.74 -15.42
CA GLY E 53 19.38 -16.51 -15.06
C GLY E 53 19.74 -16.04 -13.68
N GLN E 54 19.48 -14.76 -13.46
CA GLN E 54 19.55 -14.19 -12.13
C GLN E 54 18.18 -13.59 -11.75
N VAL E 55 17.99 -13.39 -10.45
CA VAL E 55 16.69 -12.98 -9.92
C VAL E 55 16.90 -11.71 -9.13
N TYR E 56 16.13 -10.67 -9.45
CA TYR E 56 16.34 -9.37 -8.79
C TYR E 56 15.13 -8.92 -7.99
N ASP E 57 15.38 -8.31 -6.83
CA ASP E 57 14.29 -7.74 -6.03
C ASP E 57 13.93 -6.33 -6.51
N GLY E 58 13.01 -5.66 -5.83
CA GLY E 58 12.54 -4.33 -6.26
C GLY E 58 13.56 -3.19 -6.15
N ASN E 59 14.67 -3.45 -5.49
CA ASN E 59 15.76 -2.50 -5.40
C ASN E 59 16.88 -2.84 -6.39
N GLY E 60 16.63 -3.81 -7.27
CA GLY E 60 17.61 -4.22 -8.27
C GLY E 60 18.73 -5.07 -7.68
N HIS E 61 18.54 -5.57 -6.46
CA HIS E 61 19.55 -6.38 -5.83
C HIS E 61 19.28 -7.87 -6.03
N LEU E 62 20.35 -8.64 -6.19
CA LEU E 62 20.24 -10.07 -6.46
C LEU E 62 19.50 -10.84 -5.33
N VAL E 63 18.62 -11.75 -5.72
CA VAL E 63 17.93 -12.64 -4.76
C VAL E 63 18.72 -13.93 -4.74
N ARG E 64 19.56 -14.08 -3.71
CA ARG E 64 20.57 -15.14 -3.72
C ARG E 64 20.07 -16.42 -3.13
N ASP E 65 18.87 -16.42 -2.58
CA ASP E 65 18.29 -17.61 -1.96
C ASP E 65 17.04 -18.15 -2.69
N SER E 66 16.92 -17.88 -4.01
CA SER E 66 15.79 -18.33 -4.83
CA SER E 66 15.77 -18.35 -4.76
C SER E 66 15.85 -19.84 -5.07
N PHE E 67 14.68 -20.46 -5.14
CA PHE E 67 14.51 -21.85 -5.50
C PHE E 67 13.51 -21.87 -6.66
N LEU E 68 13.84 -22.57 -7.75
CA LEU E 68 13.00 -22.60 -8.93
C LEU E 68 12.60 -24.02 -9.31
N GLU E 69 11.34 -24.21 -9.70
CA GLU E 69 10.85 -25.45 -10.21
C GLU E 69 10.35 -25.20 -11.63
N VAL E 70 10.67 -26.15 -12.52
CA VAL E 70 10.34 -26.01 -13.95
C VAL E 70 9.63 -27.21 -14.48
N TRP E 71 8.81 -26.99 -15.49
CA TRP E 71 7.96 -28.02 -16.06
C TRP E 71 7.84 -27.70 -17.56
N GLN E 72 8.24 -28.66 -18.40
CA GLN E 72 8.31 -28.38 -19.81
C GLN E 72 8.06 -29.63 -20.65
N ALA E 73 7.57 -29.44 -21.87
CA ALA E 73 7.38 -30.56 -22.79
C ALA E 73 8.76 -31.05 -23.29
N ASP E 74 8.86 -32.32 -23.72
CA ASP E 74 10.07 -32.79 -24.42
C ASP E 74 10.14 -32.09 -25.79
N ALA E 75 11.19 -32.37 -26.55
CA ALA E 75 11.31 -31.83 -27.93
C ALA E 75 10.10 -32.09 -28.84
N ASN E 76 9.40 -33.20 -28.61
CA ASN E 76 8.20 -33.50 -29.44
C ASN E 76 6.90 -32.84 -28.96
N GLY E 77 6.98 -31.95 -27.98
CA GLY E 77 5.78 -31.28 -27.47
C GLY E 77 4.87 -32.17 -26.62
N GLU E 78 5.46 -33.14 -25.94
CA GLU E 78 4.71 -33.96 -24.98
C GLU E 78 5.28 -33.87 -23.57
N TYR E 79 4.39 -33.70 -22.59
CA TYR E 79 4.74 -33.69 -21.17
C TYR E 79 4.95 -35.09 -20.63
N GLN E 80 6.09 -35.28 -19.99
CA GLN E 80 6.46 -36.60 -19.50
C GLN E 80 6.38 -36.59 -17.97
N ASP E 81 5.31 -37.15 -17.41
CA ASP E 81 5.13 -37.05 -15.95
C ASP E 81 5.73 -38.20 -15.12
N ALA E 82 6.09 -39.30 -15.78
CA ALA E 82 6.71 -40.43 -15.07
C ALA E 82 8.15 -40.10 -14.71
N TYR E 83 8.32 -39.37 -13.59
CA TYR E 83 9.63 -38.94 -13.16
C TYR E 83 10.50 -40.14 -12.74
N ASN E 84 11.71 -40.20 -13.27
CA ASN E 84 12.61 -41.35 -13.08
C ASN E 84 14.01 -40.93 -13.50
N LEU E 85 15.00 -41.01 -12.61
CA LEU E 85 16.34 -40.53 -12.98
C LEU E 85 17.03 -41.39 -14.04
N GLU E 86 16.40 -42.50 -14.41
CA GLU E 86 16.90 -43.35 -15.50
C GLU E 86 16.51 -42.82 -16.87
N ASN E 87 15.43 -42.02 -16.95
CA ASN E 87 14.90 -41.50 -18.21
C ASN E 87 15.91 -40.65 -18.96
N ALA E 88 15.88 -40.69 -20.29
CA ALA E 88 16.74 -39.79 -21.06
C ALA E 88 16.24 -38.36 -20.87
N PHE E 89 14.93 -38.24 -20.65
CA PHE E 89 14.30 -36.93 -20.43
C PHE E 89 13.26 -36.96 -19.31
N ASN E 90 13.32 -35.94 -18.45
CA ASN E 90 12.24 -35.63 -17.49
C ASN E 90 11.67 -34.24 -17.72
N SER E 91 10.34 -34.09 -17.68
CA SER E 91 9.72 -32.78 -17.92
C SER E 91 9.82 -31.84 -16.71
N PHE E 92 10.20 -32.41 -15.56
CA PHE E 92 10.29 -31.65 -14.33
C PHE E 92 11.74 -31.54 -13.87
N GLY E 93 12.10 -30.36 -13.33
CA GLY E 93 13.41 -30.16 -12.70
C GLY E 93 13.41 -29.05 -11.67
N ARG E 94 14.51 -28.92 -10.93
CA ARG E 94 14.64 -27.94 -9.87
C ARG E 94 16.00 -27.33 -9.97
N THR E 95 16.11 -26.05 -9.59
CA THR E 95 17.39 -25.36 -9.53
C THR E 95 17.33 -24.24 -8.47
N ALA E 96 18.46 -23.56 -8.25
CA ALA E 96 18.58 -22.60 -7.16
C ALA E 96 19.69 -21.62 -7.49
N THR E 97 19.58 -20.40 -6.98
CA THR E 97 20.64 -19.41 -7.20
C THR E 97 21.80 -19.61 -6.22
N THR E 98 23.04 -19.66 -6.74
CA THR E 98 24.26 -19.70 -5.92
C THR E 98 24.25 -18.48 -4.98
N PHE E 99 24.68 -18.67 -3.73
CA PHE E 99 24.68 -17.58 -2.74
C PHE E 99 25.72 -16.51 -3.08
N ASP E 100 26.79 -16.97 -3.75
CA ASP E 100 27.92 -16.15 -4.21
C ASP E 100 27.62 -15.23 -5.41
N ALA E 101 27.21 -15.82 -6.54
CA ALA E 101 26.97 -15.09 -7.80
C ALA E 101 25.49 -14.77 -8.08
N GLY E 102 24.60 -15.57 -7.48
CA GLY E 102 23.15 -15.46 -7.69
C GLY E 102 22.63 -16.06 -8.98
N GLU E 103 23.38 -16.93 -9.63
CA GLU E 103 22.98 -17.44 -10.94
C GLU E 103 22.48 -18.89 -10.84
N TRP E 104 21.33 -19.20 -11.44
CA TRP E 104 20.88 -20.59 -11.52
C TRP E 104 21.18 -21.11 -12.92
N THR E 105 21.27 -22.44 -13.06
CA THR E 105 21.39 -23.08 -14.37
C THR E 105 20.49 -24.32 -14.48
N LEU E 106 20.00 -24.58 -15.69
CA LEU E 106 19.27 -25.80 -16.03
C LEU E 106 19.93 -26.39 -17.29
N HIS E 107 19.88 -27.71 -17.41
CA HIS E 107 20.37 -28.41 -18.62
C HIS E 107 19.20 -29.19 -19.15
N THR E 108 18.74 -28.85 -20.35
CA THR E 108 17.48 -29.39 -20.89
C THR E 108 17.49 -29.44 -22.44
N VAL E 109 16.33 -29.71 -23.04
CA VAL E 109 16.19 -29.59 -24.50
C VAL E 109 15.13 -28.55 -24.76
N LYS E 110 15.16 -27.91 -25.93
CA LYS E 110 14.13 -26.92 -26.27
C LYS E 110 12.81 -27.65 -26.39
N PRO E 111 11.76 -27.20 -25.65
CA PRO E 111 10.46 -27.89 -25.77
C PRO E 111 9.78 -27.67 -27.11
N GLY E 112 9.05 -28.68 -27.54
CA GLY E 112 8.23 -28.57 -28.74
C GLY E 112 6.95 -27.84 -28.42
N VAL E 113 6.22 -27.48 -29.49
CA VAL E 113 4.97 -26.76 -29.39
C VAL E 113 3.85 -27.61 -28.77
N VAL E 114 3.08 -26.99 -27.88
CA VAL E 114 1.91 -27.60 -27.24
C VAL E 114 0.64 -26.75 -27.51
N ASN E 115 -0.48 -27.41 -27.79
CA ASN E 115 -1.73 -26.68 -28.02
C ASN E 115 -2.40 -26.32 -26.68
N ASN E 116 -3.06 -25.16 -26.64
CA ASN E 116 -3.91 -24.82 -25.51
C ASN E 116 -5.23 -25.65 -25.55
N ALA E 117 -6.14 -25.38 -24.62
CA ALA E 117 -7.35 -26.18 -24.46
C ALA E 117 -8.32 -26.00 -25.63
N ALA E 118 -8.22 -24.84 -26.31
CA ALA E 118 -9.00 -24.52 -27.52
C ALA E 118 -8.32 -25.02 -28.81
N GLY E 119 -7.19 -25.71 -28.67
CA GLY E 119 -6.46 -26.23 -29.83
C GLY E 119 -5.51 -25.28 -30.54
N VAL E 120 -5.35 -24.09 -30.00
CA VAL E 120 -4.43 -23.11 -30.56
C VAL E 120 -2.99 -23.39 -30.08
N PRO E 121 -2.02 -23.48 -31.01
CA PRO E 121 -0.61 -23.68 -30.64
C PRO E 121 -0.04 -22.57 -29.73
N MET E 122 0.65 -22.95 -28.65
CA MET E 122 1.42 -22.02 -27.82
C MET E 122 2.87 -22.06 -28.28
N ALA E 123 3.56 -20.94 -28.15
CA ALA E 123 4.97 -20.84 -28.50
C ALA E 123 5.74 -21.70 -27.50
N PRO E 124 6.87 -22.29 -27.91
CA PRO E 124 7.72 -23.09 -27.02
C PRO E 124 7.96 -22.36 -25.70
N HIS E 125 7.70 -23.03 -24.58
CA HIS E 125 7.81 -22.42 -23.25
C HIS E 125 8.19 -23.40 -22.16
N ILE E 126 8.85 -22.88 -21.15
CA ILE E 126 9.07 -23.61 -19.91
C ILE E 126 8.28 -22.92 -18.79
N ASN E 127 7.48 -23.70 -18.08
CA ASN E 127 6.74 -23.20 -16.92
C ASN E 127 7.67 -23.15 -15.72
N ILE E 128 7.69 -22.01 -15.01
CA ILE E 128 8.58 -21.77 -13.89
C ILE E 128 7.74 -21.39 -12.66
N SER E 129 8.08 -21.97 -11.50
CA SER E 129 7.54 -21.50 -10.21
C SER E 129 8.71 -21.05 -9.36
N LEU E 130 8.61 -19.82 -8.85
CA LEU E 130 9.70 -19.24 -8.10
C LEU E 130 9.35 -19.08 -6.62
N PHE E 131 10.24 -19.58 -5.76
CA PHE E 131 10.07 -19.60 -4.30
C PHE E 131 11.26 -18.92 -3.64
N ALA E 132 11.03 -18.25 -2.51
CA ALA E 132 12.14 -17.68 -1.76
C ALA E 132 11.64 -17.08 -0.46
N ARG E 133 12.58 -16.87 0.47
CA ARG E 133 12.43 -15.89 1.54
C ARG E 133 11.76 -14.62 1.01
N GLY E 134 10.72 -14.17 1.71
CA GLY E 134 9.99 -12.97 1.31
C GLY E 134 8.90 -13.17 0.28
N ILE E 135 8.83 -14.36 -0.32
CA ILE E 135 7.80 -14.69 -1.29
C ILE E 135 6.80 -15.59 -0.56
N ASN E 136 5.63 -15.04 -0.24
CA ASN E 136 4.63 -15.76 0.57
C ASN E 136 3.88 -16.87 -0.18
N ILE E 137 3.61 -16.65 -1.46
CA ILE E 137 3.08 -17.69 -2.29
C ILE E 137 3.91 -17.63 -3.58
N HIS E 138 4.30 -18.80 -4.08
CA HIS E 138 5.19 -18.83 -5.27
C HIS E 138 4.69 -18.07 -6.48
N LEU E 139 5.63 -17.59 -7.29
CA LEU E 139 5.28 -16.80 -8.47
C LEU E 139 5.40 -17.68 -9.68
N HIS E 140 4.33 -17.73 -10.48
CA HIS E 140 4.33 -18.47 -11.77
C HIS E 140 4.77 -17.59 -12.92
N THR E 141 5.68 -18.08 -13.76
CA THR E 141 5.96 -17.35 -15.00
C THR E 141 6.22 -18.32 -16.15
N ARG E 142 6.49 -17.80 -17.34
CA ARG E 142 6.92 -18.66 -18.46
C ARG E 142 8.18 -18.12 -19.09
N LEU E 143 9.05 -19.05 -19.51
CA LEU E 143 10.25 -18.69 -20.26
C LEU E 143 9.99 -19.06 -21.71
N TYR E 144 9.92 -18.07 -22.59
CA TYR E 144 9.88 -18.29 -24.04
C TYR E 144 11.24 -17.92 -24.65
N PHE E 145 11.37 -18.07 -25.96
CA PHE E 145 12.70 -18.06 -26.58
C PHE E 145 12.75 -17.01 -27.66
N ASP E 146 13.79 -16.17 -27.65
CA ASP E 146 13.88 -15.06 -28.61
C ASP E 146 14.05 -15.47 -30.07
N ASP E 147 14.44 -16.73 -30.32
CA ASP E 147 14.56 -17.26 -31.68
C ASP E 147 13.28 -17.96 -32.15
N GLU E 148 12.18 -17.70 -31.45
CA GLU E 148 10.86 -18.18 -31.87
C GLU E 148 9.94 -16.99 -32.10
N ALA E 149 10.46 -15.93 -32.72
CA ALA E 149 9.69 -14.70 -32.82
C ALA E 149 8.32 -14.90 -33.45
N GLN E 150 8.24 -15.69 -34.55
CA GLN E 150 6.96 -15.89 -35.25
C GLN E 150 5.94 -16.58 -34.37
N ALA E 151 6.38 -17.62 -33.66
CA ALA E 151 5.45 -18.33 -32.77
C ALA E 151 5.07 -17.49 -31.53
N ASN E 152 6.03 -16.77 -30.94
CA ASN E 152 5.74 -15.86 -29.81
C ASN E 152 4.64 -14.83 -30.17
N ALA E 153 4.76 -14.24 -31.35
CA ALA E 153 3.77 -13.25 -31.80
C ALA E 153 2.36 -13.82 -31.81
N LYS E 154 2.25 -15.11 -32.08
CA LYS E 154 0.95 -15.80 -32.19
C LYS E 154 0.49 -16.56 -30.92
N CYS E 155 1.31 -16.58 -29.88
CA CYS E 155 0.97 -17.38 -28.67
C CYS E 155 -0.30 -16.86 -28.00
N PRO E 156 -1.30 -17.75 -27.80
CA PRO E 156 -2.53 -17.29 -27.10
C PRO E 156 -2.30 -16.85 -25.63
N VAL E 157 -1.23 -17.35 -25.03
CA VAL E 157 -0.90 -16.98 -23.65
C VAL E 157 -0.21 -15.62 -23.60
N LEU E 158 0.83 -15.45 -24.41
CA LEU E 158 1.51 -14.16 -24.54
C LEU E 158 0.49 -13.04 -24.83
N ASN E 159 -0.46 -13.32 -25.71
CA ASN E 159 -1.43 -12.32 -26.14
C ASN E 159 -2.49 -11.98 -25.08
N LEU E 160 -2.49 -12.70 -23.96
CA LEU E 160 -3.30 -12.31 -22.83
C LEU E 160 -2.63 -11.22 -21.99
N ILE E 161 -1.33 -10.97 -22.22
CA ILE E 161 -0.65 -9.82 -21.58
C ILE E 161 -1.02 -8.53 -22.35
N GLU E 162 -1.74 -7.61 -21.69
CA GLU E 162 -2.38 -6.48 -22.40
C GLU E 162 -1.39 -5.53 -23.08
N GLN E 163 -0.25 -5.26 -22.42
CA GLN E 163 0.78 -4.37 -22.97
C GLN E 163 1.91 -5.14 -23.62
N PRO E 164 2.14 -4.93 -24.94
CA PRO E 164 3.24 -5.55 -25.68
C PRO E 164 4.60 -5.47 -24.98
N GLN E 165 4.87 -4.35 -24.30
CA GLN E 165 6.13 -4.11 -23.60
C GLN E 165 6.37 -5.18 -22.56
N ARG E 166 5.30 -5.58 -21.85
CA ARG E 166 5.44 -6.55 -20.76
C ARG E 166 5.70 -7.95 -21.30
N ARG E 167 5.20 -8.24 -22.51
CA ARG E 167 5.45 -9.54 -23.17
C ARG E 167 6.95 -9.80 -23.28
N GLU E 168 7.73 -8.74 -23.51
CA GLU E 168 9.20 -8.85 -23.63
C GLU E 168 9.88 -9.43 -22.40
N THR E 169 9.28 -9.23 -21.22
CA THR E 169 9.90 -9.71 -19.98
C THR E 169 9.99 -11.24 -19.91
N LEU E 170 9.23 -11.93 -20.76
CA LEU E 170 9.19 -13.39 -20.80
C LEU E 170 10.02 -14.04 -21.94
N ILE E 171 10.76 -13.23 -22.71
CA ILE E 171 11.58 -13.75 -23.81
C ILE E 171 13.05 -13.91 -23.40
N ALA E 172 13.49 -15.15 -23.24
CA ALA E 172 14.87 -15.46 -22.93
C ALA E 172 15.79 -15.14 -24.14
N LYS E 173 17.00 -14.69 -23.81
CA LYS E 173 18.01 -14.24 -24.79
C LYS E 173 19.02 -15.34 -25.15
N ARG E 174 19.03 -15.73 -26.43
CA ARG E 174 19.97 -16.72 -26.95
C ARG E 174 21.36 -16.14 -26.94
N CYS E 175 22.31 -16.94 -26.43
CA CYS E 175 23.73 -16.63 -26.47
C CYS E 175 24.49 -17.96 -26.68
N GLU E 176 25.80 -17.91 -26.48
CA GLU E 176 26.62 -19.11 -26.45
C GLU E 176 27.44 -19.15 -25.16
N VAL E 177 27.40 -20.27 -24.45
CA VAL E 177 28.26 -20.48 -23.28
C VAL E 177 29.19 -21.66 -23.57
N ASP E 178 30.49 -21.36 -23.70
CA ASP E 178 31.51 -22.37 -24.04
C ASP E 178 31.14 -23.22 -25.26
N GLY E 179 30.84 -22.54 -26.37
CA GLY E 179 30.50 -23.23 -27.61
C GLY E 179 29.10 -23.78 -27.71
N LYS E 180 28.41 -23.94 -26.57
CA LYS E 180 27.04 -24.52 -26.52
C LYS E 180 25.93 -23.46 -26.47
N THR E 181 24.85 -23.72 -27.21
CA THR E 181 23.65 -22.87 -27.21
C THR E 181 23.10 -22.70 -25.79
N ALA E 182 22.84 -21.45 -25.42
CA ALA E 182 22.32 -21.10 -24.10
C ALA E 182 21.28 -19.97 -24.24
N TYR E 183 20.43 -19.81 -23.23
CA TYR E 183 19.49 -18.69 -23.13
C TYR E 183 19.54 -18.14 -21.70
N ARG E 184 19.64 -16.82 -21.60
CA ARG E 184 19.60 -16.15 -20.30
C ARG E 184 18.15 -15.74 -20.02
N PHE E 185 17.69 -16.04 -18.82
CA PHE E 185 16.36 -15.62 -18.42
C PHE E 185 16.39 -14.99 -17.03
N ASP E 186 16.51 -13.66 -16.99
CA ASP E 186 16.50 -12.95 -15.71
C ASP E 186 15.08 -12.64 -15.34
N ILE E 187 14.81 -12.73 -14.04
CA ILE E 187 13.51 -12.41 -13.48
C ILE E 187 13.67 -11.19 -12.57
N ARG E 188 12.80 -10.18 -12.75
CA ARG E 188 12.74 -9.02 -11.87
C ARG E 188 11.39 -9.14 -11.17
N ILE E 189 11.42 -9.38 -9.87
CA ILE E 189 10.19 -9.62 -9.09
C ILE E 189 9.38 -8.33 -9.03
N GLN E 190 10.06 -7.19 -9.03
CA GLN E 190 9.39 -5.92 -8.73
C GLN E 190 10.00 -4.71 -9.41
N GLY E 191 9.16 -3.78 -9.86
CA GLY E 191 9.62 -2.45 -10.29
C GLY E 191 9.90 -2.37 -11.78
N GLU E 192 10.97 -1.67 -12.18
CA GLU E 192 11.29 -1.51 -13.60
C GLU E 192 11.52 -2.85 -14.27
N GLY E 193 10.87 -3.09 -15.41
CA GLY E 193 11.03 -4.35 -16.11
C GLY E 193 10.51 -5.56 -15.35
N GLU E 194 9.57 -5.32 -14.43
CA GLU E 194 8.96 -6.42 -13.67
C GLU E 194 8.49 -7.55 -14.58
N THR E 195 8.93 -8.77 -14.28
CA THR E 195 8.52 -9.97 -15.03
C THR E 195 7.02 -10.23 -14.84
N VAL E 196 6.34 -10.59 -15.92
CA VAL E 196 4.93 -10.95 -15.86
C VAL E 196 4.81 -12.23 -15.04
N PHE E 197 3.90 -12.23 -14.07
CA PHE E 197 3.59 -13.44 -13.29
C PHE E 197 2.14 -13.82 -13.54
N PHE E 198 1.86 -15.13 -13.62
CA PHE E 198 0.53 -15.62 -13.91
C PHE E 198 -0.29 -16.13 -12.71
N ASP E 199 -1.60 -16.05 -12.86
CA ASP E 199 -2.53 -16.79 -12.00
C ASP E 199 -3.29 -17.74 -12.91
N PHE E 200 -3.39 -18.99 -12.46
CA PHE E 200 -4.20 -20.00 -13.13
C PHE E 200 -4.64 -21.04 -12.10
N PRO F 1 2.38 -40.26 -22.20
CA PRO F 1 2.58 -38.88 -21.76
C PRO F 1 1.33 -38.31 -21.08
N ALA F 2 1.52 -37.25 -20.29
CA ALA F 2 0.43 -36.64 -19.52
C ALA F 2 -0.67 -36.06 -20.42
N GLN F 3 -1.90 -36.01 -19.91
CA GLN F 3 -3.06 -35.51 -20.67
C GLN F 3 -3.84 -34.39 -19.94
N ASP F 4 -4.34 -33.43 -20.71
CA ASP F 4 -5.24 -32.41 -20.18
C ASP F 4 -6.66 -32.94 -20.12
N ASN F 5 -7.07 -33.38 -18.94
CA ASN F 5 -8.39 -33.94 -18.80
C ASN F 5 -9.12 -33.39 -17.56
N SER F 6 -8.43 -32.52 -16.81
CA SER F 6 -9.03 -31.98 -15.60
C SER F 6 -8.78 -30.49 -15.43
N ARG F 7 -9.56 -29.89 -14.53
CA ARG F 7 -9.45 -28.48 -14.22
C ARG F 7 -9.37 -28.35 -12.70
N PHE F 8 -8.70 -27.29 -12.24
CA PHE F 8 -8.45 -27.14 -10.83
C PHE F 8 -9.16 -25.89 -10.32
N VAL F 9 -9.88 -26.03 -9.21
CA VAL F 9 -10.59 -24.88 -8.64
C VAL F 9 -9.61 -23.71 -8.49
N ILE F 10 -10.05 -22.53 -8.90
CA ILE F 10 -9.22 -21.31 -8.82
C ILE F 10 -8.85 -20.99 -7.38
N ARG F 11 -7.60 -20.55 -7.18
CA ARG F 11 -7.14 -20.18 -5.83
C ARG F 11 -7.86 -18.98 -5.28
N ASP F 12 -8.04 -18.97 -3.95
CA ASP F 12 -8.51 -17.78 -3.28
C ASP F 12 -7.29 -17.07 -2.74
N ARG F 13 -6.88 -16.03 -3.44
CA ARG F 13 -5.68 -15.33 -3.07
C ARG F 13 -5.89 -14.28 -1.96
N ASN F 14 -7.09 -14.26 -1.37
CA ASN F 14 -7.26 -13.58 -0.09
C ASN F 14 -7.26 -14.58 1.06
N TRP F 15 -7.30 -15.87 0.72
CA TRP F 15 -7.21 -16.93 1.72
C TRP F 15 -5.75 -17.24 2.01
N HIS F 16 -4.99 -17.53 0.94
CA HIS F 16 -3.54 -17.48 0.98
C HIS F 16 -3.05 -16.11 1.46
N PRO F 17 -1.80 -16.06 1.96
CA PRO F 17 -1.20 -14.74 2.24
C PRO F 17 -1.09 -13.91 0.94
N LYS F 18 -1.32 -12.60 0.99
CA LYS F 18 -0.94 -11.76 -0.15
C LYS F 18 0.59 -11.64 -0.31
N ALA F 19 1.03 -11.08 -1.43
CA ALA F 19 2.46 -10.94 -1.70
C ALA F 19 3.08 -9.89 -0.81
N LEU F 20 2.46 -8.73 -0.74
CA LEU F 20 2.92 -7.62 0.07
C LEU F 20 2.34 -7.64 1.50
N THR F 21 3.18 -8.02 2.47
CA THR F 21 2.76 -8.11 3.87
C THR F 21 3.88 -7.47 4.70
N PRO F 22 3.89 -6.11 4.81
CA PRO F 22 5.15 -5.45 5.18
C PRO F 22 5.77 -5.80 6.55
N ASP F 23 4.97 -6.29 7.52
CA ASP F 23 5.57 -6.67 8.84
C ASP F 23 6.57 -7.81 8.68
N TYR F 24 6.38 -8.59 7.61
CA TYR F 24 7.33 -9.62 7.20
C TYR F 24 8.22 -8.85 6.24
N LYS F 25 9.32 -8.30 6.76
CA LYS F 25 10.05 -7.24 6.05
C LYS F 25 10.55 -7.60 4.65
N THR F 26 11.04 -8.82 4.47
CA THR F 26 11.61 -9.24 3.18
CA THR F 26 11.61 -9.13 3.17
C THR F 26 10.55 -9.26 2.06
N SER F 27 9.27 -9.39 2.41
CA SER F 27 8.20 -9.33 1.39
C SER F 27 8.06 -7.95 0.69
N ILE F 28 8.52 -6.88 1.34
CA ILE F 28 8.34 -5.53 0.75
C ILE F 28 9.02 -5.45 -0.62
N ALA F 29 10.27 -5.90 -0.70
CA ALA F 29 11.02 -5.81 -1.95
C ALA F 29 10.90 -7.05 -2.83
N ARG F 30 10.22 -8.09 -2.34
CA ARG F 30 10.12 -9.33 -3.11
C ARG F 30 8.66 -9.67 -3.48
N SER F 31 7.80 -8.66 -3.51
CA SER F 31 6.40 -8.81 -3.98
C SER F 31 6.19 -8.04 -5.28
N PRO F 32 5.51 -8.66 -6.28
CA PRO F 32 5.27 -7.90 -7.53
C PRO F 32 4.41 -6.67 -7.25
N ARG F 33 4.60 -5.62 -8.02
CA ARG F 33 3.74 -4.46 -7.89
C ARG F 33 2.73 -4.38 -9.04
N GLN F 34 2.88 -5.22 -10.07
CA GLN F 34 1.85 -5.35 -11.09
C GLN F 34 0.90 -6.48 -10.75
N ALA F 35 -0.34 -6.38 -11.21
CA ALA F 35 -1.27 -7.49 -11.04
C ALA F 35 -0.78 -8.75 -11.75
N LEU F 36 -1.09 -9.92 -11.17
CA LEU F 36 -0.87 -11.21 -11.82
C LEU F 36 -1.73 -11.23 -13.07
N VAL F 37 -1.26 -11.89 -14.10
CA VAL F 37 -2.04 -12.02 -15.34
C VAL F 37 -2.77 -13.38 -15.33
N SER F 38 -4.10 -13.39 -15.32
CA SER F 38 -4.85 -14.65 -15.34
C SER F 38 -4.79 -15.29 -16.70
N ILE F 39 -4.55 -16.60 -16.73
CA ILE F 39 -4.56 -17.35 -17.97
C ILE F 39 -5.39 -18.62 -17.76
N PRO F 40 -6.07 -19.09 -18.84
CA PRO F 40 -6.89 -20.30 -18.75
C PRO F 40 -5.99 -21.51 -18.57
N GLN F 41 -6.48 -22.55 -17.92
CA GLN F 41 -5.71 -23.77 -17.69
C GLN F 41 -5.53 -24.54 -19.02
N SER F 42 -4.29 -24.90 -19.33
CA SER F 42 -3.96 -25.79 -20.47
C SER F 42 -3.18 -27.01 -19.94
N ILE F 43 -2.80 -27.90 -20.85
CA ILE F 43 -2.00 -29.06 -20.48
C ILE F 43 -0.70 -28.66 -19.75
N SER F 44 -0.19 -27.47 -20.04
CA SER F 44 0.98 -26.94 -19.31
C SER F 44 0.74 -26.84 -17.81
N GLU F 45 -0.45 -26.39 -17.42
CA GLU F 45 -0.77 -26.11 -16.01
C GLU F 45 -1.43 -27.27 -15.31
N THR F 46 -2.15 -28.11 -16.06
CA THR F 46 -2.99 -29.16 -15.46
C THR F 46 -2.33 -30.52 -15.38
N THR F 47 -1.04 -30.57 -15.73
CA THR F 47 -0.23 -31.79 -15.60
C THR F 47 0.91 -31.47 -14.65
N GLY F 48 1.65 -32.50 -14.23
CA GLY F 48 2.76 -32.33 -13.33
C GLY F 48 3.45 -33.65 -13.12
N PRO F 49 4.62 -33.61 -12.48
CA PRO F 49 5.37 -34.81 -12.22
C PRO F 49 4.67 -35.77 -11.24
N ASN F 50 4.76 -37.05 -11.58
CA ASN F 50 4.37 -38.16 -10.73
C ASN F 50 5.70 -38.77 -10.22
N PHE F 51 5.85 -38.95 -8.91
CA PHE F 51 7.12 -39.42 -8.34
C PHE F 51 7.08 -40.86 -7.83
N SER F 52 6.14 -41.66 -8.33
N SER F 52 6.14 -41.66 -8.33
CA SER F 52 5.98 -43.06 -7.90
CA SER F 52 5.98 -43.06 -7.89
C SER F 52 7.24 -43.88 -8.07
C SER F 52 7.27 -43.86 -8.05
N HIS F 53 8.06 -43.52 -9.06
CA HIS F 53 9.32 -44.26 -9.34
C HIS F 53 10.58 -43.51 -8.93
N LEU F 54 10.42 -42.47 -8.12
CA LEU F 54 11.58 -41.88 -7.46
C LEU F 54 12.05 -42.89 -6.41
N GLY F 55 13.35 -43.06 -6.27
CA GLY F 55 13.86 -44.05 -5.36
C GLY F 55 14.13 -43.44 -4.01
N PHE F 56 13.32 -43.84 -3.03
CA PHE F 56 13.45 -43.36 -1.66
C PHE F 56 14.35 -44.30 -0.85
N GLY F 57 15.30 -43.73 -0.11
CA GLY F 57 16.06 -44.46 0.89
C GLY F 57 15.20 -44.99 2.03
N ALA F 58 15.76 -45.98 2.74
CA ALA F 58 15.05 -46.66 3.84
C ALA F 58 14.54 -45.69 4.91
N HIS F 59 15.34 -44.69 5.23
CA HIS F 59 15.00 -43.80 6.34
C HIS F 59 14.65 -42.39 5.84
N ASP F 60 14.25 -42.24 4.58
CA ASP F 60 14.02 -40.88 4.05
C ASP F 60 12.91 -40.12 4.81
N HIS F 61 11.96 -40.87 5.38
CA HIS F 61 10.82 -40.32 6.16
C HIS F 61 11.09 -40.28 7.67
N ASP F 62 12.28 -40.69 8.08
CA ASP F 62 12.56 -40.90 9.48
C ASP F 62 13.81 -40.10 9.93
N LEU F 63 13.56 -38.88 10.43
CA LEU F 63 14.64 -37.97 10.85
C LEU F 63 15.39 -38.40 12.11
N LEU F 64 14.88 -39.42 12.81
CA LEU F 64 15.58 -39.98 13.98
C LEU F 64 16.74 -40.89 13.55
N LEU F 65 16.67 -41.40 12.32
CA LEU F 65 17.70 -42.29 11.81
C LEU F 65 18.36 -41.88 10.50
N ASN F 66 17.90 -40.80 9.86
CA ASN F 66 18.48 -40.47 8.55
C ASN F 66 19.71 -39.56 8.59
N PHE F 67 20.11 -39.11 9.77
CA PHE F 67 21.37 -38.38 9.96
C PHE F 67 22.14 -39.02 11.11
N ASN F 68 22.28 -40.33 11.06
CA ASN F 68 22.86 -41.08 12.17
C ASN F 68 24.37 -40.95 12.17
N ASN F 69 24.89 -40.32 13.21
CA ASN F 69 26.33 -40.21 13.41
C ASN F 69 26.78 -40.87 14.71
N GLY F 70 26.09 -41.95 15.06
CA GLY F 70 26.44 -42.78 16.20
C GLY F 70 25.52 -42.63 17.40
N GLY F 71 24.39 -41.92 17.21
CA GLY F 71 23.41 -41.74 18.29
C GLY F 71 22.07 -41.20 17.78
N LEU F 72 21.12 -41.07 18.70
CA LEU F 72 19.81 -40.53 18.41
C LEU F 72 19.84 -39.01 18.59
N PRO F 73 19.04 -38.26 17.80
CA PRO F 73 18.99 -36.84 18.10
C PRO F 73 18.32 -36.60 19.45
N ILE F 74 18.74 -35.51 20.07
CA ILE F 74 18.15 -35.03 21.29
C ILE F 74 16.86 -34.28 20.99
N GLY F 75 15.86 -34.42 21.84
CA GLY F 75 14.59 -33.70 21.60
C GLY F 75 13.36 -34.56 21.69
N GLU F 76 12.22 -33.89 21.53
CA GLU F 76 10.90 -34.50 21.66
C GLU F 76 10.56 -35.35 20.45
N ARG F 77 10.53 -36.68 20.68
CA ARG F 77 10.26 -37.64 19.64
C ARG F 77 8.79 -37.57 19.24
N ILE F 78 8.55 -37.38 17.95
CA ILE F 78 7.18 -37.24 17.45
C ILE F 78 7.04 -37.87 16.09
N ILE F 79 5.85 -38.42 15.86
CA ILE F 79 5.38 -38.80 14.57
C ILE F 79 4.56 -37.60 14.05
N VAL F 80 4.79 -37.24 12.80
CA VAL F 80 3.97 -36.24 12.13
C VAL F 80 3.26 -36.96 10.97
N ALA F 81 1.94 -37.00 11.03
CA ALA F 81 1.15 -37.75 10.06
C ALA F 81 -0.11 -37.01 9.65
N GLY F 82 -0.65 -37.35 8.49
CA GLY F 82 -1.92 -36.78 8.14
C GLY F 82 -2.34 -37.31 6.79
N ARG F 83 -3.35 -36.66 6.20
CA ARG F 83 -3.87 -37.06 4.92
C ARG F 83 -3.80 -35.87 3.94
N VAL F 84 -3.44 -36.14 2.68
CA VAL F 84 -3.56 -35.13 1.63
C VAL F 84 -4.83 -35.43 0.85
N VAL F 85 -5.71 -34.43 0.78
CA VAL F 85 -6.97 -34.51 0.03
C VAL F 85 -7.09 -33.24 -0.83
N ASP F 86 -7.98 -33.25 -1.82
CA ASP F 86 -8.29 -32.03 -2.55
C ASP F 86 -9.53 -31.35 -1.96
N GLN F 87 -9.98 -30.24 -2.52
CA GLN F 87 -11.06 -29.45 -1.90
C GLN F 87 -12.40 -30.15 -1.98
N TYR F 88 -12.52 -31.11 -2.88
CA TYR F 88 -13.72 -31.96 -2.94
C TYR F 88 -13.70 -33.07 -1.90
N GLY F 89 -12.59 -33.16 -1.16
CA GLY F 89 -12.37 -34.24 -0.18
C GLY F 89 -11.78 -35.52 -0.76
N LYS F 90 -11.35 -35.50 -2.02
CA LYS F 90 -10.73 -36.70 -2.62
C LYS F 90 -9.30 -36.90 -2.13
N PRO F 91 -8.96 -38.14 -1.74
CA PRO F 91 -7.60 -38.37 -1.28
C PRO F 91 -6.63 -38.14 -2.42
N VAL F 92 -5.40 -37.76 -2.08
CA VAL F 92 -4.39 -37.51 -3.13
C VAL F 92 -3.32 -38.57 -2.94
N PRO F 93 -3.47 -39.73 -3.63
CA PRO F 93 -2.54 -40.87 -3.41
C PRO F 93 -1.22 -40.70 -4.14
N ASN F 94 -0.17 -41.36 -3.64
CA ASN F 94 1.13 -41.44 -4.32
C ASN F 94 1.70 -40.06 -4.68
N THR F 95 1.45 -39.08 -3.81
CA THR F 95 1.97 -37.75 -4.01
C THR F 95 3.25 -37.45 -3.18
N LEU F 96 4.16 -36.65 -3.72
CA LEU F 96 5.39 -36.33 -3.01
C LEU F 96 5.16 -35.28 -1.90
N VAL F 97 5.60 -35.63 -0.68
CA VAL F 97 5.54 -34.75 0.48
C VAL F 97 6.96 -34.63 1.01
N GLU F 98 7.47 -33.41 1.02
CA GLU F 98 8.80 -33.15 1.52
C GLU F 98 8.71 -32.20 2.70
N MET F 99 9.64 -32.32 3.64
CA MET F 99 9.64 -31.52 4.85
C MET F 99 11.05 -31.22 5.32
N TRP F 100 11.20 -30.08 5.99
CA TRP F 100 12.48 -29.68 6.56
C TRP F 100 12.27 -28.78 7.78
N GLN F 101 13.24 -28.72 8.69
CA GLN F 101 13.00 -28.03 9.96
C GLN F 101 14.33 -27.88 10.66
N ALA F 102 14.35 -27.04 11.68
CA ALA F 102 15.47 -26.90 12.59
C ALA F 102 15.52 -28.08 13.57
N ASN F 103 16.61 -28.18 14.34
CA ASN F 103 16.70 -29.18 15.42
C ASN F 103 15.90 -28.75 16.64
N ALA F 104 16.06 -29.47 17.76
CA ALA F 104 15.30 -29.20 18.99
C ALA F 104 15.53 -27.81 19.60
N GLY F 105 16.67 -27.21 19.24
CA GLY F 105 17.08 -25.89 19.71
C GLY F 105 16.80 -24.71 18.78
N GLY F 106 16.18 -24.97 17.64
CA GLY F 106 15.87 -23.91 16.69
C GLY F 106 17.03 -23.61 15.76
N ARG F 107 18.00 -24.53 15.70
CA ARG F 107 19.17 -24.34 14.82
C ARG F 107 19.03 -25.20 13.57
N TYR F 108 19.11 -24.53 12.40
CA TYR F 108 19.09 -25.19 11.08
C TYR F 108 20.46 -25.67 10.63
N ARG F 109 20.50 -26.84 10.01
CA ARG F 109 21.72 -27.36 9.43
C ARG F 109 21.90 -26.74 8.05
N HIS F 110 22.27 -25.46 8.03
CA HIS F 110 22.47 -24.73 6.79
C HIS F 110 23.53 -23.72 7.11
N LYS F 111 24.48 -23.56 6.18
CA LYS F 111 25.67 -22.75 6.45
C LYS F 111 25.31 -21.31 6.80
N ASN F 112 24.15 -20.85 6.32
CA ASN F 112 23.71 -19.46 6.51
C ASN F 112 23.00 -19.20 7.85
N ASP F 113 22.61 -20.27 8.55
CA ASP F 113 22.08 -20.13 9.93
C ASP F 113 23.21 -20.01 10.96
N ARG F 114 23.40 -18.83 11.55
CA ARG F 114 24.45 -18.65 12.54
C ARG F 114 23.93 -18.49 13.97
N TYR F 115 22.70 -18.93 14.22
CA TYR F 115 22.11 -18.85 15.56
C TYR F 115 22.99 -19.61 16.53
N LEU F 116 23.11 -19.07 17.73
CA LEU F 116 24.12 -19.54 18.67
C LEU F 116 23.79 -20.88 19.33
N ALA F 117 22.55 -21.36 19.18
CA ALA F 117 22.17 -22.67 19.71
C ALA F 117 22.85 -23.75 18.87
N PRO F 118 23.36 -24.82 19.53
CA PRO F 118 24.21 -25.75 18.80
C PRO F 118 23.49 -26.62 17.78
N LEU F 119 24.23 -27.10 16.79
CA LEU F 119 23.75 -28.19 15.98
C LEU F 119 23.69 -29.46 16.84
N ASP F 120 22.88 -30.42 16.39
CA ASP F 120 22.82 -31.76 16.99
C ASP F 120 23.52 -32.72 15.99
N PRO F 121 24.60 -33.40 16.42
CA PRO F 121 25.36 -34.22 15.48
C PRO F 121 24.59 -35.37 14.85
N ASN F 122 23.47 -35.76 15.48
CA ASN F 122 22.59 -36.82 14.94
C ASN F 122 21.27 -36.32 14.31
N PHE F 123 21.24 -35.05 13.95
CA PHE F 123 20.04 -34.53 13.36
C PHE F 123 20.33 -33.72 12.12
N GLY F 124 19.68 -34.08 11.01
CA GLY F 124 19.85 -33.36 9.75
C GLY F 124 18.76 -32.33 9.51
N GLY F 125 17.50 -32.74 9.58
CA GLY F 125 16.37 -31.84 9.41
C GLY F 125 15.58 -31.95 8.12
N VAL F 126 15.82 -32.98 7.31
CA VAL F 126 15.06 -33.16 6.05
C VAL F 126 14.42 -34.55 5.95
N GLY F 127 13.18 -34.59 5.44
CA GLY F 127 12.51 -35.83 5.14
C GLY F 127 11.70 -35.77 3.86
N ARG F 128 11.34 -36.94 3.33
CA ARG F 128 10.42 -37.02 2.18
C ARG F 128 9.71 -38.37 2.18
N CYS F 129 8.52 -38.44 1.59
CA CYS F 129 7.82 -39.71 1.41
C CYS F 129 6.75 -39.49 0.35
N LEU F 130 6.05 -40.54 -0.05
CA LEU F 130 4.88 -40.39 -0.90
C LEU F 130 3.68 -40.70 -0.04
N THR F 131 2.57 -40.02 -0.27
CA THR F 131 1.32 -40.48 0.31
C THR F 131 1.00 -41.91 -0.17
N ASP F 132 0.32 -42.67 0.67
CA ASP F 132 -0.01 -44.05 0.31
C ASP F 132 -1.28 -44.04 -0.55
N SER F 133 -1.80 -45.22 -0.88
CA SER F 133 -2.91 -45.27 -1.82
C SER F 133 -4.19 -44.60 -1.30
N ASP F 134 -4.27 -44.31 0.01
CA ASP F 134 -5.48 -43.66 0.57
C ASP F 134 -5.19 -42.22 0.94
N GLY F 135 -4.03 -41.72 0.54
CA GLY F 135 -3.67 -40.30 0.74
C GLY F 135 -2.91 -39.96 2.02
N TYR F 136 -2.52 -40.98 2.80
CA TYR F 136 -1.84 -40.74 4.08
C TYR F 136 -0.30 -40.73 3.96
N TYR F 137 0.32 -39.86 4.75
CA TYR F 137 1.77 -39.80 4.86
C TYR F 137 2.15 -39.86 6.33
N SER F 138 3.42 -40.17 6.59
CA SER F 138 3.93 -40.23 7.94
C SER F 138 5.46 -39.99 8.00
N PHE F 139 5.87 -39.12 8.92
CA PHE F 139 7.26 -38.87 9.24
C PHE F 139 7.52 -39.17 10.71
N ARG F 140 8.77 -39.48 11.06
CA ARG F 140 9.16 -39.47 12.47
C ARG F 140 10.29 -38.44 12.61
N THR F 141 10.23 -37.63 13.65
CA THR F 141 11.19 -36.55 13.81
C THR F 141 11.29 -36.07 15.27
N ILE F 142 12.03 -34.98 15.48
CA ILE F 142 12.15 -34.27 16.73
C ILE F 142 11.33 -32.98 16.60
N LYS F 143 10.57 -32.60 17.63
CA LYS F 143 9.86 -31.33 17.58
C LYS F 143 10.88 -30.18 17.49
N PRO F 144 10.77 -29.34 16.44
CA PRO F 144 11.72 -28.24 16.28
C PRO F 144 11.53 -27.14 17.32
N GLY F 145 12.63 -26.46 17.67
CA GLY F 145 12.56 -25.36 18.60
C GLY F 145 12.27 -24.03 17.87
N PRO F 146 11.75 -23.04 18.61
CA PRO F 146 11.53 -21.71 18.03
C PRO F 146 12.87 -21.17 17.55
N HIS F 147 12.82 -20.33 16.51
CA HIS F 147 14.01 -19.82 15.84
C HIS F 147 14.00 -18.27 15.79
N PRO F 148 14.99 -17.61 16.41
CA PRO F 148 15.00 -16.16 16.32
C PRO F 148 15.54 -15.72 14.95
N TRP F 149 15.05 -14.59 14.47
CA TRP F 149 15.35 -14.19 13.11
C TRP F 149 15.31 -12.67 13.02
N ARG F 150 16.12 -12.15 12.09
CA ARG F 150 16.29 -10.72 11.96
C ARG F 150 15.15 -10.04 11.20
N ASN F 151 13.99 -9.94 11.83
CA ASN F 151 12.88 -9.22 11.24
C ASN F 151 12.68 -7.97 12.11
N GLY F 152 11.70 -8.00 13.00
CA GLY F 152 11.62 -7.00 14.08
C GLY F 152 12.76 -7.28 15.04
N PRO F 153 12.96 -6.43 16.05
CA PRO F 153 14.09 -6.59 16.97
C PRO F 153 13.96 -7.79 17.95
N ASN F 154 12.77 -8.34 18.16
CA ASN F 154 12.65 -9.54 19.03
C ASN F 154 11.66 -10.54 18.45
N ASP F 155 11.98 -11.02 17.24
CA ASP F 155 11.05 -11.88 16.49
C ASP F 155 11.53 -13.30 16.48
N TRP F 156 10.59 -14.20 16.71
CA TRP F 156 10.89 -15.61 16.88
C TRP F 156 9.87 -16.43 16.10
N ARG F 157 10.34 -17.30 15.24
CA ARG F 157 9.42 -18.23 14.58
C ARG F 157 8.85 -19.15 15.64
N PRO F 158 7.51 -19.43 15.62
CA PRO F 158 7.01 -20.56 16.44
C PRO F 158 7.74 -21.82 16.00
N ALA F 159 7.70 -22.88 16.81
CA ALA F 159 8.16 -24.20 16.35
C ALA F 159 7.43 -24.50 15.02
N HIS F 160 8.17 -24.89 13.99
CA HIS F 160 7.51 -25.09 12.70
C HIS F 160 8.25 -26.09 11.84
N ILE F 161 7.52 -26.78 10.97
CA ILE F 161 8.16 -27.70 10.03
C ILE F 161 7.71 -27.22 8.66
N HIS F 162 8.67 -27.01 7.75
CA HIS F 162 8.32 -26.61 6.36
C HIS F 162 7.82 -27.81 5.58
N PHE F 163 6.79 -27.61 4.75
CA PHE F 163 6.20 -28.67 3.94
C PHE F 163 6.14 -28.28 2.45
N GLY F 164 6.44 -29.24 1.57
CA GLY F 164 6.17 -29.10 0.14
C GLY F 164 5.38 -30.30 -0.36
N ILE F 165 4.33 -30.06 -1.14
CA ILE F 165 3.47 -31.13 -1.64
C ILE F 165 3.26 -30.93 -3.12
N SER F 166 3.47 -31.99 -3.91
CA SER F 166 3.37 -31.84 -5.38
C SER F 166 1.94 -31.84 -5.85
N GLY F 167 1.17 -32.86 -5.42
CA GLY F 167 -0.18 -33.03 -5.96
C GLY F 167 -0.16 -33.45 -7.44
N PRO F 168 -1.36 -33.52 -8.07
CA PRO F 168 -1.53 -34.03 -9.44
C PRO F 168 -0.97 -33.11 -10.53
N SER F 169 -0.73 -31.83 -10.24
CA SER F 169 -0.26 -30.91 -11.30
C SER F 169 0.57 -29.78 -10.75
N ILE F 170 1.24 -29.02 -11.61
CA ILE F 170 1.98 -27.86 -11.12
C ILE F 170 1.03 -26.80 -10.58
N ALA F 171 -0.25 -26.90 -10.98
CA ALA F 171 -1.27 -25.99 -10.48
C ALA F 171 -1.61 -26.26 -9.00
N THR F 172 -1.39 -27.49 -8.54
CA THR F 172 -1.69 -27.87 -7.13
C THR F 172 -0.46 -27.78 -6.22
N LYS F 173 0.74 -27.75 -6.81
CA LYS F 173 1.97 -27.71 -6.02
C LYS F 173 1.97 -26.57 -4.99
N LEU F 174 2.35 -26.91 -3.75
CA LEU F 174 2.21 -25.98 -2.61
C LEU F 174 3.41 -26.11 -1.68
N ILE F 175 3.91 -24.98 -1.19
CA ILE F 175 4.83 -24.96 -0.07
C ILE F 175 4.13 -24.21 1.06
N THR F 176 4.28 -24.73 2.27
CA THR F 176 3.61 -24.17 3.44
C THR F 176 4.44 -24.48 4.68
N GLN F 177 3.87 -24.19 5.85
CA GLN F 177 4.53 -24.51 7.10
C GLN F 177 3.50 -25.05 8.08
N LEU F 178 3.93 -26.05 8.86
CA LEU F 178 3.14 -26.64 9.95
C LEU F 178 3.54 -25.94 11.27
N TYR F 179 2.53 -25.62 12.09
CA TYR F 179 2.75 -25.09 13.44
C TYR F 179 2.11 -26.03 14.46
N PHE F 180 2.42 -25.86 15.74
CA PHE F 180 1.99 -26.85 16.75
C PHE F 180 0.94 -26.34 17.70
N GLU F 181 -0.08 -27.15 17.94
CA GLU F 181 -1.19 -26.80 18.82
C GLU F 181 -0.76 -26.06 20.10
N GLY F 182 -1.40 -24.91 20.36
CA GLY F 182 -1.19 -24.18 21.55
C GLY F 182 0.06 -23.32 21.63
N ASP F 183 0.94 -23.37 20.62
CA ASP F 183 2.18 -22.57 20.70
C ASP F 183 1.86 -21.06 20.84
N PRO F 184 2.23 -20.46 21.97
CA PRO F 184 1.84 -19.05 22.11
C PRO F 184 2.66 -18.07 21.21
N LEU F 185 3.63 -18.56 20.46
CA LEU F 185 4.35 -17.69 19.51
C LEU F 185 3.59 -17.50 18.21
N ILE F 186 2.63 -18.37 17.94
CA ILE F 186 1.90 -18.35 16.65
C ILE F 186 1.21 -17.01 16.35
N PRO F 187 0.42 -16.44 17.30
CA PRO F 187 -0.24 -15.14 17.02
C PRO F 187 0.73 -13.98 16.84
N MET F 188 1.99 -14.14 17.26
CA MET F 188 2.99 -13.04 17.22
C MET F 188 3.87 -13.03 15.99
N CYS F 189 3.77 -14.05 15.14
CA CYS F 189 4.73 -14.21 14.06
C CYS F 189 4.24 -13.46 12.82
N PRO F 190 5.06 -12.52 12.29
CA PRO F 190 4.63 -11.85 11.06
C PRO F 190 4.60 -12.74 9.78
N ILE F 191 5.25 -13.91 9.77
CA ILE F 191 5.09 -14.91 8.69
C ILE F 191 3.72 -15.64 8.79
N VAL F 192 3.36 -16.14 9.98
CA VAL F 192 1.97 -16.66 10.20
C VAL F 192 0.96 -15.59 9.74
N LYS F 193 1.14 -14.38 10.24
CA LYS F 193 0.21 -13.28 10.07
C LYS F 193 0.23 -12.62 8.69
N SER F 194 1.08 -13.12 7.80
CA SER F 194 0.93 -12.83 6.38
C SER F 194 -0.39 -13.37 5.85
N ILE F 195 -0.91 -14.38 6.54
CA ILE F 195 -2.26 -14.86 6.29
C ILE F 195 -3.23 -13.96 7.08
N ALA F 196 -4.13 -13.27 6.37
CA ALA F 196 -5.04 -12.29 6.97
C ALA F 196 -6.16 -12.93 7.76
N ASN F 197 -6.69 -14.05 7.25
CA ASN F 197 -7.84 -14.70 7.85
C ASN F 197 -7.45 -15.65 8.99
N PRO F 198 -7.87 -15.35 10.23
CA PRO F 198 -7.40 -16.29 11.28
C PRO F 198 -7.88 -17.74 11.15
N GLU F 199 -8.99 -17.99 10.45
CA GLU F 199 -9.45 -19.37 10.15
C GLU F 199 -8.48 -20.09 9.20
N ALA F 200 -7.83 -19.32 8.33
CA ALA F 200 -6.80 -19.91 7.43
C ALA F 200 -5.54 -20.25 8.23
N VAL F 201 -5.17 -19.39 9.18
CA VAL F 201 -4.06 -19.71 10.09
C VAL F 201 -4.34 -21.05 10.81
N GLN F 202 -5.56 -21.22 11.28
CA GLN F 202 -5.95 -22.44 11.99
C GLN F 202 -5.70 -23.70 11.17
N GLN F 203 -5.80 -23.60 9.84
CA GLN F 203 -5.57 -24.77 8.97
C GLN F 203 -4.08 -25.22 8.92
N LEU F 204 -3.18 -24.39 9.43
CA LEU F 204 -1.78 -24.75 9.48
C LEU F 204 -1.35 -25.31 10.82
N ILE F 205 -2.30 -25.47 11.76
CA ILE F 205 -1.88 -25.83 13.12
C ILE F 205 -2.11 -27.35 13.27
N ALA F 206 -1.02 -28.11 13.37
CA ALA F 206 -1.10 -29.54 13.68
C ALA F 206 -1.65 -29.78 15.09
N LYS F 207 -2.46 -30.83 15.25
CA LYS F 207 -3.06 -31.16 16.52
C LYS F 207 -2.39 -32.35 17.19
N LEU F 208 -2.18 -32.25 18.49
CA LEU F 208 -1.66 -33.37 19.30
C LEU F 208 -2.59 -34.55 19.04
N ASP F 209 -1.99 -35.70 18.69
CA ASP F 209 -2.75 -36.89 18.30
C ASP F 209 -2.35 -38.08 19.18
N MET F 210 -2.94 -38.17 20.37
CA MET F 210 -2.50 -39.19 21.35
C MET F 210 -2.80 -40.56 20.81
N ASN F 211 -3.84 -40.64 19.98
CA ASN F 211 -4.28 -41.91 19.38
C ASN F 211 -3.19 -42.55 18.49
N ASN F 212 -2.30 -41.72 17.96
CA ASN F 212 -1.26 -42.19 17.05
C ASN F 212 0.11 -42.30 17.70
N ALA F 213 0.18 -42.01 19.00
CA ALA F 213 1.43 -42.03 19.72
C ALA F 213 1.91 -43.48 20.00
N ASN F 214 3.23 -43.68 20.14
CA ASN F 214 3.79 -44.97 20.65
C ASN F 214 4.06 -44.78 22.15
N PRO F 215 3.31 -45.47 23.04
CA PRO F 215 3.57 -45.27 24.47
C PRO F 215 5.02 -45.57 24.81
N MET F 216 5.56 -44.84 25.78
CA MET F 216 6.92 -44.98 26.27
C MET F 216 7.98 -44.70 25.19
N ASP F 217 7.62 -43.91 24.17
CA ASP F 217 8.41 -43.85 22.95
C ASP F 217 8.32 -42.47 22.28
N CYS F 218 7.18 -42.18 21.66
CA CYS F 218 7.04 -40.94 20.89
C CYS F 218 5.58 -40.47 20.88
N LEU F 219 5.40 -39.16 20.94
CA LEU F 219 4.07 -38.59 20.75
C LEU F 219 3.80 -38.47 19.27
N ALA F 220 2.66 -37.87 18.92
CA ALA F 220 2.29 -37.70 17.51
C ALA F 220 1.43 -36.47 17.35
N TYR F 221 1.55 -35.89 16.17
CA TYR F 221 0.80 -34.74 15.72
C TYR F 221 0.15 -35.11 14.37
N ARG F 222 -0.99 -34.51 14.11
CA ARG F 222 -1.78 -34.79 12.92
C ARG F 222 -1.87 -33.50 12.11
N PHE F 223 -1.49 -33.56 10.83
CA PHE F 223 -1.49 -32.39 9.99
C PHE F 223 -2.05 -32.79 8.61
N ASP F 224 -3.30 -32.46 8.35
CA ASP F 224 -3.92 -32.78 7.08
C ASP F 224 -3.73 -31.62 6.12
N ILE F 225 -3.64 -31.94 4.83
CA ILE F 225 -3.37 -30.96 3.79
C ILE F 225 -4.47 -31.01 2.73
N VAL F 226 -4.96 -29.84 2.35
CA VAL F 226 -5.95 -29.74 1.28
C VAL F 226 -5.37 -29.03 0.07
N LEU F 227 -5.36 -29.74 -1.06
CA LEU F 227 -4.91 -29.19 -2.35
C LEU F 227 -6.11 -28.77 -3.14
N ARG F 228 -5.86 -27.99 -4.20
CA ARG F 228 -6.94 -27.47 -5.03
C ARG F 228 -7.86 -28.57 -5.55
N GLY F 229 -9.16 -28.31 -5.51
CA GLY F 229 -10.13 -29.31 -6.01
C GLY F 229 -9.88 -29.62 -7.48
N GLN F 230 -9.93 -30.90 -7.84
CA GLN F 230 -9.78 -31.33 -9.25
C GLN F 230 -11.14 -31.83 -9.77
N ARG F 231 -11.54 -31.35 -10.95
CA ARG F 231 -12.77 -31.84 -11.56
C ARG F 231 -12.52 -32.11 -13.03
N LYS F 232 -13.42 -32.85 -13.67
CA LYS F 232 -13.30 -33.09 -15.12
C LYS F 232 -13.73 -31.84 -15.88
N THR F 233 -13.21 -31.71 -17.09
CA THR F 233 -13.65 -30.67 -18.01
C THR F 233 -15.14 -30.95 -18.36
N HIS F 234 -15.88 -29.91 -18.72
CA HIS F 234 -17.27 -30.08 -19.17
C HIS F 234 -17.66 -28.92 -20.06
N PHE F 235 -18.32 -29.25 -21.18
CA PHE F 235 -18.90 -28.26 -22.10
C PHE F 235 -17.84 -27.31 -22.64
N GLU F 236 -16.60 -27.78 -22.85
CA GLU F 236 -15.56 -26.91 -23.41
C GLU F 236 -15.49 -26.97 -24.95
N ASN F 237 -15.32 -25.81 -25.56
CA ASN F 237 -15.20 -25.62 -27.03
C ASN F 237 -16.46 -25.98 -27.82
N CYS F 238 -17.60 -25.88 -27.14
CA CYS F 238 -18.92 -26.21 -27.70
C CYS F 238 -19.95 -25.28 -27.03
S SO4 G . 24.10 28.22 13.34
O1 SO4 G . 24.85 29.44 13.54
O2 SO4 G . 24.71 27.54 12.20
O3 SO4 G . 24.15 27.41 14.56
O4 SO4 G . 22.70 28.53 13.07
C1 GOL H . 27.19 23.79 26.33
O1 GOL H . 27.05 24.94 25.53
C2 GOL H . 27.68 22.57 25.56
O2 GOL H . 29.00 22.78 25.08
C3 GOL H . 26.82 22.10 24.38
O3 GOL H . 25.41 22.00 24.56
C1 BME I . 36.67 26.03 18.15
C2 BME I . 35.81 25.26 17.16
O1 BME I . 37.77 25.22 18.57
S2 BME I . 34.09 25.72 17.38
C1 BME J . 8.31 30.90 23.41
C2 BME J . 7.00 31.27 24.10
O1 BME J . 8.64 31.92 22.51
S2 BME J . 7.49 32.10 25.61
C TRS K . 24.82 11.34 1.96
C1 TRS K . 24.64 12.70 2.58
C2 TRS K . 26.10 11.20 1.13
C3 TRS K . 23.64 11.04 1.05
N TRS K . 24.83 10.38 3.07
O1 TRS K . 25.15 13.72 1.76
O2 TRS K . 26.80 12.42 1.08
O3 TRS K . 23.65 11.96 -0.02
C CO3 L . 17.29 14.74 -4.09
O1 CO3 L . 16.81 13.64 -3.53
O2 CO3 L . 16.50 15.74 -4.33
O3 CO3 L . 18.55 14.83 -4.40
FE FE M . -1.08 20.97 16.52
C1 GOL N . -5.14 7.54 29.78
O1 GOL N . -3.85 7.56 29.23
C2 GOL N . -5.08 8.44 31.00
O2 GOL N . -4.17 9.49 30.77
C3 GOL N . -6.46 9.02 31.26
O3 GOL N . -6.32 9.91 32.35
C1 GOL O . 15.92 -6.09 23.61
O1 GOL O . 17.03 -6.32 24.46
C2 GOL O . 14.57 -6.26 24.29
O2 GOL O . 14.62 -5.75 25.60
C3 GOL O . 14.12 -7.73 24.31
O3 GOL O . 13.19 -7.98 25.34
C1 BME P . 12.42 22.70 38.25
C2 BME P . 11.30 21.68 38.19
O1 BME P . 13.61 22.07 37.83
S2 BME P . 10.55 21.68 36.55
C1 BME Q . 11.66 17.08 42.44
C2 BME Q . 11.66 15.73 43.10
O1 BME Q . 10.90 17.92 43.29
S2 BME Q . 10.27 15.79 44.22
C1 BME R . -10.36 23.56 2.23
C2 BME R . -9.46 23.42 1.01
O1 BME R . -11.54 24.30 1.86
S2 BME R . -7.78 23.80 1.55
C CO3 S . 3.27 4.81 44.06
O1 CO3 S . 3.51 5.76 44.89
O2 CO3 S . 2.04 4.42 43.87
O3 CO3 S . 4.24 4.23 43.43
C CO3 T . 23.80 -11.63 33.99
O1 CO3 T . 23.37 -10.63 34.65
O2 CO3 T . 23.21 -12.76 34.11
O3 CO3 T . 24.81 -11.51 33.20
C1 4NC U . -1.93 20.85 13.55
C2 4NC U . -1.15 19.66 13.87
C3 4NC U . -0.59 18.92 12.83
C4 4NC U . -0.82 19.31 11.49
C5 4NC U . -1.57 20.45 11.19
C6 4NC U . -2.13 21.21 12.22
O7 4NC U . -2.45 21.51 14.61
O8 4NC U . -0.99 19.38 15.18
N9 4NC U . -0.22 18.58 10.45
O10 4NC U . -0.35 18.98 9.30
O11 4NC U . 0.49 17.61 10.72
S SO4 V . -13.28 15.57 -33.62
O1 SO4 V . -14.19 16.27 -32.74
O2 SO4 V . -13.67 15.83 -35.01
O3 SO4 V . -11.90 16.01 -33.41
O4 SO4 V . -13.39 14.15 -33.32
C1 BME W . 3.49 28.49 -12.93
C2 BME W . 3.59 27.00 -12.54
O1 BME W . 2.28 29.09 -12.52
S2 BME W . 4.83 26.77 -11.23
C TRS X . 1.12 18.82 -20.27
C1 TRS X . 0.76 18.59 -21.73
C2 TRS X . 2.30 19.77 -20.08
C3 TRS X . 1.40 17.50 -19.58
N TRS X . -0.02 19.44 -19.57
O1 TRS X . 1.93 18.58 -22.54
O2 TRS X . 2.71 19.67 -18.73
O3 TRS X . 2.69 17.03 -19.96
CL CL Y . 0.98 2.90 -24.67
C1 GOL Z . -30.75 1.27 -3.07
O1 GOL Z . -30.64 2.17 -1.99
C2 GOL Z . -32.16 1.38 -3.64
O2 GOL Z . -32.58 2.70 -3.42
C3 GOL Z . -33.16 0.48 -2.90
O3 GOL Z . -34.35 1.22 -2.79
C1 GOL AA . -1.78 5.15 -1.44
O1 GOL AA . -3.14 5.42 -1.19
C2 GOL AA . -1.18 6.34 -2.18
O2 GOL AA . 0.20 6.34 -1.92
C3 GOL AA . -1.76 7.69 -1.78
O3 GOL AA . -3.12 7.94 -2.14
C1 GOL BA . -25.99 -6.89 0.56
O1 GOL BA . -25.47 -5.99 1.54
C2 GOL BA . -24.98 -7.95 0.10
O2 GOL BA . -25.71 -8.66 -0.88
C3 GOL BA . -23.73 -7.30 -0.52
O3 GOL BA . -22.45 -7.55 0.05
C1 BME CA . -25.91 33.94 6.97
C2 BME CA . -24.71 34.87 6.73
O1 BME CA . -26.61 34.38 8.12
S2 BME CA . -24.65 35.38 5.00
FE FE DA . -20.48 -3.24 -16.91
C1 BME EA . -17.99 24.97 1.83
C2 BME EA . -17.60 23.54 2.24
O1 BME EA . -18.54 25.73 2.92
S2 BME EA . -18.99 22.38 2.32
C1 4NC FA . -17.85 -4.76 -16.75
C2 4NC FA . -17.68 -3.52 -15.98
C3 4NC FA . -16.41 -3.09 -15.67
C4 4NC FA . -15.29 -3.84 -16.08
C5 4NC FA . -15.44 -5.01 -16.82
C6 4NC FA . -16.72 -5.48 -17.15
O7 4NC FA . -19.11 -5.15 -17.04
O8 4NC FA . -18.79 -2.83 -15.60
N9 4NC FA . -14.03 -3.33 -15.74
O10 4NC FA . -12.99 -3.84 -16.18
O11 4NC FA . -13.97 -2.32 -15.07
C CO3 GA . -8.93 -15.31 -17.83
O1 CO3 GA . -9.85 -14.73 -17.10
O2 CO3 GA . -8.74 -16.59 -17.73
O3 CO3 GA . -8.22 -14.60 -18.65
CL CL HA . -41.32 4.31 -24.86
S SO4 IA . 25.71 -27.14 -12.88
O1 SO4 IA . 25.48 -27.52 -11.54
O2 SO4 IA . 25.76 -25.72 -13.03
O3 SO4 IA . 26.98 -27.62 -13.29
O4 SO4 IA . 24.65 -27.73 -13.61
C1 GOL JA . 14.79 -10.01 -19.67
O1 GOL JA . 15.79 -9.31 -18.94
C2 GOL JA . 15.35 -11.30 -20.28
O2 GOL JA . 14.35 -12.30 -20.26
C3 GOL JA . 16.48 -11.83 -19.40
O3 GOL JA . 17.62 -11.92 -20.21
C1 BME KA . 4.12 -10.61 -28.79
C2 BME KA . 5.50 -11.26 -28.92
O1 BME KA . 3.15 -11.60 -28.42
S2 BME KA . 6.64 -10.44 -27.77
C1 BME LA . 16.27 -14.56 7.88
C2 BME LA . 17.60 -14.80 8.58
O1 BME LA . 16.59 -14.17 6.56
S2 BME LA . 17.58 -13.97 10.19
C CO3 MA . 17.69 -37.67 -16.08
O1 CO3 MA . 18.72 -37.51 -15.30
O2 CO3 MA . 16.93 -38.73 -15.95
O3 CO3 MA . 17.42 -36.76 -17.00
C1 BME NA . -0.37 -7.58 6.71
C1 BME NA . -0.42 -7.28 6.72
C2 BME NA . 0.55 -6.80 7.63
C2 BME NA . 0.68 -6.70 7.62
O1 BME NA . -0.39 -8.93 7.15
O1 BME NA . -0.12 -7.04 5.35
S2 BME NA . 2.18 -7.42 7.24
S2 BME NA . 2.25 -7.53 7.25
C1 BME OA . -20.65 -33.58 -19.98
C2 BME OA . -20.28 -32.16 -20.41
O1 BME OA . -21.30 -33.50 -18.71
S2 BME OA . -18.95 -32.18 -21.64
C1 BME PA . 28.67 -25.44 15.10
C2 BME PA . 27.95 -24.95 16.32
O1 BME PA . 28.39 -24.50 14.08
S2 BME PA . 27.02 -26.37 16.83
C1 BME QA . -12.55 -41.17 2.01
C2 BME QA . -11.84 -42.46 2.39
O1 BME QA . -12.74 -40.31 3.15
S2 BME QA . -12.48 -43.08 3.96
C1 BME RA . -0.54 -5.16 -5.46
C2 BME RA . -0.15 -4.25 -6.63
O1 BME RA . -1.00 -6.40 -6.06
S2 BME RA . 0.74 -2.74 -6.16
C TRS SA . -4.75 -29.48 10.47
C1 TRS SA . -4.91 -30.94 10.15
C2 TRS SA . -5.40 -29.32 11.84
C3 TRS SA . -5.42 -28.55 9.50
N TRS SA . -3.34 -29.14 10.56
O1 TRS SA . -5.22 -31.59 11.38
O2 TRS SA . -6.68 -29.85 11.69
O3 TRS SA . -6.77 -28.91 9.39
CL CL TA . -0.26 -47.71 -0.56
C1 4NC UA . -5.09 -20.66 16.43
C1 4NC UA . -4.78 -20.68 16.74
C2 4NC UA . -3.90 -20.02 17.00
C2 4NC UA . -5.51 -20.19 15.57
C3 4NC UA . -3.50 -18.81 16.50
C3 4NC UA . -5.17 -18.97 15.00
C4 4NC UA . -4.21 -18.19 15.49
C4 4NC UA . -4.13 -18.24 15.58
C5 4NC UA . -5.36 -18.80 14.95
C5 4NC UA . -3.47 -18.74 16.70
C6 4NC UA . -5.80 -20.04 15.41
C6 4NC UA . -3.75 -19.94 17.30
O7 4NC UA . -5.46 -21.84 16.95
O7 4NC UA . -5.14 -21.86 17.28
O8 4NC UA . -3.21 -20.64 17.98
O8 4NC UA . -6.48 -20.98 15.07
N9 4NC UA . -3.76 -16.96 15.00
N9 4NC UA . -3.74 -16.99 15.04
O10 4NC UA . -4.36 -16.37 14.14
O10 4NC UA . -2.74 -16.43 15.42
O11 4NC UA . -2.75 -16.43 15.42
O11 4NC UA . -4.37 -16.46 14.17
FE FE VA . 11.96 -22.14 9.04
C1 4NC WA . 12.68 -19.16 9.31
C2 4NC WA . 11.73 -19.19 8.21
C3 4NC WA . 11.62 -18.10 7.39
C4 4NC WA . 12.42 -16.99 7.60
C5 4NC WA . 13.36 -16.96 8.62
C6 4NC WA . 13.51 -18.04 9.49
O7 4NC WA . 12.76 -20.23 10.11
O8 4NC WA . 10.95 -20.24 8.00
N9 4NC WA . 12.25 -15.96 6.68
O10 4NC WA . 12.88 -14.94 6.71
O11 4NC WA . 11.47 -16.15 5.84
#